data_3BBM
# 
_entry.id   3BBM 
# 
_audit_conform.dict_name       mmcif_pdbx.dic 
_audit_conform.dict_version    5.377 
_audit_conform.dict_location   http://mmcif.pdb.org/dictionaries/ascii/mmcif_pdbx.dic 
# 
loop_
_database_2.database_id 
_database_2.database_code 
_database_2.pdbx_database_accession 
_database_2.pdbx_DOI 
PDB   3BBM         pdb_00003bbm 10.2210/pdb3bbm/pdb 
NDB   UR0136       ?            ?                   
RCSB  RCSB045321   ?            ?                   
WWPDB D_1000045321 ?            ?                   
# 
loop_
_pdbx_database_related.db_name 
_pdbx_database_related.db_id 
_pdbx_database_related.details 
_pdbx_database_related.content_type 
PDB 2OUE 'Crystal structure of a junctionless all-RNA hairpin ribozyme at 2.05 A resolution'                                 
unspecified 
PDB 2P7F 
;The Novel Use of a 2',5'-Phosphodiester Linkage as a Reaction Intermediate at the Active Site of a Small Ribozyme
;
unspecified 
PDB 3B58 .                                                                                                                   
unspecified 
PDB 3B5A .                                                                                                                   
unspecified 
PDB 3B5F .                                                                                                                   
unspecified 
PDB 3B5S .                                                                                                                   
unspecified 
PDB 3B91 .                                                                                                                   
unspecified 
PDB 3BBI .                                                                                                                   
unspecified 
PDB 3BBK .                                                                                                                   
unspecified 
# 
_pdbx_database_status.entry_id                        3BBM 
_pdbx_database_status.status_code                     REL 
_pdbx_database_status.status_code_sf                  REL 
_pdbx_database_status.deposit_site                    RCSB 
_pdbx_database_status.process_site                    RCSB 
_pdbx_database_status.recvd_initial_deposition_date   2007-11-09 
_pdbx_database_status.SG_entry                        N 
_pdbx_database_status.status_code_mr                  ? 
_pdbx_database_status.pdb_format_compatible           Y 
_pdbx_database_status.status_code_cs                  ? 
_pdbx_database_status.status_code_nmr_data            ? 
_pdbx_database_status.methods_development_category    ? 
# 
loop_
_audit_author.name 
_audit_author.pdbx_ordinal 
'MacElrevey, C.' 1 
'Krucinska, J.'  2 
'Wedekind, J.E.' 3 
# 
_citation.id                        primary 
_citation.title                     
'Structural effects of nucleobase variations at key active site residue Ade38 in the hairpin ribozyme.' 
_citation.journal_abbrev            Rna 
_citation.journal_volume            14 
_citation.page_first                1600 
_citation.page_last                 1616 
_citation.year                      2008 
_citation.journal_id_ASTM           RNARFU 
_citation.country                   UK 
_citation.journal_id_ISSN           1355-8382 
_citation.journal_id_CSD            2122 
_citation.book_publisher            ? 
_citation.pdbx_database_id_PubMed   18596253 
_citation.pdbx_database_id_DOI      10.1261/rna.1055308 
# 
loop_
_citation_author.citation_id 
_citation_author.name 
_citation_author.ordinal 
_citation_author.identifier_ORCID 
primary 'MacElrevey, C.' 1 ? 
primary 'Salter, J.D.'   2 ? 
primary 'Krucinska, J.'  3 ? 
primary 'Wedekind, J.E.' 4 ? 
# 
_cell.entry_id           3BBM 
_cell.length_a           93.650 
_cell.length_b           93.650 
_cell.length_c           133.500 
_cell.angle_alpha        90.00 
_cell.angle_beta         90.00 
_cell.angle_gamma        120.00 
_cell.Z_PDB              12 
_cell.pdbx_unique_axis   ? 
_cell.length_a_esd       ? 
_cell.length_b_esd       ? 
_cell.length_c_esd       ? 
_cell.angle_alpha_esd    ? 
_cell.angle_beta_esd     ? 
_cell.angle_gamma_esd    ? 
# 
_symmetry.entry_id                         3BBM 
_symmetry.space_group_name_H-M             'P 61 2 2' 
_symmetry.pdbx_full_space_group_name_H-M   ? 
_symmetry.Int_Tables_number                178 
_symmetry.cell_setting                     ? 
_symmetry.space_group_name_Hall            ? 
# 
loop_
_entity.id 
_entity.type 
_entity.src_method 
_entity.pdbx_description 
_entity.formula_weight 
_entity.pdbx_number_of_molecules 
_entity.pdbx_ec 
_entity.pdbx_mutation 
_entity.pdbx_fragment 
_entity.details 
1 polymer     syn 'Loop A Substrate strand'           4066.497 1 ? ?            ? 
;2'-O-methyl modification at residue 5
;
2 polymer     syn 'Loop A and Loop B Ribozyme strand' 9762.989 1 ? ?            ? 
'Synthetic polyethylene glycol linker at hinge position 14' 
3 polymer     syn 'Loop B S-turn strand'              5967.544 1 ? 'A38G, U39C' ? ? 
4 non-polymer syn 'SULFATE ION'                       96.063   1 ? ?            ? ? 
5 non-polymer syn 'COBALT HEXAMMINE(III)'             161.116  3 ? ?            ? ? 
6 water       nat water                               18.015   7 ? ?            ? ? 
# 
loop_
_entity_poly.entity_id 
_entity_poly.type 
_entity_poly.nstd_linkage 
_entity_poly.nstd_monomer 
_entity_poly.pdbx_seq_one_letter_code 
_entity_poly.pdbx_seq_one_letter_code_can 
_entity_poly.pdbx_strand_id 
_entity_poly.pdbx_target_identifier 
1 polyribonucleotide no yes 'UCCC(A2M)GUCCACCG'                  UCCCAGUCCACCG                  A ? 
2 polyribonucleotide no yes 'CGGUGAGAAGGG(S9L)GGCAGAGAAACACACGA' CGGUGAGAAGGGXGGCAGAGAAACACACGA B ? 
3 polyribonucleotide no no  UCGUGGUCCAUUACCUGCC                  UCGUGGUCCAUUACCUGCC            C ? 
# 
loop_
_entity_poly_seq.entity_id 
_entity_poly_seq.num 
_entity_poly_seq.mon_id 
_entity_poly_seq.hetero 
1 1  U   n 
1 2  C   n 
1 3  C   n 
1 4  C   n 
1 5  A2M n 
1 6  G   n 
1 7  U   n 
1 8  C   n 
1 9  C   n 
1 10 A   n 
1 11 C   n 
1 12 C   n 
1 13 G   n 
2 1  C   n 
2 2  G   n 
2 3  G   n 
2 4  U   n 
2 5  G   n 
2 6  A   n 
2 7  G   n 
2 8  A   n 
2 9  A   n 
2 10 G   n 
2 11 G   n 
2 12 G   n 
2 13 S9L n 
2 14 G   n 
2 15 G   n 
2 16 C   n 
2 17 A   n 
2 18 G   n 
2 19 A   n 
2 20 G   n 
2 21 A   n 
2 22 A   n 
2 23 A   n 
2 24 C   n 
2 25 A   n 
2 26 C   n 
2 27 A   n 
2 28 C   n 
2 29 G   n 
2 30 A   n 
3 1  U   n 
3 2  C   n 
3 3  G   n 
3 4  U   n 
3 5  G   n 
3 6  G   n 
3 7  U   n 
3 8  C   n 
3 9  C   n 
3 10 A   n 
3 11 U   n 
3 12 U   n 
3 13 A   n 
3 14 C   n 
3 15 C   n 
3 16 U   n 
3 17 G   n 
3 18 C   n 
3 19 C   n 
# 
loop_
_pdbx_entity_src_syn.entity_id 
_pdbx_entity_src_syn.pdbx_src_id 
_pdbx_entity_src_syn.pdbx_alt_source_flag 
_pdbx_entity_src_syn.pdbx_beg_seq_num 
_pdbx_entity_src_syn.pdbx_end_seq_num 
_pdbx_entity_src_syn.organism_scientific 
_pdbx_entity_src_syn.organism_common_name 
_pdbx_entity_src_syn.ncbi_taxonomy_id 
_pdbx_entity_src_syn.details 
1 1 sample ? ? ? ? ? 'solid phase chemical synthesis at Dharmacon, Colorado' 
2 1 sample ? ? ? ? ? 'solid phase chemical synthesis at Dharmacon, Colorado' 
3 1 sample ? ? ? ? ? 'solid phase chemical synthesis at Dharmacon, Colorado' 
# 
loop_
_struct_ref.id 
_struct_ref.entity_id 
_struct_ref.db_name 
_struct_ref.db_code 
_struct_ref.pdbx_db_accession 
_struct_ref.pdbx_align_begin 
_struct_ref.pdbx_seq_one_letter_code 
_struct_ref.pdbx_db_isoform 
1 1 PDB 3BBM 3BBM 1 'UCCC(A2M)GUCCACCG'                  ? 
2 2 PDB 3BBM 3BBM 1 'CGGUGAGAAGGG(S9L)GGCAGAGAAACACACGA' ? 
3 3 PDB 3BBM 3BBM 1 UCGUGGUCCAUUACCUGCC                  ? 
# 
loop_
_struct_ref_seq.align_id 
_struct_ref_seq.ref_id 
_struct_ref_seq.pdbx_PDB_id_code 
_struct_ref_seq.pdbx_strand_id 
_struct_ref_seq.seq_align_beg 
_struct_ref_seq.pdbx_seq_align_beg_ins_code 
_struct_ref_seq.seq_align_end 
_struct_ref_seq.pdbx_seq_align_end_ins_code 
_struct_ref_seq.pdbx_db_accession 
_struct_ref_seq.db_align_beg 
_struct_ref_seq.pdbx_db_align_beg_ins_code 
_struct_ref_seq.db_align_end 
_struct_ref_seq.pdbx_db_align_end_ins_code 
_struct_ref_seq.pdbx_auth_seq_align_beg 
_struct_ref_seq.pdbx_auth_seq_align_end 
1 1 3BBM A 1 ? 13 ? 3BBM 1  ? 13 ? 1  13 
2 2 3BBM B 1 ? 30 ? 3BBM 2  ? 31 ? 2  31 
3 3 3BBM C 1 ? 19 ? 3BBM 31 ? 49 ? 31 49 
# 
loop_
_chem_comp.id 
_chem_comp.type 
_chem_comp.mon_nstd_flag 
_chem_comp.name 
_chem_comp.pdbx_synonyms 
_chem_comp.formula 
_chem_comp.formula_weight 
A   'RNA linking' y "ADENOSINE-5'-MONOPHOSPHATE"                              ? 'C10 H14 N5 O7 P' 347.221 
A2M 'RNA linking' n 
;2'-O-methyladenosine 5'-(dihydrogen phosphate)
;
? 'C11 H16 N5 O7 P' 361.248 
C   'RNA linking' y "CYTIDINE-5'-MONOPHOSPHATE"                               ? 'C9 H14 N3 O8 P'  323.197 
G   'RNA linking' y "GUANOSINE-5'-MONOPHOSPHATE"                              ? 'C10 H14 N5 O8 P' 363.221 
HOH non-polymer   . WATER                                                     ? 'H2 O'            18.015  
NCO non-polymer   . 'COBALT HEXAMMINE(III)'                                   ? 'Co H18 N6 3'     161.116 
S9L non-polymer   . '2-[2-(2-HYDROXYETHOXY)ETHOXY]ETHYL DIHYDROGEN PHOSPHATE' ? 'C6 H15 O7 P'     230.153 
SO4 non-polymer   . 'SULFATE ION'                                             ? 'O4 S -2'         96.063  
U   'RNA linking' y "URIDINE-5'-MONOPHOSPHATE"                                ? 'C9 H13 N2 O9 P'  324.181 
# 
_exptl.entry_id          3BBM 
_exptl.method            'X-RAY DIFFRACTION' 
_exptl.crystals_number   1 
# 
_exptl_crystal.id                    1 
_exptl_crystal.density_meas          ? 
_exptl_crystal.density_Matthews      4.27 
_exptl_crystal.density_percent_sol   78 
_exptl_crystal.description           ? 
_exptl_crystal.F_000                 ? 
_exptl_crystal.preparation           ? 
# 
_exptl_crystal_grow.crystal_id      1 
_exptl_crystal_grow.method          'VAPOR DIFFUSION, HANGING DROP' 
_exptl_crystal_grow.temp            293 
_exptl_crystal_grow.pH              7.8 
_exptl_crystal_grow.pdbx_details    
;PEG 2K MME, lithium sulfate, sodium cacodylate, spermidine, cobalt hexaammine, pH 7.8, VAPOR DIFFUSION, HANGING DROP, temperature 293K
;
_exptl_crystal_grow.temp_details    ? 
_exptl_crystal_grow.pdbx_pH_range   . 
# 
loop_
_exptl_crystal_grow_comp.crystal_id 
_exptl_crystal_grow_comp.id 
_exptl_crystal_grow_comp.sol_id 
_exptl_crystal_grow_comp.name 
_exptl_crystal_grow_comp.conc 
_exptl_crystal_grow_comp.volume 
_exptl_crystal_grow_comp.details 
1 1 1 'PEG 2K MME'        ? ? ? 
1 2 1 Li2SO4              ? ? ? 
1 3 1 'sodium cacodylate' ? ? ? 
1 4 1 spermidine          ? ? ? 
1 5 1 'cobalt hexaammine' ? ? ? 
1 6 2 'PEG 2K MME'        ? ? ? 
1 7 2 Li2SO4              ? ? ? 
1 8 2 'sodium cacodylate' ? ? ? 
1 9 2 spermidine          ? ? ? 
# 
_diffrn.id                     1 
_diffrn.ambient_temp           100 
_diffrn.ambient_temp_details   ? 
_diffrn.crystal_id             1 
# 
_diffrn_detector.diffrn_id              1 
_diffrn_detector.detector               CCD 
_diffrn_detector.type                   'ADSC QUANTUM 315' 
_diffrn_detector.pdbx_collection_date   2006-04-21 
_diffrn_detector.details                'Rh coated flat mirror' 
# 
_diffrn_radiation.diffrn_id                        1 
_diffrn_radiation.wavelength_id                    1 
_diffrn_radiation.pdbx_monochromatic_or_laue_m_l   M 
_diffrn_radiation.monochromator                    
'Side scattering bent cube-root I-beam single crystal; asymmetric cut 4.965 degs' 
_diffrn_radiation.pdbx_diffrn_protocol             'SINGLE WAVELENGTH' 
_diffrn_radiation.pdbx_scattering_type             x-ray 
# 
_diffrn_radiation_wavelength.id           1 
_diffrn_radiation_wavelength.wavelength   0.979 
_diffrn_radiation_wavelength.wt           1.0 
# 
_diffrn_source.diffrn_id                   1 
_diffrn_source.source                      SYNCHROTRON 
_diffrn_source.type                        'SSRL BEAMLINE BL11-1' 
_diffrn_source.pdbx_synchrotron_site       SSRL 
_diffrn_source.pdbx_synchrotron_beamline   BL11-1 
_diffrn_source.pdbx_wavelength             ? 
_diffrn_source.pdbx_wavelength_list        0.979 
# 
_reflns.entry_id                     3BBM 
_reflns.observed_criterion_sigma_I   ? 
_reflns.observed_criterion_sigma_F   ? 
_reflns.d_resolution_low             30.86 
_reflns.d_resolution_high            2.65 
_reflns.number_obs                   10427 
_reflns.number_all                   10593 
_reflns.percent_possible_obs         98.4 
_reflns.pdbx_Rmerge_I_obs            ? 
_reflns.pdbx_Rsym_value              0.049 
_reflns.pdbx_netI_over_sigmaI        20.5 
_reflns.B_iso_Wilson_estimate        89.5 
_reflns.pdbx_redundancy              5.9 
_reflns.R_free_details               ? 
_reflns.pdbx_chi_squared             ? 
_reflns.pdbx_scaling_rejects         ? 
_reflns.pdbx_ordinal                 1 
_reflns.pdbx_diffrn_id               1 
# 
_reflns_shell.d_res_high             2.65 
_reflns_shell.d_res_low              2.74 
_reflns_shell.percent_possible_all   98.9 
_reflns_shell.Rmerge_I_obs           ? 
_reflns_shell.pdbx_Rsym_value        0.399 
_reflns_shell.meanI_over_sigI_obs    3.6 
_reflns_shell.pdbx_redundancy        4.6 
_reflns_shell.percent_possible_obs   ? 
_reflns_shell.number_unique_all      1023 
_reflns_shell.number_measured_all    ? 
_reflns_shell.number_measured_obs    ? 
_reflns_shell.number_unique_obs      ? 
_reflns_shell.pdbx_chi_squared       ? 
_reflns_shell.pdbx_ordinal           1 
_reflns_shell.pdbx_diffrn_id         1 
# 
_refine.entry_id                                 3BBM 
_refine.ls_number_reflns_obs                     10416 
_refine.ls_number_reflns_all                     ? 
_refine.pdbx_ls_sigma_I                          ? 
_refine.pdbx_ls_sigma_F                          -3.0 
_refine.pdbx_data_cutoff_high_absF               678076.26 
_refine.pdbx_data_cutoff_low_absF                0.000000 
_refine.pdbx_data_cutoff_high_rms_absF           ? 
_refine.ls_d_res_low                             29.97 
_refine.ls_d_res_high                            2.65 
_refine.ls_percent_reflns_obs                    98.2 
_refine.ls_R_factor_obs                          0.206 
_refine.ls_R_factor_all                          ? 
_refine.ls_R_factor_R_work                       0.204 
_refine.ls_R_factor_R_free                       0.217 
_refine.ls_R_factor_R_free_error                 0.009 
_refine.ls_R_factor_R_free_error_details         ? 
_refine.ls_percent_reflns_R_free                 6.2 
_refine.ls_number_reflns_R_free                  644 
_refine.ls_number_parameters                     ? 
_refine.ls_number_restraints                     ? 
_refine.occupancy_min                            ? 
_refine.occupancy_max                            ? 
_refine.correlation_coeff_Fo_to_Fc               ? 
_refine.correlation_coeff_Fo_to_Fc_free          ? 
_refine.B_iso_mean                               85.3 
_refine.aniso_B[1][1]                            -11.99 
_refine.aniso_B[2][2]                            -11.99 
_refine.aniso_B[3][3]                            23.98 
_refine.aniso_B[1][2]                            -0.34 
_refine.aniso_B[1][3]                            0.00 
_refine.aniso_B[2][3]                            0.00 
_refine.solvent_model_details                    'FLAT MODEL' 
_refine.solvent_model_param_ksol                 0.32 
_refine.solvent_model_param_bsol                 60 
_refine.pdbx_solvent_vdw_probe_radii             ? 
_refine.pdbx_solvent_ion_probe_radii             ? 
_refine.pdbx_solvent_shrinkage_radii             ? 
_refine.pdbx_ls_cross_valid_method               THROUGHOUT 
_refine.details                                  'alternate conformation at resi 1 chain A' 
_refine.pdbx_starting_model                      2OUE 
_refine.pdbx_method_to_determine_struct          'FOURIER SYNTHESIS' 
_refine.pdbx_isotropic_thermal_model             RESTRAINED 
_refine.pdbx_stereochemistry_target_values       'Engh & Huber' 
_refine.pdbx_stereochem_target_val_spec_case     ? 
_refine.pdbx_R_Free_selection_details            RANDOM 
_refine.pdbx_overall_ESU_R                       ? 
_refine.pdbx_overall_ESU_R_Free                  ? 
_refine.overall_SU_ML                            ? 
_refine.overall_SU_B                             ? 
_refine.ls_redundancy_reflns_obs                 ? 
_refine.overall_SU_R_Cruickshank_DPI             ? 
_refine.overall_SU_R_free                        ? 
_refine.ls_wR_factor_R_free                      ? 
_refine.ls_wR_factor_R_work                      ? 
_refine.overall_FOM_free_R_set                   ? 
_refine.overall_FOM_work_R_set                   ? 
_refine.pdbx_overall_phase_error                 ? 
_refine.pdbx_refine_id                           'X-RAY DIFFRACTION' 
_refine.pdbx_diffrn_id                           1 
_refine.pdbx_TLS_residual_ADP_flag               ? 
_refine.pdbx_overall_SU_R_free_Cruickshank_DPI   ? 
_refine.pdbx_overall_SU_R_Blow_DPI               ? 
_refine.pdbx_overall_SU_R_free_Blow_DPI          ? 
# 
_refine_analyze.entry_id                        3BBM 
_refine_analyze.Luzzati_coordinate_error_obs    0.44 
_refine_analyze.Luzzati_sigma_a_obs             0.59 
_refine_analyze.Luzzati_d_res_low_obs           30.85 
_refine_analyze.Luzzati_coordinate_error_free   0.50 
_refine_analyze.Luzzati_sigma_a_free            0.60 
_refine_analyze.Luzzati_d_res_low_free          ? 
_refine_analyze.number_disordered_residues      ? 
_refine_analyze.occupancy_sum_hydrogen          ? 
_refine_analyze.occupancy_sum_non_hydrogen      ? 
_refine_analyze.pdbx_refine_id                  'X-RAY DIFFRACTION' 
# 
_refine_hist.pdbx_refine_id                   'X-RAY DIFFRACTION' 
_refine_hist.cycle_id                         LAST 
_refine_hist.pdbx_number_atoms_protein        0 
_refine_hist.pdbx_number_atoms_nucleic_acid   1309 
_refine_hist.pdbx_number_atoms_ligand         26 
_refine_hist.number_atoms_solvent             7 
_refine_hist.number_atoms_total               1342 
_refine_hist.d_res_high                       2.65 
_refine_hist.d_res_low                        29.97 
# 
loop_
_refine_ls_restr.type 
_refine_ls_restr.dev_ideal 
_refine_ls_restr.dev_ideal_target 
_refine_ls_restr.weight 
_refine_ls_restr.number 
_refine_ls_restr.pdbx_refine_id 
_refine_ls_restr.pdbx_restraint_function 
c_bond_d           0.009 ? ? ? 'X-RAY DIFFRACTION' ? 
c_angle_deg        1.8   ? ? ? 'X-RAY DIFFRACTION' ? 
c_dihedral_angle_d 16.4  ? ? ? 'X-RAY DIFFRACTION' ? 
c_improper_angle_d 3.19  ? ? ? 'X-RAY DIFFRACTION' ? 
# 
_refine_ls_shell.pdbx_total_number_of_bins_used   4 
_refine_ls_shell.d_res_high                       2.65 
_refine_ls_shell.d_res_low                        2.92 
_refine_ls_shell.number_reflns_R_work             2416 
_refine_ls_shell.R_factor_R_work                  0.457 
_refine_ls_shell.percent_reflns_obs               99.4 
_refine_ls_shell.R_factor_R_free                  0.46 
_refine_ls_shell.R_factor_R_free_error            0.037 
_refine_ls_shell.percent_reflns_R_free            6.0 
_refine_ls_shell.number_reflns_R_free             154 
_refine_ls_shell.number_reflns_all                ? 
_refine_ls_shell.R_factor_all                     ? 
_refine_ls_shell.number_reflns_obs                2570 
_refine_ls_shell.redundancy_reflns_obs            ? 
_refine_ls_shell.pdbx_refine_id                   'X-RAY DIFFRACTION' 
# 
loop_
_pdbx_xplor_file.serial_no 
_pdbx_xplor_file.param_file 
_pdbx_xplor_file.topol_file 
_pdbx_xplor_file.pdbx_refine_id 
1 water_rep.param dna-rna0107.top 'X-RAY DIFFRACTION' 
2 dna-rna0107.par water.top       'X-RAY DIFFRACTION' 
3 cobalt.par      cobalt.top      'X-RAY DIFFRACTION' 
4 ion.param       ion.top         'X-RAY DIFFRACTION' 
# 
_struct.entry_id                  3BBM 
_struct.title                     
;Minimally Junctioned Hairpin Ribozyme Incorporates A38C and 2'O-Me Modification at Active Site
;
_struct.pdbx_model_details        ? 
_struct.pdbx_CASP_flag            N 
_struct.pdbx_model_type_details   ? 
# 
_struct_keywords.entry_id        3BBM 
_struct_keywords.pdbx_keywords   RNA 
_struct_keywords.text            
;hairpin ribozyme, phosphoryl transfer, 2'O-methyl, RNA, small ribozyme
;
# 
loop_
_struct_asym.id 
_struct_asym.pdbx_blank_PDB_chainid_flag 
_struct_asym.pdbx_modified 
_struct_asym.entity_id 
_struct_asym.details 
A N N 1 ? 
B N N 2 ? 
C N N 3 ? 
D N N 4 ? 
E N N 5 ? 
F N N 5 ? 
G N N 5 ? 
H N N 6 ? 
I N N 6 ? 
J N N 6 ? 
# 
_struct_biol.id        1 
_struct_biol.details   ? 
# 
loop_
_struct_conn.id 
_struct_conn.conn_type_id 
_struct_conn.pdbx_leaving_atom_flag 
_struct_conn.pdbx_PDB_id 
_struct_conn.ptnr1_label_asym_id 
_struct_conn.ptnr1_label_comp_id 
_struct_conn.ptnr1_label_seq_id 
_struct_conn.ptnr1_label_atom_id 
_struct_conn.pdbx_ptnr1_label_alt_id 
_struct_conn.pdbx_ptnr1_PDB_ins_code 
_struct_conn.pdbx_ptnr1_standard_comp_id 
_struct_conn.ptnr1_symmetry 
_struct_conn.ptnr2_label_asym_id 
_struct_conn.ptnr2_label_comp_id 
_struct_conn.ptnr2_label_seq_id 
_struct_conn.ptnr2_label_atom_id 
_struct_conn.pdbx_ptnr2_label_alt_id 
_struct_conn.pdbx_ptnr2_PDB_ins_code 
_struct_conn.ptnr1_auth_asym_id 
_struct_conn.ptnr1_auth_comp_id 
_struct_conn.ptnr1_auth_seq_id 
_struct_conn.ptnr2_auth_asym_id 
_struct_conn.ptnr2_auth_comp_id 
_struct_conn.ptnr2_auth_seq_id 
_struct_conn.ptnr2_symmetry 
_struct_conn.pdbx_ptnr3_label_atom_id 
_struct_conn.pdbx_ptnr3_label_seq_id 
_struct_conn.pdbx_ptnr3_label_comp_id 
_struct_conn.pdbx_ptnr3_label_asym_id 
_struct_conn.pdbx_ptnr3_label_alt_id 
_struct_conn.pdbx_ptnr3_PDB_ins_code 
_struct_conn.details 
_struct_conn.pdbx_dist_value 
_struct_conn.pdbx_value_order 
_struct_conn.pdbx_role 
covale1  covale both ? A C   4  "O3'" ? ? ? 1_555 A A2M 5  P  ? ? A C   4  A A2M 5  1_555 ? ? ? ? ? ? ?                    1.614 ? 
? 
covale2  covale one  ? A A2M 5  "O3'" ? ? ? 1_555 A G   6  P  ? ? A A2M 5  A G   6  1_555 ? ? ? ? ? ? ?                    1.603 ? 
? 
covale3  covale both ? B G   12 "O3'" ? ? ? 1_555 B S9L 13 P  ? ? B G   13 B S9L 14 1_555 ? ? ? ? ? ? ?                    1.629 ? 
? 
covale4  covale both ? B S9L 13 "O3'" ? ? ? 1_555 B G   14 P  ? ? B S9L 14 B G   15 1_555 ? ? ? ? ? ? ?                    1.605 ? 
? 
hydrog1  hydrog ?    ? A C   2  N3    ? ? ? 1_555 B G   12 N1 ? ? A C   2  B G   13 1_555 ? ? ? ? ? ? WATSON-CRICK         ?     ? 
? 
hydrog2  hydrog ?    ? A C   2  N4    ? ? ? 1_555 B G   12 O6 ? ? A C   2  B G   13 1_555 ? ? ? ? ? ? WATSON-CRICK         ?     ? 
? 
hydrog3  hydrog ?    ? A C   2  O2    ? ? ? 1_555 B G   12 N2 ? ? A C   2  B G   13 1_555 ? ? ? ? ? ? WATSON-CRICK         ?     ? 
? 
hydrog4  hydrog ?    ? A C   3  N3    ? ? ? 1_555 B G   11 N1 ? ? A C   3  B G   12 1_555 ? ? ? ? ? ? WATSON-CRICK         ?     ? 
? 
hydrog5  hydrog ?    ? A C   3  N4    ? ? ? 1_555 B G   11 O6 ? ? A C   3  B G   12 1_555 ? ? ? ? ? ? WATSON-CRICK         ?     ? 
? 
hydrog6  hydrog ?    ? A C   3  O2    ? ? ? 1_555 B G   11 N2 ? ? A C   3  B G   12 1_555 ? ? ? ? ? ? WATSON-CRICK         ?     ? 
? 
hydrog7  hydrog ?    ? A C   4  N3    ? ? ? 1_555 B G   10 N1 ? ? A C   4  B G   11 1_555 ? ? ? ? ? ? WATSON-CRICK         ?     ? 
? 
hydrog8  hydrog ?    ? A C   4  N4    ? ? ? 1_555 B G   10 O6 ? ? A C   4  B G   11 1_555 ? ? ? ? ? ? WATSON-CRICK         ?     ? 
? 
hydrog9  hydrog ?    ? A C   4  O2    ? ? ? 1_555 B G   10 N2 ? ? A C   4  B G   11 1_555 ? ? ? ? ? ? WATSON-CRICK         ?     ? 
? 
hydrog10 hydrog ?    ? A A2M 5  N3    ? ? ? 1_555 B A   8  N6 ? ? A A2M 5  B A   9  1_555 ? ? ? ? ? ? 'A2M-A MISPAIR'      ?     ? 
? 
hydrog11 hydrog ?    ? A G   6  N1    ? ? ? 1_555 B C   24 N3 ? ? A G   6  B C   25 1_555 ? ? ? ? ? ? WATSON-CRICK         ?     ? 
? 
hydrog12 hydrog ?    ? A G   6  N2    ? ? ? 1_555 B C   24 O2 ? ? A G   6  B C   25 1_555 ? ? ? ? ? ? WATSON-CRICK         ?     ? 
? 
hydrog13 hydrog ?    ? A G   6  O6    ? ? ? 1_555 B C   24 N4 ? ? A G   6  B C   25 1_555 ? ? ? ? ? ? WATSON-CRICK         ?     ? 
? 
hydrog14 hydrog ?    ? A U   7  O4    ? ? ? 1_555 B G   7  N2 ? ? A U   7  B G   8  1_555 ? ? ? ? ? ? 'U-G MISPAIR'        ?     ? 
? 
hydrog15 hydrog ?    ? A C   8  N4    ? ? ? 1_555 B A   6  N1 ? ? A C   8  B A   7  1_555 ? ? ? ? ? ? 'C-A MISPAIR'        ?     ? 
? 
hydrog16 hydrog ?    ? A C   9  N3    ? ? ? 1_555 B G   5  N1 ? ? A C   9  B G   6  1_555 ? ? ? ? ? ? WATSON-CRICK         ?     ? 
? 
hydrog17 hydrog ?    ? A C   9  N4    ? ? ? 1_555 B G   5  O6 ? ? A C   9  B G   6  1_555 ? ? ? ? ? ? WATSON-CRICK         ?     ? 
? 
hydrog18 hydrog ?    ? A C   9  O2    ? ? ? 1_555 B G   5  N2 ? ? A C   9  B G   6  1_555 ? ? ? ? ? ? WATSON-CRICK         ?     ? 
? 
hydrog19 hydrog ?    ? A A   10 N1    ? ? ? 1_555 B U   4  N3 ? ? A A   10 B U   5  1_555 ? ? ? ? ? ? WATSON-CRICK         ?     ? 
? 
hydrog20 hydrog ?    ? A A   10 N6    ? ? ? 1_555 B U   4  O4 ? ? A A   10 B U   5  1_555 ? ? ? ? ? ? WATSON-CRICK         ?     ? 
? 
hydrog21 hydrog ?    ? A C   11 N3    ? ? ? 1_555 B G   3  N1 ? ? A C   11 B G   4  1_555 ? ? ? ? ? ? WATSON-CRICK         ?     ? 
? 
hydrog22 hydrog ?    ? A C   11 N4    ? ? ? 1_555 B G   3  O6 ? ? A C   11 B G   4  1_555 ? ? ? ? ? ? WATSON-CRICK         ?     ? 
? 
hydrog23 hydrog ?    ? A C   11 O2    ? ? ? 1_555 B G   3  N2 ? ? A C   11 B G   4  1_555 ? ? ? ? ? ? WATSON-CRICK         ?     ? 
? 
hydrog24 hydrog ?    ? A C   12 N3    ? ? ? 1_555 B G   2  N1 ? ? A C   12 B G   3  1_555 ? ? ? ? ? ? WATSON-CRICK         ?     ? 
? 
hydrog25 hydrog ?    ? A C   12 N4    ? ? ? 1_555 B G   2  O6 ? ? A C   12 B G   3  1_555 ? ? ? ? ? ? WATSON-CRICK         ?     ? 
? 
hydrog26 hydrog ?    ? A C   12 O2    ? ? ? 1_555 B G   2  N2 ? ? A C   12 B G   3  1_555 ? ? ? ? ? ? WATSON-CRICK         ?     ? 
? 
hydrog27 hydrog ?    ? A G   13 N1    ? ? ? 1_555 B C   1  N3 ? ? A G   13 B C   2  1_555 ? ? ? ? ? ? WATSON-CRICK         ?     ? 
? 
hydrog28 hydrog ?    ? A G   13 N2    ? ? ? 1_555 B C   1  O2 ? ? A G   13 B C   2  1_555 ? ? ? ? ? ? WATSON-CRICK         ?     ? 
? 
hydrog29 hydrog ?    ? A G   13 O6    ? ? ? 1_555 B C   1  N4 ? ? A G   13 B C   2  1_555 ? ? ? ? ? ? WATSON-CRICK         ?     ? 
? 
hydrog30 hydrog ?    ? B G   14 N1    ? ? ? 1_555 C C   19 N3 ? ? B G   15 C C   49 1_555 ? ? ? ? ? ? WATSON-CRICK         ?     ? 
? 
hydrog31 hydrog ?    ? B G   14 N2    ? ? ? 1_555 C C   19 O2 ? ? B G   15 C C   49 1_555 ? ? ? ? ? ? WATSON-CRICK         ?     ? 
? 
hydrog32 hydrog ?    ? B G   14 O6    ? ? ? 1_555 C C   19 N4 ? ? B G   15 C C   49 1_555 ? ? ? ? ? ? WATSON-CRICK         ?     ? 
? 
hydrog33 hydrog ?    ? B G   15 N1    ? ? ? 1_555 C C   18 N3 ? ? B G   16 C C   48 1_555 ? ? ? ? ? ? WATSON-CRICK         ?     ? 
? 
hydrog34 hydrog ?    ? B G   15 N2    ? ? ? 1_555 C C   18 O2 ? ? B G   16 C C   48 1_555 ? ? ? ? ? ? WATSON-CRICK         ?     ? 
? 
hydrog35 hydrog ?    ? B G   15 O6    ? ? ? 1_555 C C   18 N4 ? ? B G   16 C C   48 1_555 ? ? ? ? ? ? WATSON-CRICK         ?     ? 
? 
hydrog36 hydrog ?    ? B C   16 N3    ? ? ? 1_555 C G   17 N1 ? ? B C   17 C G   47 1_555 ? ? ? ? ? ? WATSON-CRICK         ?     ? 
? 
hydrog37 hydrog ?    ? B C   16 N4    ? ? ? 1_555 C G   17 O6 ? ? B C   17 C G   47 1_555 ? ? ? ? ? ? WATSON-CRICK         ?     ? 
? 
hydrog38 hydrog ?    ? B C   16 O2    ? ? ? 1_555 C G   17 N2 ? ? B C   17 C G   47 1_555 ? ? ? ? ? ? WATSON-CRICK         ?     ? 
? 
hydrog39 hydrog ?    ? B A   17 N1    ? ? ? 1_555 C U   16 N3 ? ? B A   18 C U   46 1_555 ? ? ? ? ? ? WATSON-CRICK         ?     ? 
? 
hydrog40 hydrog ?    ? B A   17 N6    ? ? ? 1_555 C U   16 O4 ? ? B A   18 C U   46 1_555 ? ? ? ? ? ? WATSON-CRICK         ?     ? 
? 
hydrog41 hydrog ?    ? B G   18 N1    ? ? ? 1_555 C C   15 N3 ? ? B G   19 C C   45 1_555 ? ? ? ? ? ? WATSON-CRICK         ?     ? 
? 
hydrog42 hydrog ?    ? B G   18 N2    ? ? ? 1_555 C C   15 O2 ? ? B G   19 C C   45 1_555 ? ? ? ? ? ? WATSON-CRICK         ?     ? 
? 
hydrog43 hydrog ?    ? B G   18 O6    ? ? ? 1_555 C C   15 N4 ? ? B G   19 C C   45 1_555 ? ? ? ? ? ? WATSON-CRICK         ?     ? 
? 
hydrog44 hydrog ?    ? B A   19 N1    ? ? ? 1_555 C C   14 N4 ? ? B A   20 C C   44 1_555 ? ? ? ? ? ? 'A-C MISPAIR'        ?     ? 
? 
hydrog45 hydrog ?    ? B G   20 N2    ? ? ? 1_555 C A   13 N7 ? ? B G   21 C A   43 1_555 ? ? ? ? ? ? 'G-A MISPAIR'        ?     ? 
? 
hydrog46 hydrog ?    ? B A   21 N6    ? ? ? 1_555 C U   11 O2 ? ? B A   22 C U   41 1_555 ? ? ? ? ? ? 'REVERSED HOOGSTEEN' ?     ? 
? 
hydrog47 hydrog ?    ? B A   21 N7    ? ? ? 1_555 C U   11 N3 ? ? B A   22 C U   41 1_555 ? ? ? ? ? ? 'REVERSED HOOGSTEEN' ?     ? 
? 
hydrog48 hydrog ?    ? B A   22 N6    ? ? ? 1_555 C A   10 N1 ? ? B A   23 C A   40 1_555 ? ? ? ? ? ? 'A-A MISPAIR'        ?     ? 
? 
hydrog49 hydrog ?    ? B A   23 N6    ? ? ? 1_555 C C   8  O2 ? ? B A   24 C C   38 1_555 ? ? ? ? ? ? 'A-C MISPAIR'        ?     ? 
? 
hydrog50 hydrog ?    ? B A   25 N1    ? ? ? 1_555 C G   6  N1 ? ? B A   26 C G   36 1_555 ? ? ? ? ? ? TYPE_8_PAIR          ?     ? 
? 
hydrog51 hydrog ?    ? B A   25 N6    ? ? ? 1_555 C G   6  O6 ? ? B A   26 C G   36 1_555 ? ? ? ? ? ? TYPE_8_PAIR          ?     ? 
? 
hydrog52 hydrog ?    ? B C   26 N3    ? ? ? 1_555 C G   5  N1 ? ? B C   27 C G   35 1_555 ? ? ? ? ? ? WATSON-CRICK         ?     ? 
? 
hydrog53 hydrog ?    ? B C   26 N4    ? ? ? 1_555 C G   5  O6 ? ? B C   27 C G   35 1_555 ? ? ? ? ? ? WATSON-CRICK         ?     ? 
? 
hydrog54 hydrog ?    ? B C   26 O2    ? ? ? 1_555 C G   5  N2 ? ? B C   27 C G   35 1_555 ? ? ? ? ? ? WATSON-CRICK         ?     ? 
? 
hydrog55 hydrog ?    ? B A   27 N1    ? ? ? 1_555 C U   4  N3 ? ? B A   28 C U   34 1_555 ? ? ? ? ? ? WATSON-CRICK         ?     ? 
? 
hydrog56 hydrog ?    ? B A   27 N6    ? ? ? 1_555 C U   4  O4 ? ? B A   28 C U   34 1_555 ? ? ? ? ? ? WATSON-CRICK         ?     ? 
? 
hydrog57 hydrog ?    ? B C   28 N3    ? ? ? 1_555 C G   3  N1 ? ? B C   29 C G   33 1_555 ? ? ? ? ? ? WATSON-CRICK         ?     ? 
? 
hydrog58 hydrog ?    ? B C   28 N4    ? ? ? 1_555 C G   3  O6 ? ? B C   29 C G   33 1_555 ? ? ? ? ? ? WATSON-CRICK         ?     ? 
? 
hydrog59 hydrog ?    ? B C   28 O2    ? ? ? 1_555 C G   3  N2 ? ? B C   29 C G   33 1_555 ? ? ? ? ? ? WATSON-CRICK         ?     ? 
? 
hydrog60 hydrog ?    ? B G   29 N1    ? ? ? 1_555 C C   2  N3 ? ? B G   30 C C   32 1_555 ? ? ? ? ? ? WATSON-CRICK         ?     ? 
? 
hydrog61 hydrog ?    ? B G   29 N2    ? ? ? 1_555 C C   2  O2 ? ? B G   30 C C   32 1_555 ? ? ? ? ? ? WATSON-CRICK         ?     ? 
? 
hydrog62 hydrog ?    ? B G   29 O6    ? ? ? 1_555 C C   2  N4 ? ? B G   30 C C   32 1_555 ? ? ? ? ? ? WATSON-CRICK         ?     ? 
? 
hydrog63 hydrog ?    ? B A   30 N1    ? ? ? 1_555 C U   1  N3 ? ? B A   31 C U   31 1_555 ? ? ? ? ? ? WATSON-CRICK         ?     ? 
? 
hydrog64 hydrog ?    ? B A   30 N6    ? ? ? 1_555 C U   1  O4 ? ? B A   31 C U   31 1_555 ? ? ? ? ? ? WATSON-CRICK         ?     ? 
? 
# 
loop_
_struct_conn_type.id 
_struct_conn_type.criteria 
_struct_conn_type.reference 
covale ? ? 
hydrog ? ? 
# 
_atom_sites.entry_id                    3BBM 
_atom_sites.fract_transf_matrix[1][1]   0.00810840 
_atom_sites.fract_transf_matrix[1][2]   0.00785051 
_atom_sites.fract_transf_matrix[1][3]   -0.00496491 
_atom_sites.fract_transf_matrix[2][1]   -0.00252662 
_atom_sites.fract_transf_matrix[2][2]   0.00549800 
_atom_sites.fract_transf_matrix[2][3]   -0.01074323 
_atom_sites.fract_transf_matrix[3][1]   -0.00324554 
_atom_sites.fract_transf_matrix[3][2]   0.00567003 
_atom_sites.fract_transf_matrix[3][3]   0.00366501 
_atom_sites.fract_transf_vector[1]      0.434424 
_atom_sites.fract_transf_vector[2]      0.211111 
_atom_sites.fract_transf_vector[3]      0.383894 
# 
loop_
_atom_type.symbol 
C  
CO 
N  
O  
P  
S  
# 
loop_
_atom_site.group_PDB 
_atom_site.id 
_atom_site.type_symbol 
_atom_site.label_atom_id 
_atom_site.label_alt_id 
_atom_site.label_comp_id 
_atom_site.label_asym_id 
_atom_site.label_entity_id 
_atom_site.label_seq_id 
_atom_site.pdbx_PDB_ins_code 
_atom_site.Cartn_x 
_atom_site.Cartn_y 
_atom_site.Cartn_z 
_atom_site.occupancy 
_atom_site.B_iso_or_equiv 
_atom_site.pdbx_formal_charge 
_atom_site.auth_seq_id 
_atom_site.auth_comp_id 
_atom_site.auth_asym_id 
_atom_site.auth_atom_id 
_atom_site.pdbx_PDB_model_num 
ATOM   1    O  "O5'" A U   A 1 1  ? 0.537   17.620  -5.377  0.50 87.98  ? 1  U   A "O5'" 1 
ATOM   2    O  "O5'" B U   A 1 1  ? 1.214   18.207  -6.495  0.50 91.52  ? 1  U   A "O5'" 1 
ATOM   3    C  "C5'" A U   A 1 1  ? 0.761   18.290  -6.626  0.50 88.90  ? 1  U   A "C5'" 1 
ATOM   4    C  "C5'" B U   A 1 1  ? 0.385   19.378  -6.447  0.50 91.00  ? 1  U   A "C5'" 1 
ATOM   5    C  "C4'" A U   A 1 1  ? -0.544  18.713  -7.270  0.50 88.31  ? 1  U   A "C4'" 1 
ATOM   6    C  "C4'" B U   A 1 1  ? -0.920  19.217  -7.196  0.50 90.41  ? 1  U   A "C4'" 1 
ATOM   7    O  "O4'" A U   A 1 1  ? -0.397  18.672  -8.727  0.50 88.93  ? 1  U   A "O4'" 1 
ATOM   8    O  "O4'" B U   A 1 1  ? -0.665  19.189  -8.629  0.50 91.81  ? 1  U   A "O4'" 1 
ATOM   9    C  "C3'" A U   A 1 1  ? -1.734  17.794  -7.004  0.50 89.29  ? 1  U   A "C3'" 1 
ATOM   10   C  "C3'" B U   A 1 1  ? -1.672  17.923  -6.911  0.50 91.02  ? 1  U   A "C3'" 1 
ATOM   11   O  "O3'" A U   A 1 1  ? -2.399  18.023  -5.755  0.50 88.82  ? 1  U   A "O3'" 1 
ATOM   12   O  "O3'" B U   A 1 1  ? -2.509  18.061  -5.754  0.50 89.62  ? 1  U   A "O3'" 1 
ATOM   13   C  "C2'" A U   A 1 1  ? -2.637  18.073  -8.201  0.50 88.45  ? 1  U   A "C2'" 1 
ATOM   14   C  "C2'" B U   A 1 1  ? -2.450  17.713  -8.207  0.50 90.78  ? 1  U   A "C2'" 1 
ATOM   15   O  "O2'" A U   A 1 1  ? -3.426  19.237  -8.071  0.50 87.09  ? 1  U   A "O2'" 1 
ATOM   16   O  "O2'" B U   A 1 1  ? -3.594  18.532  -8.365  0.50 88.11  ? 1  U   A "O2'" 1 
ATOM   17   C  "C1'" A U   A 1 1  ? -1.603  18.256  -9.306  0.50 87.99  ? 1  U   A "C1'" 1 
ATOM   18   C  "C1'" B U   A 1 1  ? -1.392  18.123  -9.225  0.50 90.99  ? 1  U   A "C1'" 1 
ATOM   19   N  N1    A U   A 1 1  ? -1.298  16.973  -9.900  0.50 85.13  ? 1  U   A N1    1 
ATOM   20   N  N1    B U   A 1 1  ? -0.430  17.036  -9.419  0.50 89.28  ? 1  U   A N1    1 
ATOM   21   C  C2    A U   A 1 1  ? -2.221  16.451  -10.776 0.50 83.58  ? 1  U   A C2    1 
ATOM   22   C  C2    B U   A 1 1  ? -0.760  15.996  -10.263 0.50 88.64  ? 1  U   A C2    1 
ATOM   23   O  O2    A U   A 1 1  ? -3.286  17.014  -11.028 0.50 80.34  ? 1  U   A O2    1 
ATOM   24   O  O2    B U   A 1 1  ? -1.818  15.948  -10.886 0.50 89.53  ? 1  U   A O2    1 
ATOM   25   N  N3    A U   A 1 1  ? -1.869  15.260  -11.329 0.50 82.60  ? 1  U   A N3    1 
ATOM   26   N  N3    B U   A 1 1  ? 0.200   15.019  -10.348 0.50 86.87  ? 1  U   A N3    1 
ATOM   27   C  C4    A U   A 1 1  ? -0.710  14.558  -11.092 0.50 83.40  ? 1  U   A C4    1 
ATOM   28   C  C4    B U   A 1 1  ? 1.419   15.012  -9.683  0.50 85.96  ? 1  U   A C4    1 
ATOM   29   O  O4    A U   A 1 1  ? -0.532  13.465  -11.664 0.50 83.29  ? 1  U   A O4    1 
ATOM   30   O  O4    B U   A 1 1  ? 2.183   14.076  -9.853  0.50 83.68  ? 1  U   A O4    1 
ATOM   31   C  C5    A U   A 1 1  ? 0.190   15.158  -10.159 0.50 83.53  ? 1  U   A C5    1 
ATOM   32   C  C5    B U   A 1 1  ? 1.672   16.124  -8.849  0.50 85.62  ? 1  U   A C5    1 
ATOM   33   C  C6    A U   A 1 1  ? -0.130  16.316  -9.605  0.50 84.76  ? 1  U   A C6    1 
ATOM   34   C  C6    B U   A 1 1  ? 0.770   17.069  -8.747  0.50 87.18  ? 1  U   A C6    1 
ATOM   35   P  P     . C   A 1 2  ? -2.903  16.765  -4.867  1.00 88.99  ? 2  C   A P     1 
ATOM   36   O  OP1   . C   A 1 2  ? -4.076  17.187  -4.093  1.00 85.81  ? 2  C   A OP1   1 
ATOM   37   O  OP2   . C   A 1 2  ? -1.689  16.240  -4.162  1.00 83.72  ? 2  C   A OP2   1 
ATOM   38   O  "O5'" . C   A 1 2  ? -3.380  15.704  -5.937  1.00 81.20  ? 2  C   A "O5'" 1 
ATOM   39   C  "C5'" . C   A 1 2  ? -4.677  15.784  -6.479  1.00 68.19  ? 2  C   A "C5'" 1 
ATOM   40   C  "C4'" . C   A 1 2  ? -4.939  14.548  -7.256  1.00 69.13  ? 2  C   A "C4'" 1 
ATOM   41   O  "O4'" . C   A 1 2  ? -3.899  14.432  -8.248  1.00 68.27  ? 2  C   A "O4'" 1 
ATOM   42   C  "C3'" . C   A 1 2  ? -4.757  13.298  -6.432  1.00 66.97  ? 2  C   A "C3'" 1 
ATOM   43   O  "O3'" . C   A 1 2  ? -5.942  12.954  -5.723  1.00 67.51  ? 2  C   A "O3'" 1 
ATOM   44   C  "C2'" . C   A 1 2  ? -4.433  12.258  -7.483  1.00 66.01  ? 2  C   A "C2'" 1 
ATOM   45   O  "O2'" . C   A 1 2  ? -5.632  11.892  -8.126  1.00 65.00  ? 2  C   A "O2'" 1 
ATOM   46   C  "C1'" . C   A 1 2  ? -3.566  13.075  -8.435  1.00 62.45  ? 2  C   A "C1'" 1 
ATOM   47   N  N1    . C   A 1 2  ? -2.132  12.867  -8.186  1.00 60.19  ? 2  C   A N1    1 
ATOM   48   C  C2    . C   A 1 2  ? -1.570  11.748  -8.726  1.00 58.53  ? 2  C   A C2    1 
ATOM   49   O  O2    . C   A 1 2  ? -2.269  11.022  -9.428  1.00 62.22  ? 2  C   A O2    1 
ATOM   50   N  N3    . C   A 1 2  ? -0.281  11.482  -8.515  1.00 57.93  ? 2  C   A N3    1 
ATOM   51   C  C4    . C   A 1 2  ? 0.446   12.285  -7.777  1.00 60.04  ? 2  C   A C4    1 
ATOM   52   N  N4    . C   A 1 2  ? 1.724   11.922  -7.632  1.00 61.86  ? 2  C   A N4    1 
ATOM   53   C  C5    . C   A 1 2  ? -0.105  13.477  -7.177  1.00 59.37  ? 2  C   A C5    1 
ATOM   54   C  C6    . C   A 1 2  ? -1.395  13.729  -7.420  1.00 57.78  ? 2  C   A C6    1 
ATOM   55   P  P     . C   A 1 3  ? -5.841  11.996  -4.439  1.00 64.05  ? 3  C   A P     1 
ATOM   56   O  OP1   . C   A 1 3  ? -7.133  11.989  -3.721  1.00 67.56  ? 3  C   A OP1   1 
ATOM   57   O  OP2   . C   A 1 3  ? -4.604  12.410  -3.737  1.00 66.77  ? 3  C   A OP2   1 
ATOM   58   O  "O5'" . C   A 1 3  ? -5.623  10.561  -5.080  1.00 63.94  ? 3  C   A "O5'" 1 
ATOM   59   C  "C5'" . C   A 1 3  ? -6.707  9.887   -5.694  1.00 54.27  ? 3  C   A "C5'" 1 
ATOM   60   C  "C4'" . C   A 1 3  ? -6.297  8.484   -6.046  1.00 60.89  ? 3  C   A "C4'" 1 
ATOM   61   O  "O4'" . C   A 1 3  ? -5.211  8.532   -6.999  1.00 60.10  ? 3  C   A "O4'" 1 
ATOM   62   C  "C3'" . C   A 1 3  ? -5.748  7.661   -4.906  1.00 58.11  ? 3  C   A "C3'" 1 
ATOM   63   O  "O3'" . C   A 1 3  ? -6.792  7.061   -4.174  1.00 60.95  ? 3  C   A "O3'" 1 
ATOM   64   C  "C2'" . C   A 1 3  ? -4.902  6.633   -5.628  1.00 60.60  ? 3  C   A "C2'" 1 
ATOM   65   O  "O2'" . C   A 1 3  ? -5.649  5.594   -6.199  1.00 56.89  ? 3  C   A "O2'" 1 
ATOM   66   C  "C1'" . C   A 1 3  ? -4.314  7.466   -6.759  1.00 62.27  ? 3  C   A "C1'" 1 
ATOM   67   N  N1    . C   A 1 3  ? -2.993  8.019   -6.423  1.00 65.78  ? 3  C   A N1    1 
ATOM   68   C  C2    . C   A 1 3  ? -1.873  7.199   -6.588  1.00 64.13  ? 3  C   A C2    1 
ATOM   69   O  O2    . C   A 1 3  ? -2.041  6.044   -6.997  1.00 68.18  ? 3  C   A O2    1 
ATOM   70   N  N3    . C   A 1 3  ? -0.648  7.675   -6.295  1.00 63.91  ? 3  C   A N3    1 
ATOM   71   C  C4    . C   A 1 3  ? -0.515  8.920   -5.848  1.00 63.66  ? 3  C   A C4    1 
ATOM   72   N  N4    . C   A 1 3  ? 0.724   9.365   -5.599  1.00 63.32  ? 3  C   A N4    1 
ATOM   73   C  C5    . C   A 1 3  ? -1.640  9.774   -5.642  1.00 63.53  ? 3  C   A C5    1 
ATOM   74   C  C6    . C   A 1 3  ? -2.851  9.289   -5.944  1.00 62.47  ? 3  C   A C6    1 
ATOM   75   P  P     . C   A 1 4  ? -6.614  6.803   -2.605  1.00 69.22  ? 4  C   A P     1 
ATOM   76   O  OP1   . C   A 1 4  ? -7.873  6.191   -2.094  1.00 72.05  ? 4  C   A OP1   1 
ATOM   77   O  OP2   . C   A 1 4  ? -6.100  8.063   -1.999  1.00 64.16  ? 4  C   A OP2   1 
ATOM   78   O  "O5'" . C   A 1 4  ? -5.471  5.700   -2.546  1.00 67.41  ? 4  C   A "O5'" 1 
ATOM   79   C  "C5'" . C   A 1 4  ? -5.651  4.458   -3.209  1.00 66.18  ? 4  C   A "C5'" 1 
ATOM   80   C  "C4'" . C   A 1 4  ? -4.457  3.569   -3.003  1.00 68.16  ? 4  C   A "C4'" 1 
ATOM   81   O  "O4'" . C   A 1 4  ? -3.347  4.084   -3.782  1.00 65.75  ? 4  C   A "O4'" 1 
ATOM   82   C  "C3'" . C   A 1 4  ? -3.929  3.524   -1.576  1.00 66.12  ? 4  C   A "C3'" 1 
ATOM   83   O  "O3'" . C   A 1 4  ? -4.631  2.513   -0.862  1.00 67.35  ? 4  C   A "O3'" 1 
ATOM   84   C  "C2'" . C   A 1 4  ? -2.485  3.095   -1.795  1.00 66.30  ? 4  C   A "C2'" 1 
ATOM   85   O  "O2'" . C   A 1 4  ? -2.356  1.710   -2.023  1.00 65.56  ? 4  C   A "O2'" 1 
ATOM   86   C  "C1'" . C   A 1 4  ? -2.141  3.812   -3.095  1.00 67.70  ? 4  C   A "C1'" 1 
ATOM   87   N  N1    . C   A 1 4  ? -1.358  5.047   -2.963  1.00 68.62  ? 4  C   A N1    1 
ATOM   88   C  C2    . C   A 1 4  ? 0.021   4.938   -3.008  1.00 69.38  ? 4  C   A C2    1 
ATOM   89   O  O2    . C   A 1 4  ? 0.521   3.816   -3.088  1.00 72.57  ? 4  C   A O2    1 
ATOM   90   N  N3    . C   A 1 4  ? 0.786   6.045   -2.917  1.00 70.10  ? 4  C   A N3    1 
ATOM   91   C  C4    . C   A 1 4  ? 0.212   7.234   -2.773  1.00 69.19  ? 4  C   A C4    1 
ATOM   92   N  N4    . C   A 1 4  ? 1.008   8.298   -2.676  1.00 67.29  ? 4  C   A N4    1 
ATOM   93   C  C5    . C   A 1 4  ? -1.206  7.385   -2.717  1.00 68.11  ? 4  C   A C5    1 
ATOM   94   C  C6    . C   A 1 4  ? -1.948  6.269   -2.816  1.00 68.47  ? 4  C   A C6    1 
HETATM 95   P  P     . A2M A 1 5  ? -4.868  2.646   0.729   1.00 71.26  ? 5  A2M A P     1 
HETATM 96   O  OP1   . A2M A 1 5  ? -5.751  1.484   1.063   1.00 70.74  ? 5  A2M A OP1   1 
HETATM 97   O  "O5'" . A2M A 1 5  ? -3.415  2.471   1.361   1.00 72.84  ? 5  A2M A "O5'" 1 
HETATM 98   C  "C5'" . A2M A 1 5  ? -2.595  1.314   1.125   1.00 75.84  ? 5  A2M A "C5'" 1 
HETATM 99   C  "C4'" . A2M A 1 5  ? -1.282  1.467   1.870   1.00 80.86  ? 5  A2M A "C4'" 1 
HETATM 100  O  "O4'" . A2M A 1 5  ? -0.556  2.620   1.365   1.00 77.77  ? 5  A2M A "O4'" 1 
HETATM 101  C  "C3'" . A2M A 1 5  ? -1.626  1.808   3.307   1.00 83.10  ? 5  A2M A "C3'" 1 
HETATM 102  O  "O3'" . A2M A 1 5  ? -0.945  1.099   4.316   1.00 86.45  ? 5  A2M A "O3'" 1 
HETATM 103  C  "C2'" . A2M A 1 5  ? -1.565  3.316   3.406   1.00 86.23  ? 5  A2M A "C2'" 1 
HETATM 104  O  "O2'" . A2M A 1 5  ? -1.251  3.923   4.648   1.00 91.37  ? 5  A2M A "O2'" 1 
HETATM 105  C  "C1'" . A2M A 1 5  ? -0.546  3.656   2.322   1.00 83.91  ? 5  A2M A "C1'" 1 
HETATM 106  C  "CM'" . A2M A 1 5  ? -2.378  4.739   5.156   1.00 83.24  ? 5  A2M A "CM'" 1 
HETATM 107  N  N9    . A2M A 1 5  ? -0.918  4.915   1.710   1.00 84.79  ? 5  A2M A N9    1 
HETATM 108  C  C8    . A2M A 1 5  ? -2.146  5.273   1.220   1.00 87.08  ? 5  A2M A C8    1 
HETATM 109  N  N7    . A2M A 1 5  ? -2.219  6.525   0.856   1.00 88.40  ? 5  A2M A N7    1 
HETATM 110  C  C5    . A2M A 1 5  ? -0.945  7.015   1.101   1.00 86.47  ? 5  A2M A C5    1 
HETATM 111  C  C6    . A2M A 1 5  ? -0.381  8.277   0.933   1.00 87.85  ? 5  A2M A C6    1 
HETATM 112  N  N6    . A2M A 1 5  ? -1.075  9.317   0.482   1.00 91.60  ? 5  A2M A N6    1 
HETATM 113  N  N1    . A2M A 1 5  ? 0.925   8.434   1.250   1.00 87.35  ? 5  A2M A N1    1 
HETATM 114  C  C2    . A2M A 1 5  ? 1.598   7.378   1.714   1.00 85.90  ? 5  A2M A C2    1 
HETATM 115  N  N3    . A2M A 1 5  ? 1.168   6.135   1.926   1.00 85.20  ? 5  A2M A N3    1 
HETATM 116  C  C4    . A2M A 1 5  ? -0.125  6.023   1.595   1.00 85.20  ? 5  A2M A C4    1 
HETATM 117  O  OP2   . A2M A 1 5  ? -5.298  4.025   1.087   1.00 68.05  ? 5  A2M A OP2   1 
ATOM   118  P  P     . G   A 1 6  ? -1.566  1.063   5.793   1.00 89.79  ? 6  G   A P     1 
ATOM   119  O  OP1   . G   A 1 6  ? -2.937  0.487   5.702   1.00 90.40  ? 6  G   A OP1   1 
ATOM   120  O  OP2   . G   A 1 6  ? -1.347  2.363   6.479   1.00 89.19  ? 6  G   A OP2   1 
ATOM   121  O  "O5'" . G   A 1 6  ? -0.632  0.035   6.545   1.00 87.41  ? 6  G   A "O5'" 1 
ATOM   122  C  "C5'" . G   A 1 6  ? 0.715   0.373   6.856   1.00 78.03  ? 6  G   A "C5'" 1 
ATOM   123  C  "C4'" . G   A 1 6  ? 1.286   -0.656  7.784   1.00 73.19  ? 6  G   A "C4'" 1 
ATOM   124  O  "O4'" . G   A 1 6  ? 1.510   -1.883  7.023   1.00 67.27  ? 6  G   A "O4'" 1 
ATOM   125  C  "C3'" . G   A 1 6  ? 2.647   -0.171  8.243   1.00 69.75  ? 6  G   A "C3'" 1 
ATOM   126  O  "O3'" . G   A 1 6  ? 2.794   -0.334  9.645   1.00 76.21  ? 6  G   A "O3'" 1 
ATOM   127  C  "C2'" . G   A 1 6  ? 3.658   -0.876  7.345   1.00 70.10  ? 6  G   A "C2'" 1 
ATOM   128  O  "O2'" . G   A 1 6  ? 4.800   -1.318  8.053   1.00 74.04  ? 6  G   A "O2'" 1 
ATOM   129  C  "C1'" . G   A 1 6  ? 2.877   -2.125  6.949   1.00 65.66  ? 6  G   A "C1'" 1 
ATOM   130  N  N9    . G   A 1 6  ? 3.232   -2.901  5.755   1.00 64.47  ? 6  G   A N9    1 
ATOM   131  C  C8    . G   A 1 6  ? 2.945   -4.233  5.516   1.00 63.00  ? 6  G   A C8    1 
ATOM   132  N  N7    . G   A 1 6  ? 3.536   -4.708  4.442   1.00 61.89  ? 6  G   A N7    1 
ATOM   133  C  C5    . G   A 1 6  ? 4.221   -3.610  3.917   1.00 62.98  ? 6  G   A C5    1 
ATOM   134  C  C6    . G   A 1 6  ? 5.056   -3.505  2.755   1.00 62.06  ? 6  G   A C6    1 
ATOM   135  O  O6    . G   A 1 6  ? 5.392   -4.373  1.950   1.00 62.05  ? 6  G   A O6    1 
ATOM   136  N  N1    . G   A 1 6  ? 5.521   -2.203  2.557   1.00 62.05  ? 6  G   A N1    1 
ATOM   137  C  C2    . G   A 1 6  ? 5.219   -1.136  3.366   1.00 64.83  ? 6  G   A C2    1 
ATOM   138  N  N2    . G   A 1 6  ? 5.764   0.016   2.985   1.00 67.36  ? 6  G   A N2    1 
ATOM   139  N  N3    . G   A 1 6  ? 4.460   -1.209  4.447   1.00 64.18  ? 6  G   A N3    1 
ATOM   140  C  C4    . G   A 1 6  ? 4.018   -2.480  4.689   1.00 64.25  ? 6  G   A C4    1 
ATOM   141  P  P     . U   A 1 7  ? 2.771   0.942   10.616  1.00 78.39  ? 7  U   A P     1 
ATOM   142  O  OP1   . U   A 1 7  ? 2.656   0.401   11.985  1.00 81.26  ? 7  U   A OP1   1 
ATOM   143  O  OP2   . U   A 1 7  ? 1.784   1.931   10.137  1.00 81.77  ? 7  U   A OP2   1 
ATOM   144  O  "O5'" . U   A 1 7  ? 4.230   1.554   10.459  1.00 77.56  ? 7  U   A "O5'" 1 
ATOM   145  C  "C5'" . U   A 1 7  ? 5.349   0.797   10.855  1.00 76.28  ? 7  U   A "C5'" 1 
ATOM   146  C  "C4'" . U   A 1 7  ? 6.584   1.646   10.842  1.00 80.95  ? 7  U   A "C4'" 1 
ATOM   147  O  "O4'" . U   A 1 7  ? 6.864   2.032   9.475   1.00 81.10  ? 7  U   A "O4'" 1 
ATOM   148  C  "C3'" . U   A 1 7  ? 6.431   2.972   11.569  1.00 82.17  ? 7  U   A "C3'" 1 
ATOM   149  O  "O3'" . U   A 1 7  ? 6.672   2.852   12.969  1.00 83.54  ? 7  U   A "O3'" 1 
ATOM   150  C  "C2'" . U   A 1 7  ? 7.515   3.810   10.911  1.00 85.58  ? 7  U   A "C2'" 1 
ATOM   151  O  "O2'" . U   A 1 7  ? 8.793   3.477   11.418  1.00 91.40  ? 7  U   A "O2'" 1 
ATOM   152  C  "C1'" . U   A 1 7  ? 7.431   3.324   9.460   1.00 84.01  ? 7  U   A "C1'" 1 
ATOM   153  N  N1    . U   A 1 7  ? 6.563   4.207   8.674   1.00 83.91  ? 7  U   A N1    1 
ATOM   154  C  C2    . U   A 1 7  ? 7.124   5.375   8.218   1.00 84.99  ? 7  U   A C2    1 
ATOM   155  O  O2    . U   A 1 7  ? 8.308   5.644   8.406   1.00 85.14  ? 7  U   A O2    1 
ATOM   156  N  N3    . U   A 1 7  ? 6.265   6.209   7.542   1.00 86.54  ? 7  U   A N3    1 
ATOM   157  C  C4    . U   A 1 7  ? 4.928   5.993   7.286   1.00 87.38  ? 7  U   A C4    1 
ATOM   158  O  O4    . U   A 1 7  ? 4.292   6.798   6.600   1.00 89.65  ? 7  U   A O4    1 
ATOM   159  C  C5    . U   A 1 7  ? 4.429   4.755   7.789   1.00 84.82  ? 7  U   A C5    1 
ATOM   160  C  C6    . U   A 1 7  ? 5.249   3.916   8.441   1.00 84.41  ? 7  U   A C6    1 
ATOM   161  P  P     . C   A 1 8  ? 5.930   3.840   13.997  1.00 85.63  ? 8  C   A P     1 
ATOM   162  O  OP1   . C   A 1 8  ? 6.523   3.625   15.331  1.00 85.48  ? 8  C   A OP1   1 
ATOM   163  O  OP2   . C   A 1 8  ? 4.459   3.724   13.803  1.00 82.81  ? 8  C   A OP2   1 
ATOM   164  O  "O5'" . C   A 1 8  ? 6.384   5.280   13.507  1.00 84.55  ? 8  C   A "O5'" 1 
ATOM   165  C  "C5'" . C   A 1 8  ? 7.740   5.677   13.617  1.00 86.92  ? 8  C   A "C5'" 1 
ATOM   166  C  "C4'" . C   A 1 8  ? 7.898   7.067   13.075  1.00 92.82  ? 8  C   A "C4'" 1 
ATOM   167  O  "O4'" . C   A 1 8  ? 7.645   7.041   11.651  1.00 93.50  ? 8  C   A "O4'" 1 
ATOM   168  C  "C3'" . C   A 1 8  ? 6.885   8.065   13.605  1.00 95.66  ? 8  C   A "C3'" 1 
ATOM   169  O  "O3'" . C   A 1 8  ? 7.259   8.580   14.873  1.00 97.79  ? 8  C   A "O3'" 1 
ATOM   170  C  "C2'" . C   A 1 8  ? 6.877   9.115   12.506  1.00 93.75  ? 8  C   A "C2'" 1 
ATOM   171  O  "O2'" . C   A 1 8  ? 8.016   9.939   12.561  1.00 92.91  ? 8  C   A "O2'" 1 
ATOM   172  C  "C1'" . C   A 1 8  ? 6.980   8.233   11.263  1.00 94.96  ? 8  C   A "C1'" 1 
ATOM   173  N  N1    . C   A 1 8  ? 5.647   7.870   10.765  1.00 94.46  ? 8  C   A N1    1 
ATOM   174  C  C2    . C   A 1 8  ? 4.985   8.753   9.914   1.00 94.89  ? 8  C   A C2    1 
ATOM   175  O  O2    . C   A 1 8  ? 5.546   9.804   9.579   1.00 97.12  ? 8  C   A O2    1 
ATOM   176  N  N3    . C   A 1 8  ? 3.752   8.441   9.465   1.00 94.13  ? 8  C   A N3    1 
ATOM   177  C  C4    . C   A 1 8  ? 3.186   7.299   9.834   1.00 94.04  ? 8  C   A C4    1 
ATOM   178  N  N4    . C   A 1 8  ? 1.971   7.028   9.349   1.00 93.14  ? 8  C   A N4    1 
ATOM   179  C  C5    . C   A 1 8  ? 3.840   6.379   10.712  1.00 93.68  ? 8  C   A C5    1 
ATOM   180  C  C6    . C   A 1 8  ? 5.059   6.701   11.144  1.00 92.92  ? 8  C   A C6    1 
ATOM   181  P  P     . C   A 1 9  ? 6.120   8.900   15.958  1.00 100.98 ? 9  C   A P     1 
ATOM   182  O  OP1   . C   A 1 9  ? 6.804   9.276   17.211  1.00 103.98 ? 9  C   A OP1   1 
ATOM   183  O  OP2   . C   A 1 9  ? 5.189   7.730   15.938  1.00 96.88  ? 9  C   A OP2   1 
ATOM   184  O  "O5'" . C   A 1 9  ? 5.426   10.188  15.338  1.00 99.26  ? 9  C   A "O5'" 1 
ATOM   185  C  "C5'" . C   A 1 9  ? 6.185   11.365  15.084  1.00 99.65  ? 9  C   A "C5'" 1 
ATOM   186  C  "C4'" . C   A 1 9  ? 5.305   12.429  14.482  1.00 105.46 ? 9  C   A "C4'" 1 
ATOM   187  O  "O4'" . C   A 1 9  ? 4.891   12.003  13.157  1.00 104.06 ? 9  C   A "O4'" 1 
ATOM   188  C  "C3'" . C   A 1 9  ? 3.983   12.660  15.211  1.00 109.38 ? 9  C   A "C3'" 1 
ATOM   189  O  "O3'" . C   A 1 9  ? 4.100   13.543  16.325  1.00 112.33 ? 9  C   A "O3'" 1 
ATOM   190  C  "C2'" . C   A 1 9  ? 3.111   13.257  14.113  1.00 108.58 ? 9  C   A "C2'" 1 
ATOM   191  O  "O2'" . C   A 1 9  ? 3.312   14.644  13.898  1.00 111.02 ? 9  C   A "O2'" 1 
ATOM   192  C  "C1'" . C   A 1 9  ? 3.576   12.462  12.896  1.00 105.19 ? 9  C   A "C1'" 1 
ATOM   193  N  N1    . C   A 1 9  ? 2.703   11.310  12.656  1.00 103.62 ? 9  C   A N1    1 
ATOM   194  C  C2    . C   A 1 9  ? 1.471   11.533  12.054  1.00 103.47 ? 9  C   A C2    1 
ATOM   195  O  O2    . C   A 1 9  ? 1.172   12.690  11.741  1.00 104.96 ? 9  C   A O2    1 
ATOM   196  N  N3    . C   A 1 9  ? 0.645   10.497  11.817  1.00 101.91 ? 9  C   A N3    1 
ATOM   197  C  C4    . C   A 1 9  ? 1.012   9.271   12.163  1.00 100.72 ? 9  C   A C4    1 
ATOM   198  N  N4    . C   A 1 9  ? 0.157   8.281   11.917  1.00 99.51  ? 9  C   A N4    1 
ATOM   199  C  C5    . C   A 1 9  ? 2.268   9.004   12.778  1.00 101.31 ? 9  C   A C5    1 
ATOM   200  C  C6    . C   A 1 9  ? 3.078   10.046  13.005  1.00 102.43 ? 9  C   A C6    1 
ATOM   201  P  P     . A   A 1 10 ? 3.056   13.431  17.554  1.00 115.24 ? 10 A   A P     1 
ATOM   202  O  OP1   . A   A 1 10 ? 3.624   14.267  18.635  1.00 115.43 ? 10 A   A OP1   1 
ATOM   203  O  OP2   . A   A 1 10 ? 2.701   12.014  17.832  1.00 111.75 ? 10 A   A OP2   1 
ATOM   204  O  "O5'" . A   A 1 10 ? 1.738   14.153  17.028  1.00 115.94 ? 10 A   A "O5'" 1 
ATOM   205  C  "C5'" . A   A 1 10 ? 1.746   15.536  16.696  1.00 116.98 ? 10 A   A "C5'" 1 
ATOM   206  C  "C4'" . A   A 1 10 ? 0.405   15.948  16.142  1.00 117.78 ? 10 A   A "C4'" 1 
ATOM   207  O  "O4'" . A   A 1 10 ? 0.200   15.305  14.860  1.00 115.79 ? 10 A   A "O4'" 1 
ATOM   208  C  "C3'" . A   A 1 10 ? -0.794  15.508  16.965  1.00 120.12 ? 10 A   A "C3'" 1 
ATOM   209  O  "O3'" . A   A 1 10 ? -1.067  16.416  18.017  1.00 122.72 ? 10 A   A "O3'" 1 
ATOM   210  C  "C2'" . A   A 1 10 ? -1.913  15.486  15.936  1.00 118.80 ? 10 A   A "C2'" 1 
ATOM   211  O  "O2'" . A   A 1 10 ? -2.469  16.753  15.639  1.00 121.52 ? 10 A   A "O2'" 1 
ATOM   212  C  "C1'" . A   A 1 10 ? -1.171  14.965  14.710  1.00 115.75 ? 10 A   A "C1'" 1 
ATOM   213  N  N9    . A   A 1 10 ? -1.268  13.515  14.623  1.00 112.57 ? 10 A   A N9    1 
ATOM   214  C  C8    . A   A 1 10 ? -0.311  12.583  14.928  1.00 112.29 ? 10 A   A C8    1 
ATOM   215  N  N7    . A   A 1 10 ? -0.697  11.348  14.731  1.00 112.23 ? 10 A   A N7    1 
ATOM   216  C  C5    . A   A 1 10 ? -2.004  11.479  14.273  1.00 110.73 ? 10 A   A C5    1 
ATOM   217  C  C6    . A   A 1 10 ? -2.966  10.533  13.874  1.00 109.35 ? 10 A   A C6    1 
ATOM   218  N  N6    . A   A 1 10 ? -2.758  9.215   13.886  1.00 108.27 ? 10 A   A N6    1 
ATOM   219  N  N1    . A   A 1 10 ? -4.162  10.993  13.456  1.00 109.38 ? 10 A   A N1    1 
ATOM   220  C  C2    . A   A 1 10 ? -4.373  12.321  13.451  1.00 110.65 ? 10 A   A C2    1 
ATOM   221  N  N3    . A   A 1 10 ? -3.546  13.305  13.801  1.00 110.73 ? 10 A   A N3    1 
ATOM   222  C  C4    . A   A 1 10 ? -2.365  12.811  14.206  1.00 111.22 ? 10 A   A C4    1 
ATOM   223  P  P     . C   A 1 11 ? -1.697  15.861  19.375  1.00 127.02 ? 11 C   A P     1 
ATOM   224  O  OP1   . C   A 1 11 ? -1.471  16.903  20.411  1.00 127.35 ? 11 C   A OP1   1 
ATOM   225  O  OP2   . C   A 1 11 ? -1.129  14.501  19.564  1.00 125.61 ? 11 C   A OP2   1 
ATOM   226  O  "O5'" . C   A 1 11 ? -3.256  15.720  19.080  1.00 125.09 ? 11 C   A "O5'" 1 
ATOM   227  C  "C5'" . C   A 1 11 ? -4.066  16.866  18.849  1.00 122.08 ? 11 C   A "C5'" 1 
ATOM   228  C  "C4'" . C   A 1 11 ? -5.391  16.452  18.264  1.00 122.68 ? 11 C   A "C4'" 1 
ATOM   229  O  "O4'" . C   A 1 11 ? -5.150  15.747  17.013  1.00 120.97 ? 11 C   A "O4'" 1 
ATOM   230  C  "C3'" . C   A 1 11 ? -6.168  15.439  19.083  1.00 123.54 ? 11 C   A "C3'" 1 
ATOM   231  O  "O3'" . C   A 1 11 ? -6.918  16.012  20.133  1.00 125.32 ? 11 C   A "O3'" 1 
ATOM   232  C  "C2'" . C   A 1 11 ? -7.063  14.790  18.036  1.00 122.30 ? 11 C   A "C2'" 1 
ATOM   233  O  "O2'" . C   A 1 11 ? -8.220  15.517  17.682  1.00 123.21 ? 11 C   A "O2'" 1 
ATOM   234  C  "C1'" . C   A 1 11 ? -6.109  14.711  16.851  1.00 119.11 ? 11 C   A "C1'" 1 
ATOM   235  N  N1    . C   A 1 11 ? -5.419  13.420  16.893  1.00 116.70 ? 11 C   A N1    1 
ATOM   236  C  C2    . C   A 1 11 ? -6.132  12.279  16.506  1.00 116.37 ? 11 C   A C2    1 
ATOM   237  O  O2    . C   A 1 11 ? -7.303  12.416  16.097  1.00 116.39 ? 11 C   A O2    1 
ATOM   238  N  N3    . C   A 1 11 ? -5.533  11.071  16.579  1.00 114.50 ? 11 C   A N3    1 
ATOM   239  C  C4    . C   A 1 11 ? -4.279  10.979  17.015  1.00 113.38 ? 11 C   A C4    1 
ATOM   240  N  N4    . C   A 1 11 ? -3.742  9.763   17.089  1.00 112.32 ? 11 C   A N4    1 
ATOM   241  C  C5    . C   A 1 11 ? -3.524  12.126  17.398  1.00 113.43 ? 11 C   A C5    1 
ATOM   242  C  C6    . C   A 1 11 ? -4.126  13.315  17.318  1.00 114.68 ? 11 C   A C6    1 
ATOM   243  P  P     . C   A 1 12 ? -7.381  15.081  21.354  1.00 126.74 ? 12 C   A P     1 
ATOM   244  O  OP1   . C   A 1 12 ? -8.141  15.948  22.286  1.00 127.99 ? 12 C   A OP1   1 
ATOM   245  O  OP2   . C   A 1 12 ? -6.173  14.352  21.831  1.00 125.55 ? 12 C   A OP2   1 
ATOM   246  O  "O5'" . C   A 1 12 ? -8.393  14.044  20.689  1.00 121.95 ? 12 C   A "O5'" 1 
ATOM   247  C  "C5'" . C   A 1 12 ? -9.640  14.499  20.203  1.00 120.21 ? 12 C   A "C5'" 1 
ATOM   248  C  "C4'" . C   A 1 12 ? -10.492 13.350  19.732  1.00 121.29 ? 12 C   A "C4'" 1 
ATOM   249  O  "O4'" . C   A 1 12 ? -9.799  12.652  18.662  1.00 120.85 ? 12 C   A "O4'" 1 
ATOM   250  C  "C3'" . C   A 1 12 ? -10.728 12.247  20.753  1.00 123.26 ? 12 C   A "C3'" 1 
ATOM   251  O  "O3'" . C   A 1 12 ? -11.749 12.535  21.689  1.00 127.68 ? 12 C   A "O3'" 1 
ATOM   252  C  "C2'" . C   A 1 12 ? -11.088 11.061  19.868  1.00 122.07 ? 12 C   A "C2'" 1 
ATOM   253  O  "O2'" . C   A 1 12 ? -12.414 11.088  19.361  1.00 120.06 ? 12 C   A "O2'" 1 
ATOM   254  C  "C1'" . C   A 1 12 ? -10.129 11.267  18.701  1.00 119.35 ? 12 C   A "C1'" 1 
ATOM   255  N  N1    . C   A 1 12 ? -8.908  10.469  18.866  1.00 115.87 ? 12 C   A N1    1 
ATOM   256  C  C2    . C   A 1 12 ? -8.956  9.091   18.544  1.00 114.11 ? 12 C   A C2    1 
ATOM   257  O  O2    . C   A 1 12 ? -10.030 8.596   18.119  1.00 110.79 ? 12 C   A O2    1 
ATOM   258  N  N3    . C   A 1 12 ? -7.838  8.346   18.694  1.00 112.64 ? 12 C   A N3    1 
ATOM   259  C  C4    . C   A 1 12 ? -6.710  8.912   19.141  1.00 112.80 ? 12 C   A C4    1 
ATOM   260  N  N4    . C   A 1 12 ? -5.634  8.137   19.263  1.00 112.18 ? 12 C   A N4    1 
ATOM   261  C  C5    . C   A 1 12 ? -6.638  10.299  19.478  1.00 113.38 ? 12 C   A C5    1 
ATOM   262  C  C6    . C   A 1 12 ? -7.749  11.033  19.325  1.00 114.70 ? 12 C   A C6    1 
ATOM   263  P  P     . G   A 1 13 ? -11.841 11.671  23.046  1.00 129.51 ? 13 G   A P     1 
ATOM   264  O  OP1   . G   A 1 13 ? -12.979 12.202  23.840  1.00 129.52 ? 13 G   A OP1   1 
ATOM   265  O  OP2   . G   A 1 13 ? -10.475 11.574  23.650  1.00 127.12 ? 13 G   A OP2   1 
ATOM   266  O  "O5'" . G   A 1 13 ? -12.229 10.202  22.567  1.00 125.01 ? 13 G   A "O5'" 1 
ATOM   267  C  "C5'" . G   A 1 13 ? -13.569 9.886   22.209  1.00 121.34 ? 13 G   A "C5'" 1 
ATOM   268  C  "C4'" . G   A 1 13 ? -13.726 8.398   22.074  1.00 120.98 ? 13 G   A "C4'" 1 
ATOM   269  O  "O4'" . G   A 1 13 ? -12.827 7.935   21.031  1.00 118.43 ? 13 G   A "O4'" 1 
ATOM   270  C  "C3'" . G   A 1 13 ? -13.323 7.590   23.296  1.00 121.30 ? 13 G   A "C3'" 1 
ATOM   271  O  "O3'" . G   A 1 13 ? -14.279 7.575   24.352  1.00 123.41 ? 13 G   A "O3'" 1 
ATOM   272  C  "C2'" . G   A 1 13 ? -12.990 6.235   22.682  1.00 119.67 ? 13 G   A "C2'" 1 
ATOM   273  O  "O2'" . G   A 1 13 ? -14.121 5.444   22.370  1.00 119.58 ? 13 G   A "O2'" 1 
ATOM   274  C  "C1'" . G   A 1 13 ? -12.309 6.664   21.379  1.00 115.64 ? 13 G   A "C1'" 1 
ATOM   275  N  N9    . G   A 1 13 ? -10.859 6.791   21.515  1.00 110.87 ? 13 G   A N9    1 
ATOM   276  C  C8    . G   A 1 13 ? -10.142 7.914   21.875  1.00 108.78 ? 13 G   A C8    1 
ATOM   277  N  N7    . G   A 1 13 ? -8.852  7.711   21.901  1.00 107.02 ? 13 G   A N7    1 
ATOM   278  C  C5    . G   A 1 13 ? -8.708  6.373   21.537  1.00 106.54 ? 13 G   A C5    1 
ATOM   279  C  C6    . G   A 1 13 ? -7.533  5.569   21.391  1.00 104.64 ? 13 G   A C6    1 
ATOM   280  O  O6    . G   A 1 13 ? -6.345  5.901   21.563  1.00 102.12 ? 13 G   A O6    1 
ATOM   281  N  N1    . G   A 1 13 ? -7.853  4.266   21.020  1.00 103.09 ? 13 G   A N1    1 
ATOM   282  C  C2    . G   A 1 13 ? -9.132  3.786   20.822  1.00 104.57 ? 13 G   A C2    1 
ATOM   283  N  N2    . G   A 1 13 ? -9.238  2.489   20.488  1.00 103.78 ? 13 G   A N2    1 
ATOM   284  N  N3    . G   A 1 13 ? -10.222 4.519   20.946  1.00 106.42 ? 13 G   A N3    1 
ATOM   285  C  C4    . G   A 1 13 ? -9.938  5.793   21.302  1.00 108.08 ? 13 G   A C4    1 
ATOM   286  O  "O5'" . C   B 2 1  ? -2.586  -2.355  18.593  1.00 115.81 ? 2  C   B "O5'" 1 
ATOM   287  C  "C5'" . C   B 2 1  ? -3.407  -3.531  18.650  1.00 118.96 ? 2  C   B "C5'" 1 
ATOM   288  C  "C4'" . C   B 2 1  ? -4.895  -3.318  18.796  1.00 119.53 ? 2  C   B "C4'" 1 
ATOM   289  O  "O4'" . C   B 2 1  ? -5.173  -2.687  20.078  1.00 118.21 ? 2  C   B "O4'" 1 
ATOM   290  C  "C3'" . C   B 2 1  ? -5.542  -2.384  17.785  1.00 121.29 ? 2  C   B "C3'" 1 
ATOM   291  O  "O3'" . C   B 2 1  ? -5.793  -2.999  16.528  1.00 125.43 ? 2  C   B "O3'" 1 
ATOM   292  C  "C2'" . C   B 2 1  ? -6.796  -1.916  18.525  1.00 117.84 ? 2  C   B "C2'" 1 
ATOM   293  O  "O2'" . C   B 2 1  ? -7.873  -2.840  18.536  1.00 116.54 ? 2  C   B "O2'" 1 
ATOM   294  C  "C1'" . C   B 2 1  ? -6.250  -1.763  19.941  1.00 113.53 ? 2  C   B "C1'" 1 
ATOM   295  N  N1    . C   B 2 1  ? -5.720  -0.403  20.144  1.00 108.41 ? 2  C   B N1    1 
ATOM   296  C  C2    . C   B 2 1  ? -6.617  0.631   20.414  1.00 105.84 ? 2  C   B C2    1 
ATOM   297  O  O2    . C   B 2 1  ? -7.835  0.362   20.466  1.00 105.37 ? 2  C   B O2    1 
ATOM   298  N  N3    . C   B 2 1  ? -6.144  1.885   20.597  1.00 103.77 ? 2  C   B N3    1 
ATOM   299  C  C4    . C   B 2 1  ? -4.826  2.120   20.515  1.00 104.11 ? 2  C   B C4    1 
ATOM   300  N  N4    . C   B 2 1  ? -4.405  3.367   20.706  1.00 103.18 ? 2  C   B N4    1 
ATOM   301  C  C5    . C   B 2 1  ? -3.888  1.084   20.237  1.00 104.42 ? 2  C   B C5    1 
ATOM   302  C  C6    . C   B 2 1  ? -4.373  -0.151  20.061  1.00 106.17 ? 2  C   B C6    1 
ATOM   303  P  P     . G   B 2 2  ? -5.839  -2.094  15.196  1.00 125.83 ? 3  G   B P     1 
ATOM   304  O  OP1   . G   B 2 2  ? -6.002  -3.047  14.066  1.00 125.65 ? 3  G   B OP1   1 
ATOM   305  O  OP2   . G   B 2 2  ? -4.657  -1.171  15.225  1.00 122.71 ? 3  G   B OP2   1 
ATOM   306  O  "O5'" . G   B 2 2  ? -7.183  -1.245  15.353  1.00 121.53 ? 3  G   B "O5'" 1 
ATOM   307  C  "C5'" . G   B 2 2  ? -8.447  -1.905  15.411  1.00 117.63 ? 3  G   B "C5'" 1 
ATOM   308  C  "C4'" . G   B 2 2  ? -9.557  -0.920  15.714  1.00 117.11 ? 3  G   B "C4'" 1 
ATOM   309  O  "O4'" . G   B 2 2  ? -9.355  -0.360  17.039  1.00 115.10 ? 3  G   B "O4'" 1 
ATOM   310  C  "C3'" . G   B 2 2  ? -9.610  0.312   14.824  1.00 118.38 ? 3  G   B "C3'" 1 
ATOM   311  O  "O3'" . G   B 2 2  ? -10.198 0.080   13.551  1.00 122.12 ? 3  G   B "O3'" 1 
ATOM   312  C  "C2'" . G   B 2 2  ? -10.357 1.323   15.691  1.00 115.25 ? 3  G   B "C2'" 1 
ATOM   313  O  "O2'" . G   B 2 2  ? -11.768 1.222   15.734  1.00 111.64 ? 3  G   B "O2'" 1 
ATOM   314  C  "C1'" . G   B 2 2  ? -9.776  0.998   17.056  1.00 111.75 ? 3  G   B "C1'" 1 
ATOM   315  N  N9    . G   B 2 2  ? -8.612  1.845   17.244  1.00 108.28 ? 3  G   B N9    1 
ATOM   316  C  C8    . G   B 2 2  ? -7.287  1.481   17.248  1.00 106.71 ? 3  G   B C8    1 
ATOM   317  N  N7    . G   B 2 2  ? -6.481  2.492   17.432  1.00 106.30 ? 3  G   B N7    1 
ATOM   318  C  C5    . G   B 2 2  ? -7.330  3.586   17.578  1.00 105.90 ? 3  G   B C5    1 
ATOM   319  C  C6    . G   B 2 2  ? -7.040  4.961   17.814  1.00 105.23 ? 3  G   B C6    1 
ATOM   320  O  O6    . G   B 2 2  ? -5.928  5.512   17.931  1.00 104.57 ? 3  G   B O6    1 
ATOM   321  N  N1    . G   B 2 2  ? -8.211  5.733   17.880  1.00 103.56 ? 3  G   B N1    1 
ATOM   322  C  C2    . G   B 2 2  ? -9.491  5.245   17.724  1.00 103.46 ? 3  G   B C2    1 
ATOM   323  N  N2    . G   B 2 2  ? -10.482 6.146   17.798  1.00 100.94 ? 3  G   B N2    1 
ATOM   324  N  N3    . G   B 2 2  ? -9.768  3.962   17.508  1.00 103.77 ? 3  G   B N3    1 
ATOM   325  C  C4    . G   B 2 2  ? -8.649  3.199   17.447  1.00 106.21 ? 3  G   B C4    1 
ATOM   326  P  P     . G   B 2 3  ? -9.837  1.066   12.339  1.00 121.02 ? 4  G   B P     1 
ATOM   327  O  OP1   . G   B 2 3  ? -10.627 0.607   11.166  1.00 119.85 ? 4  G   B OP1   1 
ATOM   328  O  OP2   . G   B 2 3  ? -8.356  1.153   12.253  1.00 118.72 ? 4  G   B OP2   1 
ATOM   329  O  "O5'" . G   B 2 3  ? -10.411 2.467   12.820  1.00 118.45 ? 4  G   B "O5'" 1 
ATOM   330  C  "C5'" . G   B 2 3  ? -11.787 2.592   13.138  1.00 118.71 ? 4  G   B "C5'" 1 
ATOM   331  C  "C4'" . G   B 2 3  ? -12.174 4.030   13.125  1.00 118.99 ? 4  G   B "C4'" 1 
ATOM   332  O  "O4'" . G   B 2 3  ? -11.768 4.651   14.370  1.00 118.03 ? 4  G   B "O4'" 1 
ATOM   333  C  "C3'" . G   B 2 3  ? -11.454 4.830   12.063  1.00 119.75 ? 4  G   B "C3'" 1 
ATOM   334  O  "O3'" . G   B 2 3  ? -12.041 4.638   10.791  1.00 124.96 ? 4  G   B "O3'" 1 
ATOM   335  C  "C2'" . G   B 2 3  ? -11.535 6.245   12.624  1.00 116.92 ? 4  G   B "C2'" 1 
ATOM   336  O  "O2'" . G   B 2 3  ? -12.779 6.902   12.459  1.00 116.48 ? 4  G   B "O2'" 1 
ATOM   337  C  "C1'" . G   B 2 3  ? -11.325 5.971   14.111  1.00 114.50 ? 4  G   B "C1'" 1 
ATOM   338  N  N9    . G   B 2 3  ? -9.905  6.030   14.408  1.00 110.53 ? 4  G   B N9    1 
ATOM   339  C  C8    . G   B 2 3  ? -9.000  4.994   14.386  1.00 108.33 ? 4  G   B C8    1 
ATOM   340  N  N7    . G   B 2 3  ? -7.786  5.374   14.682  1.00 107.58 ? 4  G   B N7    1 
ATOM   341  C  C5    . G   B 2 3  ? -7.899  6.741   14.910  1.00 106.80 ? 4  G   B C5    1 
ATOM   342  C  C6    . G   B 2 3  ? -6.913  7.708   15.267  1.00 106.71 ? 4  G   B C6    1 
ATOM   343  O  O6    . G   B 2 3  ? -5.704  7.538   15.473  1.00 104.52 ? 4  G   B O6    1 
ATOM   344  N  N1    . G   B 2 3  ? -7.466  8.982   15.385  1.00 106.72 ? 4  G   B N1    1 
ATOM   345  C  C2    . G   B 2 3  ? -8.795  9.289   15.201  1.00 107.36 ? 4  G   B C2    1 
ATOM   346  N  N2    . G   B 2 3  ? -9.148  10.586  15.350  1.00 107.31 ? 4  G   B N2    1 
ATOM   347  N  N3    . G   B 2 3  ? -9.726  8.397   14.887  1.00 107.13 ? 4  G   B N3    1 
ATOM   348  C  C4    . G   B 2 3  ? -9.204  7.156   14.749  1.00 107.69 ? 4  G   B C4    1 
ATOM   349  P  P     . U   B 2 4  ? -11.283 5.162   9.476   1.00 126.33 ? 5  U   B P     1 
ATOM   350  O  OP1   . U   B 2 4  ? -11.848 4.422   8.312   1.00 124.58 ? 5  U   B OP1   1 
ATOM   351  O  OP2   . U   B 2 4  ? -9.814  5.121   9.746   1.00 124.94 ? 5  U   B OP2   1 
ATOM   352  O  "O5'" . U   B 2 4  ? -11.738 6.688   9.407   1.00 122.70 ? 5  U   B "O5'" 1 
ATOM   353  C  "C5'" . U   B 2 4  ? -10.914 7.665   8.814   1.00 117.66 ? 5  U   B "C5'" 1 
ATOM   354  C  "C4'" . U   B 2 4  ? -11.044 8.967   9.557   1.00 115.30 ? 5  U   B "C4'" 1 
ATOM   355  O  "O4'" . U   B 2 4  ? -10.701 8.758   10.946  1.00 112.77 ? 5  U   B "O4'" 1 
ATOM   356  C  "C3'" . U   B 2 4  ? -10.083 10.039  9.092   1.00 116.18 ? 5  U   B "C3'" 1 
ATOM   357  O  "O3'" . U   B 2 4  ? -10.585 10.714  7.965   1.00 120.25 ? 5  U   B "O3'" 1 
ATOM   358  C  "C2'" . U   B 2 4  ? -9.972  10.930  10.314  1.00 112.63 ? 5  U   B "C2'" 1 
ATOM   359  O  "O2'" . U   B 2 4  ? -11.049 11.841  10.473  1.00 109.87 ? 5  U   B "O2'" 1 
ATOM   360  C  "C1'" . U   B 2 4  ? -9.965  9.877   11.425  1.00 110.92 ? 5  U   B "C1'" 1 
ATOM   361  N  N1    . U   B 2 4  ? -8.587  9.411   11.675  1.00 107.68 ? 5  U   B N1    1 
ATOM   362  C  C2    . U   B 2 4  ? -7.642  10.344  12.094  1.00 106.07 ? 5  U   B C2    1 
ATOM   363  O  O2    . U   B 2 4  ? -7.903  11.547  12.256  1.00 105.43 ? 5  U   B O2    1 
ATOM   364  N  N3    . U   B 2 4  ? -6.389  9.826   12.325  1.00 104.03 ? 5  U   B N3    1 
ATOM   365  C  C4    . U   B 2 4  ? -5.985  8.506   12.164  1.00 102.85 ? 5  U   B C4    1 
ATOM   366  O  O4    . U   B 2 4  ? -4.829  8.206   12.428  1.00 101.42 ? 5  U   B O4    1 
ATOM   367  C  C5    . U   B 2 4  ? -7.004  7.606   11.710  1.00 103.58 ? 5  U   B C5    1 
ATOM   368  C  C6    . U   B 2 4  ? -8.242  8.072   11.492  1.00 105.93 ? 5  U   B C6    1 
ATOM   369  P  P     . G   B 2 5  ? -9.693  10.756  6.636   1.00 122.69 ? 6  G   B P     1 
ATOM   370  O  OP1   . G   B 2 5  ? -10.593 11.235  5.554   1.00 124.12 ? 6  G   B OP1   1 
ATOM   371  O  OP2   . G   B 2 5  ? -8.988  9.445   6.513   1.00 119.00 ? 6  G   B OP2   1 
ATOM   372  O  "O5'" . G   B 2 5  ? -8.623  11.883  6.979   1.00 116.48 ? 6  G   B "O5'" 1 
ATOM   373  C  "C5'" . G   B 2 5  ? -9.045  13.220  7.147   1.00 110.09 ? 6  G   B "C5'" 1 
ATOM   374  C  "C4'" . G   B 2 5  ? -7.936  14.056  7.712   1.00 106.36 ? 6  G   B "C4'" 1 
ATOM   375  O  "O4'" . G   B 2 5  ? -7.583  13.540  9.019   1.00 104.94 ? 6  G   B "O4'" 1 
ATOM   376  C  "C3'" . G   B 2 5  ? -6.626  13.966  6.953   1.00 103.87 ? 6  G   B "C3'" 1 
ATOM   377  O  "O3'" . G   B 2 5  ? -6.595  14.777  5.793   1.00 106.35 ? 6  G   B "O3'" 1 
ATOM   378  C  "C2'" . G   B 2 5  ? -5.617  14.392  8.007   1.00 102.28 ? 6  G   B "C2'" 1 
ATOM   379  O  "O2'" . G   B 2 5  ? -5.562  15.793  8.191   1.00 96.68  ? 6  G   B "O2'" 1 
ATOM   380  C  "C1'" . G   B 2 5  ? -6.193  13.709  9.241   1.00 101.25 ? 6  G   B "C1'" 1 
ATOM   381  N  N9    . G   B 2 5  ? -5.570  12.401  9.418   1.00 98.37  ? 6  G   B N9    1 
ATOM   382  C  C8    . G   B 2 5  ? -6.081  11.153  9.137   1.00 96.42  ? 6  G   B C8    1 
ATOM   383  N  N7    . G   B 2 5  ? -5.230  10.190  9.371   1.00 94.77  ? 6  G   B N7    1 
ATOM   384  C  C5    . G   B 2 5  ? -4.103  10.842  9.860   1.00 94.26  ? 6  G   B C5    1 
ATOM   385  C  C6    . G   B 2 5  ? -2.854  10.329  10.278  1.00 93.30  ? 6  G   B C6    1 
ATOM   386  O  O6    . G   B 2 5  ? -2.487  9.157   10.317  1.00 94.17  ? 6  G   B O6    1 
ATOM   387  N  N1    . G   B 2 5  ? -1.989  11.346  10.674  1.00 92.02  ? 6  G   B N1    1 
ATOM   388  C  C2    . G   B 2 5  ? -2.296  12.685  10.674  1.00 92.87  ? 6  G   B C2    1 
ATOM   389  N  N2    . G   B 2 5  ? -1.344  13.520  11.091  1.00 92.44  ? 6  G   B N2    1 
ATOM   390  N  N3    . G   B 2 5  ? -3.455  13.172  10.293  1.00 93.61  ? 6  G   B N3    1 
ATOM   391  C  C4    . G   B 2 5  ? -4.304  12.202  9.894   1.00 95.48  ? 6  G   B C4    1 
ATOM   392  P  P     . A   B 2 6  ? -5.781  14.277  4.503   1.00 106.90 ? 7  A   B P     1 
ATOM   393  O  OP1   . A   B 2 6  ? -6.164  15.176  3.386   1.00 110.03 ? 7  A   B OP1   1 
ATOM   394  O  OP2   . A   B 2 6  ? -5.980  12.809  4.366   1.00 105.41 ? 7  A   B OP2   1 
ATOM   395  O  "O5'" . A   B 2 6  ? -4.261  14.579  4.874   1.00 105.05 ? 7  A   B "O5'" 1 
ATOM   396  C  "C5'" . A   B 2 6  ? -3.870  15.879  5.313   1.00 101.09 ? 7  A   B "C5'" 1 
ATOM   397  C  "C4'" . A   B 2 6  ? -2.553  15.806  6.032   1.00 99.47  ? 7  A   B "C4'" 1 
ATOM   398  O  "O4'" . A   B 2 6  ? -2.696  14.962  7.198   1.00 98.36  ? 7  A   B "O4'" 1 
ATOM   399  C  "C3'" . A   B 2 6  ? -1.434  15.159  5.244   1.00 98.16  ? 7  A   B "C3'" 1 
ATOM   400  O  "O3'" . A   B 2 6  ? -0.806  16.124  4.439   1.00 100.97 ? 7  A   B "O3'" 1 
ATOM   401  C  "C2'" . A   B 2 6  ? -0.503  14.674  6.339   1.00 98.06  ? 7  A   B "C2'" 1 
ATOM   402  O  "O2'" . A   B 2 6  ? 0.307   15.703  6.863   1.00 96.70  ? 7  A   B "O2'" 1 
ATOM   403  C  "C1'" . A   B 2 6  ? -1.507  14.218  7.391   1.00 97.44  ? 7  A   B "C1'" 1 
ATOM   404  N  N9    . A   B 2 6  ? -1.823  12.803  7.238   1.00 95.82  ? 7  A   B N9    1 
ATOM   405  C  C8    . A   B 2 6  ? -2.943  12.222  6.700   1.00 95.27  ? 7  A   B C8    1 
ATOM   406  N  N7    . A   B 2 6  ? -2.910  10.913  6.702   1.00 95.07  ? 7  A   B N7    1 
ATOM   407  C  C5    . A   B 2 6  ? -1.687  10.617  7.288   1.00 95.32  ? 7  A   B C5    1 
ATOM   408  C  C6    . A   B 2 6  ? -1.058  9.406   7.585   1.00 94.99  ? 7  A   B C6    1 
ATOM   409  N  N6    . A   B 2 6  ? -1.611  8.217   7.306   1.00 95.10  ? 7  A   B N6    1 
ATOM   410  N  N1    . A   B 2 6  ? 0.163   9.457   8.171   1.00 93.77  ? 7  A   B N1    1 
ATOM   411  C  C2    . A   B 2 6  ? 0.699   10.657  8.433   1.00 93.34  ? 7  A   B C2    1 
ATOM   412  N  N3    . A   B 2 6  ? 0.204   11.866  8.201   1.00 93.67  ? 7  A   B N3    1 
ATOM   413  C  C4    . A   B 2 6  ? -1.009  11.772  7.622   1.00 94.72  ? 7  A   B C4    1 
ATOM   414  P  P     . G   B 2 7  ? -0.361  15.733  2.952   1.00 104.17 ? 8  G   B P     1 
ATOM   415  O  OP1   . G   B 2 7  ? 0.187   16.937  2.280   1.00 104.70 ? 8  G   B OP1   1 
ATOM   416  O  OP2   . G   B 2 7  ? -1.471  14.980  2.322   1.00 98.39  ? 8  G   B OP2   1 
ATOM   417  O  "O5'" . G   B 2 7  ? 0.862   14.745  3.167   1.00 104.59 ? 8  G   B "O5'" 1 
ATOM   418  C  "C5'" . G   B 2 7  ? 1.975   15.099  3.977   1.00 99.52  ? 8  G   B "C5'" 1 
ATOM   419  C  "C4'" . G   B 2 7  ? 2.727   13.851  4.332   1.00 98.90  ? 8  G   B "C4'" 1 
ATOM   420  O  "O4'" . G   B 2 7  ? 1.833   12.973  5.059   1.00 99.34  ? 8  G   B "O4'" 1 
ATOM   421  C  "C3'" . G   B 2 7  ? 3.154   13.029  3.128   1.00 97.01  ? 8  G   B "C3'" 1 
ATOM   422  O  "O3'" . G   B 2 7  ? 4.440   13.487  2.724   1.00 93.13  ? 8  G   B "O3'" 1 
ATOM   423  C  "C2'" . G   B 2 7  ? 3.249   11.627  3.713   1.00 98.27  ? 8  G   B "C2'" 1 
ATOM   424  O  "O2'" . G   B 2 7  ? 4.411   11.479  4.512   1.00 100.48 ? 8  G   B "O2'" 1 
ATOM   425  C  "C1'" . G   B 2 7  ? 2.084   11.631  4.701   1.00 96.89  ? 8  G   B "C1'" 1 
ATOM   426  N  N9    . G   B 2 7  ? 0.820   11.038  4.274   1.00 96.51  ? 8  G   B N9    1 
ATOM   427  C  C8    . G   B 2 7  ? -0.255  11.677  3.701   1.00 97.56  ? 8  G   B C8    1 
ATOM   428  N  N7    . G   B 2 7  ? -1.296  10.905  3.563   1.00 95.63  ? 8  G   B N7    1 
ATOM   429  C  C5    . G   B 2 7  ? -0.872  9.673   4.037   1.00 94.89  ? 8  G   B C5    1 
ATOM   430  C  C6    . G   B 2 7  ? -1.564  8.448   4.145   1.00 95.19  ? 8  G   B C6    1 
ATOM   431  O  O6    . G   B 2 7  ? -2.728  8.198   3.839   1.00 96.70  ? 8  G   B O6    1 
ATOM   432  N  N1    . G   B 2 7  ? -0.755  7.446   4.671   1.00 94.89  ? 8  G   B N1    1 
ATOM   433  C  C2    . G   B 2 7  ? 0.553   7.606   5.055   1.00 94.53  ? 8  G   B C2    1 
ATOM   434  N  N2    . G   B 2 7  ? 1.151   6.509   5.543   1.00 93.16  ? 8  G   B N2    1 
ATOM   435  N  N3    . G   B 2 7  ? 1.212   8.748   4.963   1.00 94.89  ? 8  G   B N3    1 
ATOM   436  C  C4    . G   B 2 7  ? 0.444   9.733   4.452   1.00 95.57  ? 8  G   B C4    1 
ATOM   437  P  P     . A   B 2 8  ? 5.108   12.909  1.390   1.00 90.36  ? 9  A   B P     1 
ATOM   438  O  OP1   . A   B 2 8  ? 5.564   14.049  0.569   1.00 91.03  ? 9  A   B OP1   1 
ATOM   439  O  OP2   . A   B 2 8  ? 4.109   11.934  0.834   1.00 87.93  ? 9  A   B OP2   1 
ATOM   440  O  "O5'" . A   B 2 8  ? 6.410   12.153  1.897   1.00 89.18  ? 9  A   B "O5'" 1 
ATOM   441  C  "C5'" . A   B 2 8  ? 7.405   12.821  2.655   1.00 80.77  ? 9  A   B "C5'" 1 
ATOM   442  C  "C4'" . A   B 2 8  ? 8.388   11.815  3.192   1.00 82.96  ? 9  A   B "C4'" 1 
ATOM   443  O  "O4'" . A   B 2 8  ? 7.740   11.009  4.208   1.00 81.77  ? 9  A   B "O4'" 1 
ATOM   444  C  "C3'" . A   B 2 8  ? 8.870   10.800  2.171   1.00 83.84  ? 9  A   B "C3'" 1 
ATOM   445  O  "O3'" . A   B 2 8  ? 9.976   11.304  1.456   1.00 83.90  ? 9  A   B "O3'" 1 
ATOM   446  C  "C2'" . A   B 2 8  ? 9.286   9.626   3.043   1.00 86.07  ? 9  A   B "C2'" 1 
ATOM   447  O  "O2'" . A   B 2 8  ? 10.582  9.787   3.579   1.00 92.23  ? 9  A   B "O2'" 1 
ATOM   448  C  "C1'" . A   B 2 8  ? 8.223   9.675   4.140   1.00 85.82  ? 9  A   B "C1'" 1 
ATOM   449  N  N9    . A   B 2 8  ? 7.090   8.808   3.837   1.00 85.52  ? 9  A   B N9    1 
ATOM   450  C  C8    . A   B 2 8  ? 5.848   9.199   3.432   1.00 86.33  ? 9  A   B C8    1 
ATOM   451  N  N7    . A   B 2 8  ? 5.016   8.207   3.250   1.00 86.52  ? 9  A   B N7    1 
ATOM   452  C  C5    . A   B 2 8  ? 5.765   7.088   3.564   1.00 85.11  ? 9  A   B C5    1 
ATOM   453  C  C6    . A   B 2 8  ? 5.447   5.731   3.596   1.00 83.97  ? 9  A   B C6    1 
ATOM   454  N  N6    . A   B 2 8  ? 4.241   5.250   3.302   1.00 83.44  ? 9  A   B N6    1 
ATOM   455  N  N1    . A   B 2 8  ? 6.412   4.872   3.949   1.00 84.43  ? 9  A   B N1    1 
ATOM   456  C  C2    . A   B 2 8  ? 7.619   5.356   4.250   1.00 84.87  ? 9  A   B C2    1 
ATOM   457  N  N3    . A   B 2 8  ? 8.036   6.615   4.267   1.00 85.58  ? 9  A   B N3    1 
ATOM   458  C  C4    . A   B 2 8  ? 7.049   7.440   3.912   1.00 85.16  ? 9  A   B C4    1 
ATOM   459  P  P     . A   B 2 9  ? 10.137  10.928  -0.081  1.00 90.42  ? 10 A   B P     1 
ATOM   460  O  OP1   . A   B 2 9  ? 11.313  11.636  -0.630  1.00 93.60  ? 10 A   B OP1   1 
ATOM   461  O  OP2   . A   B 2 9  ? 8.809   11.081  -0.718  1.00 90.18  ? 10 A   B OP2   1 
ATOM   462  O  "O5'" . A   B 2 9  ? 10.432  9.367   -0.061  1.00 85.30  ? 10 A   B "O5'" 1 
ATOM   463  C  "C5'" . A   B 2 9  ? 11.619  8.854   0.516   1.00 78.65  ? 10 A   B "C5'" 1 
ATOM   464  C  "C4'" . A   B 2 9  ? 11.617  7.359   0.421   1.00 74.99  ? 10 A   B "C4'" 1 
ATOM   465  O  "O4'" . A   B 2 9  ? 10.656  6.828   1.353   1.00 70.85  ? 10 A   B "O4'" 1 
ATOM   466  C  "C3'" . A   B 2 9  ? 11.159  6.848   -0.923  1.00 74.52  ? 10 A   B "C3'" 1 
ATOM   467  O  "O3'" . A   B 2 9  ? 12.263  6.785   -1.783  1.00 73.96  ? 10 A   B "O3'" 1 
ATOM   468  C  "C2'" . A   B 2 9  ? 10.643  5.465   -0.592  1.00 73.08  ? 10 A   B "C2'" 1 
ATOM   469  O  "O2'" . A   B 2 9  ? 11.611  4.458   -0.500  1.00 75.17  ? 10 A   B "O2'" 1 
ATOM   470  C  "C1'" . A   B 2 9  ? 10.028  5.705   0.781   1.00 73.33  ? 10 A   B "C1'" 1 
ATOM   471  N  N9    . A   B 2 9  ? 8.615   6.009   0.669   1.00 75.39  ? 10 A   B N9    1 
ATOM   472  C  C8    . A   B 2 9  ? 7.974   7.223   0.644   1.00 76.00  ? 10 A   B C8    1 
ATOM   473  N  N7    . A   B 2 9  ? 6.677   7.127   0.494   1.00 75.60  ? 10 A   B N7    1 
ATOM   474  C  C5    . A   B 2 9  ? 6.459   5.762   0.415   1.00 77.87  ? 10 A   B C5    1 
ATOM   475  C  C6    . A   B 2 9  ? 5.303   5.011   0.237   1.00 78.81  ? 10 A   B C6    1 
ATOM   476  N  N6    . A   B 2 9  ? 4.096   5.551   0.055   1.00 81.05  ? 10 A   B N6    1 
ATOM   477  N  N1    . A   B 2 9  ? 5.423   3.660   0.239   1.00 78.86  ? 10 A   B N1    1 
ATOM   478  C  C2    . A   B 2 9  ? 6.647   3.122   0.387   1.00 77.77  ? 10 A   B C2    1 
ATOM   479  N  N3    . A   B 2 9  ? 7.812   3.732   0.535   1.00 75.84  ? 10 A   B N3    1 
ATOM   480  C  C4    . A   B 2 9  ? 7.642   5.066   0.542   1.00 77.20  ? 10 A   B C4    1 
ATOM   481  P  P     . G   B 2 10 ? 12.039  6.934   -3.349  1.00 78.72  ? 11 G   B P     1 
ATOM   482  O  OP1   . G   B 2 10 ? 13.345  6.709   -4.020  1.00 77.99  ? 11 G   B OP1   1 
ATOM   483  O  OP2   . G   B 2 10 ? 11.355  8.249   -3.490  1.00 77.19  ? 11 G   B OP2   1 
ATOM   484  O  "O5'" . G   B 2 10 ? 11.096  5.705   -3.710  1.00 71.04  ? 11 G   B "O5'" 1 
ATOM   485  C  "C5'" . G   B 2 10 ? 11.623  4.397   -3.701  1.00 67.61  ? 11 G   B "C5'" 1 
ATOM   486  C  "C4'" . G   B 2 10 ? 10.538  3.396   -3.928  1.00 67.59  ? 11 G   B "C4'" 1 
ATOM   487  O  "O4'" . G   B 2 10 ? 9.581   3.500   -2.853  1.00 64.99  ? 11 G   B "O4'" 1 
ATOM   488  C  "C3'" . G   B 2 10 ? 9.716   3.613   -5.177  1.00 67.47  ? 11 G   B "C3'" 1 
ATOM   489  O  "O3'" . G   B 2 10 ? 10.316  3.049   -6.325  1.00 66.52  ? 11 G   B "O3'" 1 
ATOM   490  C  "C2'" . G   B 2 10 ? 8.415   2.911   -4.831  1.00 63.49  ? 11 G   B "C2'" 1 
ATOM   491  O  "O2'" . G   B 2 10 ? 8.509   1.508   -4.934  1.00 57.82  ? 11 G   B "O2'" 1 
ATOM   492  C  "C1'" . G   B 2 10 ? 8.278   3.286   -3.363  1.00 67.22  ? 11 G   B "C1'" 1 
ATOM   493  N  N9    . G   B 2 10 ? 7.524   4.519   -3.200  1.00 67.88  ? 11 G   B N9    1 
ATOM   494  C  C8    . G   B 2 10 ? 8.020   5.761   -2.908  1.00 67.69  ? 11 G   B C8    1 
ATOM   495  N  N7    . G   B 2 10 ? 7.086   6.667   -2.772  1.00 68.59  ? 11 G   B N7    1 
ATOM   496  C  C5    . G   B 2 10 ? 5.905   5.969   -2.998  1.00 68.52  ? 11 G   B C5    1 
ATOM   497  C  C6    . G   B 2 10 ? 4.543   6.414   -2.982  1.00 69.27  ? 11 G   B C6    1 
ATOM   498  O  O6    . G   B 2 10 ? 4.109   7.563   -2.755  1.00 71.31  ? 11 G   B O6    1 
ATOM   499  N  N1    . G   B 2 10 ? 3.669   5.375   -3.260  1.00 64.52  ? 11 G   B N1    1 
ATOM   500  C  C2    . G   B 2 10 ? 4.047   4.077   -3.522  1.00 66.24  ? 11 G   B C2    1 
ATOM   501  N  N2    . G   B 2 10 ? 3.055   3.202   -3.751  1.00 65.80  ? 11 G   B N2    1 
ATOM   502  N  N3    . G   B 2 10 ? 5.301   3.659   -3.552  1.00 64.72  ? 11 G   B N3    1 
ATOM   503  C  C4    . G   B 2 10 ? 6.167   4.648   -3.280  1.00 66.94  ? 11 G   B C4    1 
ATOM   504  P  P     . G   B 2 11 ? 9.864   3.578   -7.763  1.00 73.16  ? 12 G   B P     1 
ATOM   505  O  OP1   . G   B 2 11 ? 10.703  2.877   -8.793  1.00 70.38  ? 12 G   B OP1   1 
ATOM   506  O  OP2   . G   B 2 11 ? 9.801   5.064   -7.699  1.00 67.39  ? 12 G   B OP2   1 
ATOM   507  O  "O5'" . G   B 2 11 ? 8.405   2.995   -7.991  1.00 71.52  ? 12 G   B "O5'" 1 
ATOM   508  C  "C5'" . G   B 2 11 ? 8.232   1.603   -8.215  1.00 67.24  ? 12 G   B "C5'" 1 
ATOM   509  C  "C4'" . G   B 2 11 ? 6.778   1.248   -8.316  1.00 61.89  ? 12 G   B "C4'" 1 
ATOM   510  O  "O4'" . G   B 2 11 ? 6.118   1.690   -7.103  1.00 64.24  ? 12 G   B "O4'" 1 
ATOM   511  C  "C3'" . G   B 2 11 ? 6.011   1.979   -9.389  1.00 69.39  ? 12 G   B "C3'" 1 
ATOM   512  O  "O3'" . G   B 2 11 ? 6.161   1.395   -10.657 1.00 73.61  ? 12 G   B "O3'" 1 
ATOM   513  C  "C2'" . G   B 2 11 ? 4.586   1.867   -8.882  1.00 68.27  ? 12 G   B "C2'" 1 
ATOM   514  O  "O2'" . G   B 2 11 ? 4.104   0.548   -9.012  1.00 68.31  ? 12 G   B "O2'" 1 
ATOM   515  C  "C1'" . G   B 2 11 ? 4.803   2.111   -7.401  1.00 63.92  ? 12 G   B "C1'" 1 
ATOM   516  N  N9    . G   B 2 11 ? 4.678   3.526   -7.075  1.00 64.38  ? 12 G   B N9    1 
ATOM   517  C  C8    . G   B 2 11 ? 5.678   4.436   -6.862  1.00 64.40  ? 12 G   B C8    1 
ATOM   518  N  N7    . G   B 2 11 ? 5.222   5.615   -6.526  1.00 66.39  ? 12 G   B N7    1 
ATOM   519  C  C5    . G   B 2 11 ? 3.845   5.483   -6.557  1.00 61.61  ? 12 G   B C5    1 
ATOM   520  C  C6    . G   B 2 11 ? 2.818   6.434   -6.300  1.00 64.52  ? 12 G   B C6    1 
ATOM   521  O  O6    . G   B 2 11 ? 2.921   7.630   -6.002  1.00 68.59  ? 12 G   B O6    1 
ATOM   522  N  N1    . G   B 2 11 ? 1.560   5.868   -6.429  1.00 64.77  ? 12 G   B N1    1 
ATOM   523  C  C2    . G   B 2 11 ? 1.314   4.569   -6.774  1.00 65.73  ? 12 G   B C2    1 
ATOM   524  N  N2    . G   B 2 11 ? 0.031   4.213   -6.875  1.00 65.95  ? 12 G   B N2    1 
ATOM   525  N  N3    . G   B 2 11 ? 2.257   3.683   -7.028  1.00 64.57  ? 12 G   B N3    1 
ATOM   526  C  C4    . G   B 2 11 ? 3.489   4.204   -6.892  1.00 62.70  ? 12 G   B C4    1 
ATOM   527  P  P     . G   B 2 12 ? 6.029   2.317   -11.959 1.00 76.22  ? 13 G   B P     1 
ATOM   528  O  OP1   . G   B 2 12 ? 6.252   1.455   -13.143 1.00 77.75  ? 13 G   B OP1   1 
ATOM   529  O  OP2   . G   B 2 12 ? 6.853   3.556   -11.759 1.00 73.91  ? 13 G   B OP2   1 
ATOM   530  O  "O5'" . G   B 2 12 ? 4.490   2.736   -11.969 1.00 75.93  ? 13 G   B "O5'" 1 
ATOM   531  C  "C5'" . G   B 2 12 ? 3.493   1.748   -12.137 1.00 70.22  ? 13 G   B "C5'" 1 
ATOM   532  C  "C4'" . G   B 2 12 ? 2.108   2.339   -11.981 1.00 73.05  ? 13 G   B "C4'" 1 
ATOM   533  O  "O4'" . G   B 2 12 ? 2.008   3.012   -10.703 1.00 69.75  ? 13 G   B "O4'" 1 
ATOM   534  C  "C3'" . G   B 2 12 ? 1.778   3.429   -12.973 1.00 72.44  ? 13 G   B "C3'" 1 
ATOM   535  O  "O3'" . G   B 2 12 ? 1.418   2.873   -14.251 1.00 80.98  ? 13 G   B "O3'" 1 
ATOM   536  C  "C2'" . G   B 2 12 ? 0.683   4.213   -12.243 1.00 70.28  ? 13 G   B "C2'" 1 
ATOM   537  O  "O2'" . G   B 2 12 ? -0.553  3.557   -12.255 1.00 77.12  ? 13 G   B "O2'" 1 
ATOM   538  C  "C1'" . G   B 2 12 ? 1.167   4.140   -10.803 1.00 65.83  ? 13 G   B "C1'" 1 
ATOM   539  N  N9    . G   B 2 12 ? 1.890   5.316   -10.349 1.00 62.22  ? 13 G   B N9    1 
ATOM   540  C  C8    . G   B 2 12 ? 3.245   5.479   -10.224 1.00 64.54  ? 13 G   B C8    1 
ATOM   541  N  N7    . G   B 2 12 ? 3.581   6.669   -9.800  1.00 63.50  ? 13 G   B N7    1 
ATOM   542  C  C5    . G   B 2 12 ? 2.367   7.318   -9.628  1.00 63.00  ? 13 G   B C5    1 
ATOM   543  C  C6    . G   B 2 12 ? 2.083   8.638   -9.172  1.00 64.42  ? 13 G   B C6    1 
ATOM   544  O  O6    . G   B 2 12 ? 2.896   9.531   -8.864  1.00 67.43  ? 13 G   B O6    1 
ATOM   545  N  N1    . G   B 2 12 ? 0.725   8.871   -9.116  1.00 61.50  ? 13 G   B N1    1 
ATOM   546  C  C2    . G   B 2 12 ? -0.242  7.960   -9.458  1.00 60.52  ? 13 G   B C2    1 
ATOM   547  N  N2    . G   B 2 12 ? -1.504  8.377   -9.283  1.00 56.01  ? 13 G   B N2    1 
ATOM   548  N  N3    . G   B 2 12 ? 0.005   6.742   -9.914  1.00 62.11  ? 13 G   B N3    1 
ATOM   549  C  C4    . G   B 2 12 ? 1.321   6.490   -9.964  1.00 61.51  ? 13 G   B C4    1 
HETATM 550  P  P     . S9L B 2 13 ? 1.647   3.781   -15.583 1.00 84.22  ? 14 S9L B P     1 
HETATM 551  O  O1P   . S9L B 2 13 ? 1.160   2.888   -16.639 1.00 81.66  ? 14 S9L B O1P   1 
HETATM 552  O  O2P   . S9L B 2 13 ? 2.980   4.256   -15.313 1.00 82.76  ? 14 S9L B O2P   1 
HETATM 553  O  "O5'" . S9L B 2 13 ? 0.355   4.754   -15.444 1.00 88.44  ? 14 S9L B "O5'" 1 
HETATM 554  C  C12   . S9L B 2 13 ? -0.958  4.193   -15.170 1.00 94.21  ? 14 S9L B C12   1 
HETATM 555  C  C22   . S9L B 2 13 ? -2.078  5.197   -15.495 1.00 103.33 ? 14 S9L B C22   1 
HETATM 556  O  OH3   . S9L B 2 13 ? -2.097  5.461   -16.871 1.00 114.81 ? 14 S9L B OH3   1 
HETATM 557  C  C13   . S9L B 2 13 ? -2.943  3.540   -18.223 1.00 119.70 ? 14 S9L B C13   1 
HETATM 558  C  C23   . S9L B 2 13 ? -3.259  4.890   -17.495 1.00 117.09 ? 14 S9L B C23   1 
HETATM 559  O  OH4   . S9L B 2 13 ? -3.796  3.345   -19.372 1.00 123.79 ? 14 S9L B OH4   1 
HETATM 560  C  C14   . S9L B 2 13 ? -6.247  3.251   -19.875 1.00 121.35 ? 14 S9L B C14   1 
HETATM 561  C  C24   . S9L B 2 13 ? -5.042  2.667   -19.050 1.00 121.86 ? 14 S9L B C24   1 
HETATM 562  O  "O3'" . S9L B 2 13 ? -7.160  3.995   -19.038 1.00 105.14 ? 14 S9L B "O3'" 1 
ATOM   563  P  P     . G   B 2 14 ? -7.163  5.028   -17.810 1.00 90.79  ? 15 G   B P     1 
ATOM   564  O  OP1   . G   B 2 14 ? -6.139  6.085   -18.027 1.00 95.98  ? 15 G   B OP1   1 
ATOM   565  O  OP2   . G   B 2 14 ? -7.157  4.278   -16.522 1.00 92.69  ? 15 G   B OP2   1 
ATOM   566  O  "O5'" . G   B 2 14 ? -8.609  5.694   -17.905 1.00 95.40  ? 15 G   B "O5'" 1 
ATOM   567  C  "C5'" . G   B 2 14 ? -8.834  7.032   -17.478 1.00 86.26  ? 15 G   B "C5'" 1 
ATOM   568  C  "C4'" . G   B 2 14 ? -10.293 7.269   -17.173 1.00 82.61  ? 15 G   B "C4'" 1 
ATOM   569  O  "O4'" . G   B 2 14 ? -11.097 7.010   -18.347 1.00 84.19  ? 15 G   B "O4'" 1 
ATOM   570  C  "C3'" . G   B 2 14 ? -10.889 6.382   -16.101 1.00 78.56  ? 15 G   B "C3'" 1 
ATOM   571  O  "O3'" . G   B 2 14 ? -10.655 6.994   -14.841 1.00 78.51  ? 15 G   B "O3'" 1 
ATOM   572  C  "C2'" . G   B 2 14 ? -12.369 6.423   -16.441 1.00 78.97  ? 15 G   B "C2'" 1 
ATOM   573  O  "O2'" . G   B 2 14 ? -12.959 7.631   -16.007 1.00 79.54  ? 15 G   B "O2'" 1 
ATOM   574  C  "C1'" . G   B 2 14 ? -12.335 6.437   -17.963 1.00 80.15  ? 15 G   B "C1'" 1 
ATOM   575  N  N9    . G   B 2 14 ? -12.452 5.104   -18.545 1.00 79.67  ? 15 G   B N9    1 
ATOM   576  C  C8    . G   B 2 14 ? -11.450 4.338   -19.077 1.00 78.28  ? 15 G   B C8    1 
ATOM   577  N  N7    . G   B 2 14 ? -11.856 3.160   -19.467 1.00 79.49  ? 15 G   B N7    1 
ATOM   578  C  C5    . G   B 2 14 ? -13.218 3.167   -19.196 1.00 79.99  ? 15 G   B C5    1 
ATOM   579  C  C6    . G   B 2 14 ? -14.200 2.168   -19.397 1.00 79.05  ? 15 G   B C6    1 
ATOM   580  O  O6    . G   B 2 14 ? -14.055 1.045   -19.864 1.00 79.47  ? 15 G   B O6    1 
ATOM   581  N  N1    . G   B 2 14 ? -15.454 2.584   -18.979 1.00 78.37  ? 15 G   B N1    1 
ATOM   582  C  C2    . G   B 2 14 ? -15.733 3.809   -18.431 1.00 80.34  ? 15 G   B C2    1 
ATOM   583  N  N2    . G   B 2 14 ? -17.011 4.039   -18.079 1.00 82.06  ? 15 G   B N2    1 
ATOM   584  N  N3    . G   B 2 14 ? -14.827 4.748   -18.234 1.00 81.42  ? 15 G   B N3    1 
ATOM   585  C  C4    . G   B 2 14 ? -13.598 4.361   -18.636 1.00 79.71  ? 15 G   B C4    1 
ATOM   586  P  P     . G   B 2 15 ? -10.731 6.109   -13.497 1.00 74.53  ? 16 G   B P     1 
ATOM   587  O  OP1   . G   B 2 15 ? -10.250 6.947   -12.377 1.00 79.51  ? 16 G   B OP1   1 
ATOM   588  O  OP2   . G   B 2 15 ? -10.113 4.793   -13.781 1.00 69.13  ? 16 G   B OP2   1 
ATOM   589  O  "O5'" . G   B 2 15 ? -12.264 5.934   -13.203 1.00 77.04  ? 16 G   B "O5'" 1 
ATOM   590  C  "C5'" . G   B 2 15 ? -13.056 6.991   -12.703 1.00 76.27  ? 16 G   B "C5'" 1 
ATOM   591  C  "C4'" . G   B 2 15 ? -14.458 6.496   -12.522 1.00 81.13  ? 16 G   B "C4'" 1 
ATOM   592  O  "O4'" . G   B 2 15 ? -15.000 6.178   -13.830 1.00 80.10  ? 16 G   B "O4'" 1 
ATOM   593  C  "C3'" . G   B 2 15 ? -14.562 5.186   -11.759 1.00 80.15  ? 16 G   B "C3'" 1 
ATOM   594  O  "O3'" . G   B 2 15 ? -14.572 5.387   -10.359 1.00 80.64  ? 16 G   B "O3'" 1 
ATOM   595  C  "C2'" . G   B 2 15 ? -15.890 4.642   -12.256 1.00 77.75  ? 16 G   B "C2'" 1 
ATOM   596  O  "O2'" . G   B 2 15 ? -16.979 5.314   -11.634 1.00 78.06  ? 16 G   B "O2'" 1 
ATOM   597  C  "C1'" . G   B 2 15 ? -15.822 5.026   -13.734 1.00 80.80  ? 16 G   B "C1'" 1 
ATOM   598  N  N9    . G   B 2 15 ? -15.229 3.968   -14.550 1.00 82.25  ? 16 G   B N9    1 
ATOM   599  C  C8    . G   B 2 15 ? -13.931 3.869   -14.985 1.00 82.07  ? 16 G   B C8    1 
ATOM   600  N  N7    . G   B 2 15 ? -13.715 2.797   -15.702 1.00 82.94  ? 16 G   B N7    1 
ATOM   601  C  C5    . G   B 2 15 ? -14.937 2.149   -15.739 1.00 83.07  ? 16 G   B C5    1 
ATOM   602  C  C6    . G   B 2 15 ? -15.323 0.930   -16.373 1.00 83.95  ? 16 G   B C6    1 
ATOM   603  O  O6    . G   B 2 15 ? -14.639 0.161   -17.055 1.00 82.76  ? 16 G   B O6    1 
ATOM   604  N  N1    . G   B 2 15 ? -16.665 0.647   -16.150 1.00 84.99  ? 16 G   B N1    1 
ATOM   605  C  C2    . G   B 2 15 ? -17.527 1.434   -15.429 1.00 86.06  ? 16 G   B C2    1 
ATOM   606  N  N2    . G   B 2 15 ? -18.784 0.996   -15.346 1.00 88.45  ? 16 G   B N2    1 
ATOM   607  N  N3    . G   B 2 15 ? -17.184 2.567   -14.838 1.00 84.54  ? 16 G   B N3    1 
ATOM   608  C  C4    . G   B 2 15 ? -15.884 2.860   -15.033 1.00 83.19  ? 16 G   B C4    1 
ATOM   609  P  P     . C   B 2 16 ? -14.108 4.191   -9.384  1.00 75.85  ? 17 C   B P     1 
ATOM   610  O  OP1   . C   B 2 16 ? -14.200 4.705   -7.998  1.00 81.73  ? 17 C   B OP1   1 
ATOM   611  O  OP2   . C   B 2 16 ? -12.848 3.598   -9.922  1.00 82.11  ? 17 C   B OP2   1 
ATOM   612  O  "O5'" . C   B 2 16 ? -15.218 3.063   -9.564  1.00 77.78  ? 17 C   B "O5'" 1 
ATOM   613  C  "C5'" . C   B 2 16 ? -16.462 3.170   -8.891  1.00 78.73  ? 17 C   B "C5'" 1 
ATOM   614  C  "C4'" . C   B 2 16 ? -17.345 2.017   -9.269  1.00 80.31  ? 17 C   B "C4'" 1 
ATOM   615  O  "O4'" . C   B 2 16 ? -17.462 2.002   -10.712 1.00 82.43  ? 17 C   B "O4'" 1 
ATOM   616  C  "C3'" . C   B 2 16 ? -16.774 0.644   -8.957  1.00 81.01  ? 17 C   B "C3'" 1 
ATOM   617  O  "O3'" . C   B 2 16 ? -17.024 0.224   -7.638  1.00 84.99  ? 17 C   B "O3'" 1 
ATOM   618  C  "C2'" . C   B 2 16 ? -17.524 -0.235  -9.936  1.00 80.65  ? 17 C   B "C2'" 1 
ATOM   619  O  "O2'" . C   B 2 16 ? -18.843 -0.504  -9.508  1.00 76.92  ? 17 C   B "O2'" 1 
ATOM   620  C  "C1'" . C   B 2 16 ? -17.532 0.661   -11.169 1.00 80.28  ? 17 C   B "C1'" 1 
ATOM   621  N  N1    . C   B 2 16 ? -16.353 0.375   -11.995 1.00 79.97  ? 17 C   B N1    1 
ATOM   622  C  C2    . C   B 2 16 ? -16.364 -0.784  -12.774 1.00 80.42  ? 17 C   B C2    1 
ATOM   623  O  O2    . C   B 2 16 ? -17.361 -1.511  -12.739 1.00 80.00  ? 17 C   B O2    1 
ATOM   624  N  N3    . C   B 2 16 ? -15.278 -1.103  -13.518 1.00 81.16  ? 17 C   B N3    1 
ATOM   625  C  C4    . C   B 2 16 ? -14.209 -0.316  -13.492 1.00 79.28  ? 17 C   B C4    1 
ATOM   626  N  N4    . C   B 2 16 ? -13.155 -0.678  -14.223 1.00 77.58  ? 17 C   B N4    1 
ATOM   627  C  C5    . C   B 2 16 ? -14.171 0.878   -12.711 1.00 78.68  ? 17 C   B C5    1 
ATOM   628  C  C6    . C   B 2 16 ? -15.256 1.186   -11.988 1.00 78.22  ? 17 C   B C6    1 
ATOM   629  P  P     . A   B 2 17 ? -15.987 -0.765  -6.916  1.00 86.03  ? 18 A   B P     1 
ATOM   630  O  OP1   . A   B 2 17 ? -16.398 -0.856  -5.486  1.00 85.12  ? 18 A   B OP1   1 
ATOM   631  O  OP2   . A   B 2 17 ? -14.618 -0.325  -7.284  1.00 83.69  ? 18 A   B OP2   1 
ATOM   632  O  "O5'" . A   B 2 17 ? -16.221 -2.180  -7.603  1.00 84.38  ? 18 A   B "O5'" 1 
ATOM   633  C  "C5'" . A   B 2 17 ? -17.425 -2.881  -7.366  1.00 80.30  ? 18 A   B "C5'" 1 
ATOM   634  C  "C4'" . A   B 2 17 ? -17.452 -4.142  -8.175  1.00 79.94  ? 18 A   B "C4'" 1 
ATOM   635  O  "O4'" . A   B 2 17 ? -17.364 -3.813  -9.586  1.00 77.31  ? 18 A   B "O4'" 1 
ATOM   636  C  "C3'" . A   B 2 17 ? -16.245 -5.014  -7.956  1.00 82.72  ? 18 A   B "C3'" 1 
ATOM   637  O  "O3'" . A   B 2 17 ? -16.381 -5.754  -6.776  1.00 88.00  ? 18 A   B "O3'" 1 
ATOM   638  C  "C2'" . A   B 2 17 ? -16.221 -5.851  -9.219  1.00 82.34  ? 18 A   B "C2'" 1 
ATOM   639  O  "O2'" . A   B 2 17 ? -17.162 -6.897  -9.148  1.00 87.50  ? 18 A   B "O2'" 1 
ATOM   640  C  "C1'" . A   B 2 17 ? -16.634 -4.814  -10.261 1.00 78.73  ? 18 A   B "C1'" 1 
ATOM   641  N  N9    . A   B 2 17 ? -15.469 -4.204  -10.885 1.00 79.95  ? 18 A   B N9    1 
ATOM   642  C  C8    . A   B 2 17 ? -14.932 -2.953  -10.707 1.00 78.37  ? 18 A   B C8    1 
ATOM   643  N  N7    . A   B 2 17 ? -13.843 -2.744  -11.419 1.00 77.16  ? 18 A   B N7    1 
ATOM   644  C  C5    . A   B 2 17 ? -13.661 -3.938  -12.108 1.00 76.05  ? 18 A   B C5    1 
ATOM   645  C  C6    . A   B 2 17 ? -12.684 -4.370  -13.028 1.00 73.64  ? 18 A   B C6    1 
ATOM   646  N  N6    . A   B 2 17 ? -11.663 -3.629  -13.446 1.00 71.33  ? 18 A   B N6    1 
ATOM   647  N  N1    . A   B 2 17 ? -12.794 -5.617  -13.520 1.00 74.19  ? 18 A   B N1    1 
ATOM   648  C  C2    . A   B 2 17 ? -13.826 -6.372  -13.123 1.00 78.26  ? 18 A   B C2    1 
ATOM   649  N  N3    . A   B 2 17 ? -14.809 -6.080  -12.273 1.00 77.99  ? 18 A   B N3    1 
ATOM   650  C  C4    . A   B 2 17 ? -14.661 -4.835  -11.793 1.00 77.92  ? 18 A   B C4    1 
ATOM   651  P  P     . G   B 2 18 ? -15.070 -6.298  -6.037  1.00 94.52  ? 19 G   B P     1 
ATOM   652  O  OP1   . G   B 2 18 ? -15.509 -6.870  -4.737  1.00 89.22  ? 19 G   B OP1   1 
ATOM   653  O  OP2   . G   B 2 18 ? -14.046 -5.203  -6.071  1.00 95.60  ? 19 G   B OP2   1 
ATOM   654  O  "O5'" . G   B 2 18 ? -14.534 -7.436  -7.023  1.00 90.52  ? 19 G   B "O5'" 1 
ATOM   655  C  "C5'" . G   B 2 18 ? -15.350 -8.557  -7.308  1.00 83.61  ? 19 G   B "C5'" 1 
ATOM   656  C  "C4'" . G   B 2 18 ? -14.694 -9.460  -8.315  1.00 85.02  ? 19 G   B "C4'" 1 
ATOM   657  O  "O4'" . G   B 2 18 ? -14.578 -8.776  -9.589  1.00 84.83  ? 19 G   B "O4'" 1 
ATOM   658  C  "C3'" . G   B 2 18 ? -13.265 -9.858  -8.010  1.00 87.93  ? 19 G   B "C3'" 1 
ATOM   659  O  "O3'" . G   B 2 18 ? -13.183 -10.911 -7.062  1.00 93.06  ? 19 G   B "O3'" 1 
ATOM   660  C  "C2'" . G   B 2 18 ? -12.737 -10.261 -9.383  1.00 86.11  ? 19 G   B "C2'" 1 
ATOM   661  O  "O2'" . G   B 2 18 ? -13.166 -11.544 -9.800  1.00 85.65  ? 19 G   B "O2'" 1 
ATOM   662  C  "C1'" . G   B 2 18 ? -13.416 -9.228  -10.267 1.00 83.91  ? 19 G   B "C1'" 1 
ATOM   663  N  N9    . G   B 2 18 ? -12.532 -8.107  -10.501 1.00 81.53  ? 19 G   B N9    1 
ATOM   664  C  C8    . G   B 2 18 ? -12.586 -6.859  -9.934  1.00 82.34  ? 19 G   B C8    1 
ATOM   665  N  N7    . G   B 2 18 ? -11.639 -6.064  -10.354 1.00 82.31  ? 19 G   B N7    1 
ATOM   666  C  C5    . G   B 2 18 ? -10.921 -6.839  -11.261 1.00 79.82  ? 19 G   B C5    1 
ATOM   667  C  C6    . G   B 2 18 ? -9.788  -6.524  -12.032 1.00 79.12  ? 19 G   B C6    1 
ATOM   668  O  O6    . G   B 2 18 ? -9.191  -5.460  -12.094 1.00 79.30  ? 19 G   B O6    1 
ATOM   669  N  N1    . G   B 2 18 ? -9.364  -7.611  -12.790 1.00 79.12  ? 19 G   B N1    1 
ATOM   670  C  C2    . G   B 2 18 ? -9.953  -8.839  -12.798 1.00 78.66  ? 19 G   B C2    1 
ATOM   671  N  N2    . G   B 2 18 ? -9.355  -9.754  -13.564 1.00 77.11  ? 19 G   B N2    1 
ATOM   672  N  N3    . G   B 2 18 ? -11.030 -9.143  -12.096 1.00 79.59  ? 19 G   B N3    1 
ATOM   673  C  C4    . G   B 2 18 ? -11.455 -8.103  -11.352 1.00 80.62  ? 19 G   B C4    1 
ATOM   674  P  P     . A   B 2 19 ? -11.943 -10.925 -6.027  1.00 99.92  ? 20 A   B P     1 
ATOM   675  O  OP1   . A   B 2 19 ? -12.127 -12.097 -5.146  1.00 97.06  ? 20 A   B OP1   1 
ATOM   676  O  OP2   . A   B 2 19 ? -11.829 -9.579  -5.412  1.00 100.11 ? 20 A   B OP2   1 
ATOM   677  O  "O5'" . A   B 2 19 ? -10.677 -11.207 -6.957  1.00 95.84  ? 20 A   B "O5'" 1 
ATOM   678  C  "C5'" . A   B 2 19 ? -10.564 -12.435 -7.645  1.00 88.81  ? 20 A   B "C5'" 1 
ATOM   679  C  "C4'" . A   B 2 19 ? -9.462  -12.392 -8.669  1.00 86.73  ? 20 A   B "C4'" 1 
ATOM   680  O  "O4'" . A   B 2 19 ? -9.747  -11.345 -9.631  1.00 84.49  ? 20 A   B "O4'" 1 
ATOM   681  C  "C3'" . A   B 2 19 ? -8.070  -12.051 -8.164  1.00 85.61  ? 20 A   B "C3'" 1 
ATOM   682  O  "O3'" . A   B 2 19 ? -7.387  -13.183 -7.648  1.00 87.06  ? 20 A   B "O3'" 1 
ATOM   683  C  "C2'" . A   B 2 19 ? -7.393  -11.530 -9.420  1.00 84.02  ? 20 A   B "C2'" 1 
ATOM   684  O  "O2'" . A   B 2 19 ? -6.983  -12.563 -10.274 1.00 83.74  ? 20 A   B "O2'" 1 
ATOM   685  C  "C1'" . A   B 2 19 ? -8.535  -10.758 -10.066 1.00 83.57  ? 20 A   B "C1'" 1 
ATOM   686  N  N9    . A   B 2 19 ? -8.496  -9.367  -9.632  1.00 82.12  ? 20 A   B N9    1 
ATOM   687  C  C8    . A   B 2 19 ? -9.279  -8.707  -8.718  1.00 81.74  ? 20 A   B C8    1 
ATOM   688  N  N7    . A   B 2 19 ? -8.950  -7.450  -8.552  1.00 80.43  ? 20 A   B N7    1 
ATOM   689  C  C5    . A   B 2 19 ? -7.881  -7.272  -9.426  1.00 78.77  ? 20 A   B C5    1 
ATOM   690  C  C6    . A   B 2 19 ? -7.081  -6.162  -9.728  1.00 78.42  ? 20 A   B C6    1 
ATOM   691  N  N6    . A   B 2 19 ? -7.253  -4.966  -9.148  1.00 77.06  ? 20 A   B N6    1 
ATOM   692  N  N1    . A   B 2 19 ? -6.098  -6.326  -10.644 1.00 79.03  ? 20 A   B N1    1 
ATOM   693  C  C2    . A   B 2 19 ? -5.942  -7.523  -11.210 1.00 78.74  ? 20 A   B C2    1 
ATOM   694  N  N3    . A   B 2 19 ? -6.624  -8.647  -11.003 1.00 79.91  ? 20 A   B N3    1 
ATOM   695  C  C4    . A   B 2 19 ? -7.595  -8.443  -10.094 1.00 79.21  ? 20 A   B C4    1 
ATOM   696  P  P     . G   B 2 20 ? -6.365  -12.980 -6.433  1.00 88.72  ? 21 G   B P     1 
ATOM   697  O  OP1   . G   B 2 20 ? -5.646  -14.235 -6.115  1.00 89.32  ? 21 G   B OP1   1 
ATOM   698  O  OP2   . G   B 2 20 ? -7.160  -12.293 -5.377  1.00 88.46  ? 21 G   B OP2   1 
ATOM   699  O  "O5'" . G   B 2 20 ? -5.249  -12.029 -7.035  1.00 89.35  ? 21 G   B "O5'" 1 
ATOM   700  C  "C5'" . G   B 2 20 ? -4.434  -12.471 -8.111  1.00 86.69  ? 21 G   B "C5'" 1 
ATOM   701  C  "C4'" . G   B 2 20 ? -3.449  -11.398 -8.486  1.00 86.60  ? 21 G   B "C4'" 1 
ATOM   702  O  "O4'" . G   B 2 20 ? -4.165  -10.260 -9.037  1.00 87.10  ? 21 G   B "O4'" 1 
ATOM   703  C  "C3'" . G   B 2 20 ? -2.627  -10.818 -7.352  1.00 85.96  ? 21 G   B "C3'" 1 
ATOM   704  O  "O3'" . G   B 2 20 ? -1.467  -11.605 -7.146  1.00 87.67  ? 21 G   B "O3'" 1 
ATOM   705  C  "C2'" . G   B 2 20 ? -2.232  -9.467  -7.920  1.00 86.28  ? 21 G   B "C2'" 1 
ATOM   706  O  "O2'" . G   B 2 20 ? -1.242  -9.672  -8.922  1.00 87.53  ? 21 G   B "O2'" 1 
ATOM   707  C  "C1'" . G   B 2 20 ? -3.517  -9.059  -8.647  1.00 84.13  ? 21 G   B "C1'" 1 
ATOM   708  N  N9    . G   B 2 20 ? -4.428  -8.266  -7.824  1.00 81.11  ? 21 G   B N9    1 
ATOM   709  C  C8    . G   B 2 20 ? -5.431  -8.724  -6.995  1.00 78.98  ? 21 G   B C8    1 
ATOM   710  N  N7    . G   B 2 20 ? -6.071  -7.761  -6.387  1.00 78.06  ? 21 G   B N7    1 
ATOM   711  C  C5    . G   B 2 20 ? -5.457  -6.594  -6.834  1.00 77.97  ? 21 G   B C5    1 
ATOM   712  C  C6    . G   B 2 20 ? -5.715  -5.220  -6.507  1.00 77.61  ? 21 G   B C6    1 
ATOM   713  O  O6    . G   B 2 20 ? -6.570  -4.752  -5.736  1.00 78.82  ? 21 G   B O6    1 
ATOM   714  N  N1    . G   B 2 20 ? -4.842  -4.360  -7.183  1.00 75.57  ? 21 G   B N1    1 
ATOM   715  C  C2    . G   B 2 20 ? -3.856  -4.761  -8.056  1.00 76.83  ? 21 G   B C2    1 
ATOM   716  N  N2    . G   B 2 20 ? -3.107  -3.789  -8.581  1.00 73.52  ? 21 G   B N2    1 
ATOM   717  N  N3    . G   B 2 20 ? -3.613  -6.033  -8.374  1.00 76.81  ? 21 G   B N3    1 
ATOM   718  C  C4    . G   B 2 20 ? -4.441  -6.887  -7.728  1.00 77.72  ? 21 G   B C4    1 
ATOM   719  P  P     . A   B 2 21 ? -1.023  -11.981 -5.654  1.00 86.50  ? 22 A   B P     1 
ATOM   720  O  OP1   . A   B 2 21 ? -1.651  -13.289 -5.335  1.00 86.75  ? 22 A   B OP1   1 
ATOM   721  O  OP2   . A   B 2 21 ? -1.285  -10.788 -4.788  1.00 88.00  ? 22 A   B OP2   1 
ATOM   722  O  "O5'" . A   B 2 21 ? 0.547   -12.168 -5.795  1.00 83.90  ? 22 A   B "O5'" 1 
ATOM   723  C  "C5'" . A   B 2 21 ? 1.441   -11.081 -5.588  1.00 83.86  ? 22 A   B "C5'" 1 
ATOM   724  C  "C4'" . A   B 2 21 ? 2.221   -10.801 -6.850  1.00 85.30  ? 22 A   B "C4'" 1 
ATOM   725  O  "O4'" . A   B 2 21 ? 1.388   -10.056 -7.782  1.00 83.34  ? 22 A   B "O4'" 1 
ATOM   726  C  "C3'" . A   B 2 21 ? 3.453   -9.938  -6.671  1.00 82.35  ? 22 A   B "C3'" 1 
ATOM   727  O  "O3'" . A   B 2 21 ? 4.537   -10.750 -6.259  1.00 81.99  ? 22 A   B "O3'" 1 
ATOM   728  C  "C2'" . A   B 2 21 ? 3.634   -9.349  -8.064  1.00 82.93  ? 22 A   B "C2'" 1 
ATOM   729  O  "O2'" . A   B 2 21 ? 4.287   -10.199 -8.979  1.00 85.48  ? 22 A   B "O2'" 1 
ATOM   730  C  "C1'" . A   B 2 21 ? 2.183   -9.108  -8.476  1.00 80.89  ? 22 A   B "C1'" 1 
ATOM   731  N  N9    . A   B 2 21 ? 1.741   -7.767  -8.076  1.00 78.87  ? 22 A   B N9    1 
ATOM   732  C  C8    . A   B 2 21 ? 0.828   -7.415  -7.106  1.00 78.11  ? 22 A   B C8    1 
ATOM   733  N  N7    . A   B 2 21 ? 0.662   -6.118  -6.982  1.00 76.18  ? 22 A   B N7    1 
ATOM   734  C  C5    . A   B 2 21 ? 1.525   -5.581  -7.929  1.00 77.87  ? 22 A   B C5    1 
ATOM   735  C  C6    . A   B 2 21 ? 1.825   -4.252  -8.303  1.00 77.72  ? 22 A   B C6    1 
ATOM   736  N  N6    . A   B 2 21 ? 1.283   -3.178  -7.728  1.00 76.78  ? 22 A   B N6    1 
ATOM   737  N  N1    . A   B 2 21 ? 2.718   -4.061  -9.300  1.00 76.00  ? 22 A   B N1    1 
ATOM   738  C  C2    . A   B 2 21 ? 3.278   -5.136  -9.866  1.00 76.63  ? 22 A   B C2    1 
ATOM   739  N  N3    . A   B 2 21 ? 3.088   -6.429  -9.599  1.00 77.37  ? 22 A   B N3    1 
ATOM   740  C  C4    . A   B 2 21 ? 2.191   -6.584  -8.611  1.00 77.72  ? 22 A   B C4    1 
ATOM   741  P  P     . A   B 2 22 ? 5.485   -10.249 -5.066  1.00 86.51  ? 23 A   B P     1 
ATOM   742  O  OP1   . A   B 2 22 ? 6.471   -11.300 -4.759  1.00 89.81  ? 23 A   B OP1   1 
ATOM   743  O  OP2   . A   B 2 22 ? 4.616   -9.706  -3.998  1.00 78.41  ? 23 A   B OP2   1 
ATOM   744  O  "O5'" . A   B 2 22 ? 6.261   -9.073  -5.783  1.00 83.94  ? 23 A   B "O5'" 1 
ATOM   745  C  "C5'" . A   B 2 22 ? 6.958   -9.326  -6.998  1.00 78.34  ? 23 A   B "C5'" 1 
ATOM   746  C  "C4'" . A   B 2 22 ? 7.362   -8.026  -7.622  1.00 79.98  ? 23 A   B "C4'" 1 
ATOM   747  O  "O4'" . A   B 2 22 ? 6.162   -7.325  -8.027  1.00 80.07  ? 23 A   B "O4'" 1 
ATOM   748  C  "C3'" . A   B 2 22 ? 8.027   -7.062  -6.651  1.00 80.85  ? 23 A   B "C3'" 1 
ATOM   749  O  "O3'" . A   B 2 22 ? 9.416   -7.282  -6.529  1.00 82.02  ? 23 A   B "O3'" 1 
ATOM   750  C  "C2'" . A   B 2 22 ? 7.757   -5.719  -7.292  1.00 78.41  ? 23 A   B "C2'" 1 
ATOM   751  O  "O2'" . A   B 2 22 ? 8.654   -5.468  -8.345  1.00 75.81  ? 23 A   B "O2'" 1 
ATOM   752  C  "C1'" . A   B 2 22 ? 6.344   -5.933  -7.835  1.00 79.68  ? 23 A   B "C1'" 1 
ATOM   753  N  N9    . A   B 2 22 ? 5.355   -5.454  -6.874  1.00 77.38  ? 23 A   B N9    1 
ATOM   754  C  C8    . A   B 2 22 ? 4.536   -6.158  -6.033  1.00 76.17  ? 23 A   B C8    1 
ATOM   755  N  N7    . A   B 2 22 ? 3.808   -5.393  -5.252  1.00 75.42  ? 23 A   B N7    1 
ATOM   756  C  C5    . A   B 2 22 ? 4.171   -4.102  -5.613  1.00 73.63  ? 23 A   B C5    1 
ATOM   757  C  C6    . A   B 2 22 ? 3.780   -2.833  -5.147  1.00 71.70  ? 23 A   B C6    1 
ATOM   758  N  N6    . A   B 2 22 ? 2.929   -2.629  -4.146  1.00 69.48  ? 23 A   B N6    1 
ATOM   759  N  N1    . A   B 2 22 ? 4.323   -1.752  -5.746  1.00 71.11  ? 23 A   B N1    1 
ATOM   760  C  C2    . A   B 2 22 ? 5.206   -1.941  -6.731  1.00 72.29  ? 23 A   B C2    1 
ATOM   761  N  N3    . A   B 2 22 ? 5.664   -3.071  -7.234  1.00 74.45  ? 23 A   B N3    1 
ATOM   762  C  C4    . A   B 2 22 ? 5.103   -4.129  -6.625  1.00 74.35  ? 23 A   B C4    1 
ATOM   763  P  P     . A   B 2 23 ? 10.182  -6.759  -5.217  1.00 87.15  ? 24 A   B P     1 
ATOM   764  O  OP1   . A   B 2 23 ? 11.622  -7.124  -5.350  1.00 90.59  ? 24 A   B OP1   1 
ATOM   765  O  OP2   . A   B 2 23 ? 9.424   -7.182  -3.999  1.00 80.18  ? 24 A   B OP2   1 
ATOM   766  O  "O5'" . A   B 2 23 ? 10.075  -5.179  -5.322  1.00 80.42  ? 24 A   B "O5'" 1 
ATOM   767  C  "C5'" . A   B 2 23 ? 10.844  -4.474  -6.276  1.00 74.75  ? 24 A   B "C5'" 1 
ATOM   768  C  "C4'" . A   B 2 23 ? 10.625  -3.002  -6.108  1.00 75.26  ? 24 A   B "C4'" 1 
ATOM   769  O  "O4'" . A   B 2 23 ? 9.221   -2.729  -6.295  1.00 75.09  ? 24 A   B "O4'" 1 
ATOM   770  C  "C3'" . A   B 2 23 ? 10.937  -2.478  -4.721  1.00 74.13  ? 24 A   B "C3'" 1 
ATOM   771  O  "O3'" . A   B 2 23 ? 12.316  -2.160  -4.673  1.00 73.67  ? 24 A   B "O3'" 1 
ATOM   772  C  "C2'" . A   B 2 23 ? 10.064  -1.238  -4.649  1.00 73.58  ? 24 A   B "C2'" 1 
ATOM   773  O  "O2'" . A   B 2 23 ? 10.622  -0.164  -5.365  1.00 78.54  ? 24 A   B "O2'" 1 
ATOM   774  C  "C1'" . A   B 2 23 ? 8.825   -1.716  -5.400  1.00 72.23  ? 24 A   B "C1'" 1 
ATOM   775  N  N9    . A   B 2 23 ? 7.860   -2.299  -4.483  1.00 69.93  ? 24 A   B N9    1 
ATOM   776  C  C8    . A   B 2 23 ? 7.582   -3.622  -4.243  1.00 69.21  ? 24 A   B C8    1 
ATOM   777  N  N7    . A   B 2 23 ? 6.670   -3.806  -3.320  1.00 67.85  ? 24 A   B N7    1 
ATOM   778  C  C5    . A   B 2 23 ? 6.323   -2.524  -2.932  1.00 66.97  ? 24 A   B C5    1 
ATOM   779  C  C6    . A   B 2 23 ? 5.427   -2.027  -1.962  1.00 69.10  ? 24 A   B C6    1 
ATOM   780  N  N6    . A   B 2 23 ? 4.713   -2.795  -1.122  1.00 67.88  ? 24 A   B N6    1 
ATOM   781  N  N1    . A   B 2 23 ? 5.318   -0.679  -1.855  1.00 69.02  ? 24 A   B N1    1 
ATOM   782  C  C2    . A   B 2 23 ? 6.078   0.103   -2.638  1.00 66.28  ? 24 A   B C2    1 
ATOM   783  N  N3    . A   B 2 23 ? 6.971   -0.247  -3.557  1.00 65.70  ? 24 A   B N3    1 
ATOM   784  C  C4    . A   B 2 23 ? 7.044   -1.588  -3.654  1.00 67.40  ? 24 A   B C4    1 
ATOM   785  P  P     . C   B 2 24 ? 13.127  -2.344  -3.306  1.00 77.05  ? 25 C   B P     1 
ATOM   786  O  OP1   . C   B 2 24 ? 14.504  -1.885  -3.576  1.00 77.11  ? 25 C   B OP1   1 
ATOM   787  O  OP2   . C   B 2 24 ? 12.870  -3.741  -2.813  1.00 70.17  ? 25 C   B OP2   1 
ATOM   788  O  "O5'" . C   B 2 24 ? 12.450  -1.268  -2.352  1.00 69.08  ? 25 C   B "O5'" 1 
ATOM   789  C  "C5'" . C   B 2 24 ? 12.597  0.125   -2.603  1.00 67.40  ? 25 C   B "C5'" 1 
ATOM   790  C  "C4'" . C   B 2 24 ? 11.663  0.903   -1.706  1.00 68.39  ? 25 C   B "C4'" 1 
ATOM   791  O  "O4'" . C   B 2 24 ? 10.307  0.477   -1.965  1.00 71.08  ? 25 C   B "O4'" 1 
ATOM   792  C  "C3'" . C   B 2 24 ? 11.844  0.640   -0.224  1.00 66.80  ? 25 C   B "C3'" 1 
ATOM   793  O  "O3'" . C   B 2 24 ? 12.795  1.512   0.334   1.00 67.07  ? 25 C   B "O3'" 1 
ATOM   794  C  "C2'" . C   B 2 24 ? 10.482  0.981   0.353   1.00 64.62  ? 25 C   B "C2'" 1 
ATOM   795  O  "O2'" . C   B 2 24 ? 10.262  2.365   0.498   1.00 62.41  ? 25 C   B "O2'" 1 
ATOM   796  C  "C1'" . C   B 2 24 ? 9.572   0.478   -0.757  1.00 65.70  ? 25 C   B "C1'" 1 
ATOM   797  N  N1    . C   B 2 24 ? 9.088   -0.876  -0.517  1.00 64.96  ? 25 C   B N1    1 
ATOM   798  C  C2    . C   B 2 24 ? 8.050   -1.045  0.386   1.00 65.90  ? 25 C   B C2    1 
ATOM   799  O  O2    . C   B 2 24 ? 7.652   -0.032  0.986   1.00 68.75  ? 25 C   B O2    1 
ATOM   800  N  N3    . C   B 2 24 ? 7.540   -2.271  0.595   1.00 64.09  ? 25 C   B N3    1 
ATOM   801  C  C4    . C   B 2 24 ? 8.040   -3.315  -0.065  1.00 64.85  ? 25 C   B C4    1 
ATOM   802  N  N4    . C   B 2 24 ? 7.467   -4.511  0.147   1.00 63.10  ? 25 C   B N4    1 
ATOM   803  C  C5    . C   B 2 24 ? 9.137   -3.177  -0.979  1.00 65.40  ? 25 C   B C5    1 
ATOM   804  C  C6    . C   B 2 24 ? 9.626   -1.945  -1.171  1.00 63.79  ? 25 C   B C6    1 
ATOM   805  P  P     . A   B 2 25 ? 13.525  1.122   1.709   1.00 69.36  ? 26 A   B P     1 
ATOM   806  O  OP1   . A   B 2 25 ? 14.519  2.192   1.996   1.00 69.60  ? 26 A   B OP1   1 
ATOM   807  O  OP2   . A   B 2 25 ? 13.910  -0.316  1.698   1.00 69.30  ? 26 A   B OP2   1 
ATOM   808  O  "O5'" . A   B 2 25 ? 12.372  1.255   2.796   1.00 64.32  ? 26 A   B "O5'" 1 
ATOM   809  C  "C5'" . A   B 2 25 ? 11.935  2.524   3.189   1.00 60.30  ? 26 A   B "C5'" 1 
ATOM   810  C  "C4'" . A   B 2 25 ? 10.808  2.398   4.155   1.00 64.36  ? 26 A   B "C4'" 1 
ATOM   811  O  "O4'" . A   B 2 25 ? 9.755   1.632   3.531   1.00 63.73  ? 26 A   B "O4'" 1 
ATOM   812  C  "C3'" . A   B 2 25 ? 11.138  1.582   5.378   1.00 67.40  ? 26 A   B "C3'" 1 
ATOM   813  O  "O3'" . A   B 2 25 ? 11.784  2.350   6.368   1.00 74.80  ? 26 A   B "O3'" 1 
ATOM   814  C  "C2'" . A   B 2 25 ? 9.761   1.143   5.838   1.00 64.93  ? 26 A   B "C2'" 1 
ATOM   815  O  "O2'" . A   B 2 25 ? 9.046   2.189   6.459   1.00 63.74  ? 26 A   B "O2'" 1 
ATOM   816  C  "C1'" . A   B 2 25 ? 9.111   0.844   4.502   1.00 61.21  ? 26 A   B "C1'" 1 
ATOM   817  N  N9    . A   B 2 25 ? 9.285   -0.543  4.108   1.00 62.41  ? 26 A   B N9    1 
ATOM   818  C  C8    . A   B 2 25 ? 10.163  -1.052  3.184   1.00 62.29  ? 26 A   B C8    1 
ATOM   819  N  N7    . A   B 2 25 ? 10.020  -2.341  2.980   1.00 61.86  ? 26 A   B N7    1 
ATOM   820  C  C5    . A   B 2 25 ? 8.993   -2.699  3.846   1.00 60.43  ? 26 A   B C5    1 
ATOM   821  C  C6    . A   B 2 25 ? 8.354   -3.922  4.099   1.00 61.82  ? 26 A   B C6    1 
ATOM   822  N  N6    . A   B 2 25 ? 8.666   -5.066  3.481   1.00 61.95  ? 26 A   B N6    1 
ATOM   823  N  N1    . A   B 2 25 ? 7.364   -3.935  5.021   1.00 63.16  ? 26 A   B N1    1 
ATOM   824  C  C2    . A   B 2 25 ? 7.058   -2.789  5.644   1.00 64.31  ? 26 A   B C2    1 
ATOM   825  N  N3    . A   B 2 25 ? 7.580   -1.580  5.487   1.00 63.49  ? 26 A   B N3    1 
ATOM   826  C  C4    . A   B 2 25 ? 8.554   -1.605  4.560   1.00 60.63  ? 26 A   B C4    1 
ATOM   827  P  P     . C   B 2 26 ? 12.750  1.618   7.425   1.00 79.34  ? 27 C   B P     1 
ATOM   828  O  OP1   . C   B 2 26 ? 13.070  2.691   8.404   1.00 76.80  ? 27 C   B OP1   1 
ATOM   829  O  OP2   . C   B 2 26 ? 13.816  0.936   6.646   1.00 69.08  ? 27 C   B OP2   1 
ATOM   830  O  "O5'" . C   B 2 26 ? 11.787  0.585   8.164   1.00 69.27  ? 27 C   B "O5'" 1 
ATOM   831  C  "C5'" . C   B 2 26 ? 10.820  1.080   9.073   1.00 66.17  ? 27 C   B "C5'" 1 
ATOM   832  C  "C4'" . C   B 2 26 ? 9.977   -0.023  9.633   1.00 63.94  ? 27 C   B "C4'" 1 
ATOM   833  O  "O4'" . C   B 2 26 ? 9.283   -0.676  8.550   1.00 61.25  ? 27 C   B "O4'" 1 
ATOM   834  C  "C3'" . C   B 2 26 ? 10.738  -1.156  10.291  1.00 66.80  ? 27 C   B "C3'" 1 
ATOM   835  O  "O3'" . C   B 2 26 ? 11.052  -0.842  11.647  1.00 77.22  ? 27 C   B "O3'" 1 
ATOM   836  C  "C2'" . C   B 2 26 ? 9.724   -2.288  10.214  1.00 67.06  ? 27 C   B "C2'" 1 
ATOM   837  O  "O2'" . C   B 2 26 ? 8.670   -2.176  11.143  1.00 67.79  ? 27 C   B "O2'" 1 
ATOM   838  C  "C1'" . C   B 2 26 ? 9.125   -2.045  8.842   1.00 59.97  ? 27 C   B "C1'" 1 
ATOM   839  N  N1    . C   B 2 26 ? 9.832   -2.816  7.834   1.00 58.96  ? 27 C   B N1    1 
ATOM   840  C  C2    . C   B 2 26 ? 9.423   -4.118  7.598   1.00 59.40  ? 27 C   B C2    1 
ATOM   841  O  O2    . C   B 2 26 ? 8.466   -4.561  8.252   1.00 62.41  ? 27 C   B O2    1 
ATOM   842  N  N3    . C   B 2 26 ? 10.067  -4.865  6.668   1.00 57.89  ? 27 C   B N3    1 
ATOM   843  C  C4    . C   B 2 26 ? 11.095  -4.335  5.998   1.00 58.16  ? 27 C   B C4    1 
ATOM   844  N  N4    . C   B 2 26 ? 11.696  -5.081  5.079   1.00 58.64  ? 27 C   B N4    1 
ATOM   845  C  C5    . C   B 2 26 ? 11.546  -3.001  6.236   1.00 59.00  ? 27 C   B C5    1 
ATOM   846  C  C6    . C   B 2 26 ? 10.885  -2.282  7.148   1.00 58.99  ? 27 C   B C6    1 
ATOM   847  P  P     . A   B 2 27 ? 12.327  -1.532  12.357  1.00 76.67  ? 28 A   B P     1 
ATOM   848  O  OP1   . A   B 2 27 ? 12.420  -0.943  13.714  1.00 74.00  ? 28 A   B OP1   1 
ATOM   849  O  OP2   . A   B 2 27 ? 13.483  -1.457  11.421  1.00 75.15  ? 28 A   B OP2   1 
ATOM   850  O  "O5'" . A   B 2 27 ? 11.846  -3.036  12.542  1.00 71.08  ? 28 A   B "O5'" 1 
ATOM   851  C  "C5'" . A   B 2 27 ? 10.789  -3.325  13.431  1.00 67.21  ? 28 A   B "C5'" 1 
ATOM   852  C  "C4'" . A   B 2 27 ? 10.478  -4.790  13.407  1.00 73.02  ? 28 A   B "C4'" 1 
ATOM   853  O  "O4'" . A   B 2 27 ? 9.965   -5.141  12.095  1.00 70.53  ? 28 A   B "O4'" 1 
ATOM   854  C  "C3'" . A   B 2 27 ? 11.672  -5.717  13.590  1.00 72.47  ? 28 A   B "C3'" 1 
ATOM   855  O  "O3'" . A   B 2 27 ? 11.958  -5.869  14.977  1.00 77.53  ? 28 A   B "O3'" 1 
ATOM   856  C  "C2'" . A   B 2 27 ? 11.148  -6.998  12.962  1.00 70.14  ? 28 A   B "C2'" 1 
ATOM   857  O  "O2'" . A   B 2 27 ? 10.228  -7.648  13.831  1.00 66.46  ? 28 A   B "O2'" 1 
ATOM   858  C  "C1'" . A   B 2 27 ? 10.385  -6.449  11.759  1.00 66.95  ? 28 A   B "C1'" 1 
ATOM   859  N  N9    . A   B 2 27 ? 11.236  -6.379  10.570  1.00 64.71  ? 28 A   B N9    1 
ATOM   860  C  C8    . A   B 2 27 ? 12.049  -5.349  10.154  1.00 65.11  ? 28 A   B C8    1 
ATOM   861  N  N7    . A   B 2 27 ? 12.729  -5.623  9.061   1.00 62.58  ? 28 A   B N7    1 
ATOM   862  C  C5    . A   B 2 27 ? 12.333  -6.911  8.736   1.00 62.19  ? 28 A   B C5    1 
ATOM   863  C  C6    . A   B 2 27 ? 12.693  -7.777  7.679   1.00 63.96  ? 28 A   B C6    1 
ATOM   864  N  N6    . A   B 2 27 ? 13.588  -7.461  6.726   1.00 58.68  ? 28 A   B N6    1 
ATOM   865  N  N1    . A   B 2 27 ? 12.098  -8.994  7.636   1.00 65.64  ? 28 A   B N1    1 
ATOM   866  C  C2    . A   B 2 27 ? 11.211  -9.314  8.605   1.00 64.86  ? 28 A   B C2    1 
ATOM   867  N  N3    . A   B 2 27 ? 10.796  -8.586  9.641   1.00 64.09  ? 28 A   B N3    1 
ATOM   868  C  C4    . A   B 2 27 ? 11.403  -7.386  9.651   1.00 62.70  ? 28 A   B C4    1 
ATOM   869  P  P     . C   B 2 28 ? 13.450  -6.239  15.456  1.00 77.10  ? 29 C   B P     1 
ATOM   870  O  OP1   . C   B 2 28 ? 13.300  -6.210  16.935  1.00 80.19  ? 29 C   B OP1   1 
ATOM   871  O  OP2   . C   B 2 28 ? 14.428  -5.349  14.793  1.00 75.25  ? 29 C   B OP2   1 
ATOM   872  O  "O5'" . C   B 2 28 ? 13.650  -7.738  14.964  1.00 73.59  ? 29 C   B "O5'" 1 
ATOM   873  C  "C5'" . C   B 2 28 ? 12.955  -8.785  15.615  1.00 66.74  ? 29 C   B "C5'" 1 
ATOM   874  C  "C4'" . C   B 2 28 ? 13.051  -10.065 14.826  1.00 66.64  ? 29 C   B "C4'" 1 
ATOM   875  O  "O4'" . C   B 2 28 ? 12.444  -9.851  13.528  1.00 65.77  ? 29 C   B "O4'" 1 
ATOM   876  C  "C3'" . C   B 2 28 ? 14.451  -10.586 14.513  1.00 68.27  ? 29 C   B "C3'" 1 
ATOM   877  O  "O3'" . C   B 2 28 ? 14.968  -11.393 15.560  1.00 66.56  ? 29 C   B "O3'" 1 
ATOM   878  C  "C2'" . C   B 2 28 ? 14.175  -11.462 13.289  1.00 66.93  ? 29 C   B "C2'" 1 
ATOM   879  O  "O2'" . C   B 2 28 ? 13.619  -12.721 13.601  1.00 57.38  ? 29 C   B "O2'" 1 
ATOM   880  C  "C1'" . C   B 2 28 ? 13.134  -10.615 12.559  1.00 66.74  ? 29 C   B "C1'" 1 
ATOM   881  N  N1    . C   B 2 28 ? 13.817  -9.704  11.642  1.00 65.50  ? 29 C   B N1    1 
ATOM   882  C  C2    . C   B 2 28 ? 14.197  -10.210 10.420  1.00 65.08  ? 29 C   B C2    1 
ATOM   883  O  O2    . C   B 2 28 ? 13.880  -11.388 10.144  1.00 66.72  ? 29 C   B O2    1 
ATOM   884  N  N3    . C   B 2 28 ? 14.914  -9.443  9.566   1.00 64.31  ? 29 C   B N3    1 
ATOM   885  C  C4    . C   B 2 28 ? 15.241  -8.197  9.924   1.00 66.06  ? 29 C   B C4    1 
ATOM   886  N  N4    . C   B 2 28 ? 15.980  -7.477  9.076   1.00 65.76  ? 29 C   B N4    1 
ATOM   887  C  C5    . C   B 2 28 ? 14.829  -7.635  11.173  1.00 63.84  ? 29 C   B C5    1 
ATOM   888  C  C6    . C   B 2 28 ? 14.119  -8.417  11.991  1.00 64.34  ? 29 C   B C6    1 
ATOM   889  P  P     . G   B 2 29 ? 16.551  -11.439 15.844  1.00 70.10  ? 30 G   B P     1 
ATOM   890  O  OP1   . G   B 2 29 ? 16.662  -12.158 17.132  1.00 71.87  ? 30 G   B OP1   1 
ATOM   891  O  OP2   . G   B 2 29 ? 17.206  -10.119 15.661  1.00 68.52  ? 30 G   B OP2   1 
ATOM   892  O  "O5'" . G   B 2 29 ? 17.068  -12.410 14.704  1.00 66.15  ? 30 G   B "O5'" 1 
ATOM   893  C  "C5'" . G   B 2 29 ? 16.441  -13.657 14.534  1.00 65.91  ? 30 G   B "C5'" 1 
ATOM   894  C  "C4'" . G   B 2 29 ? 16.982  -14.365 13.327  1.00 73.12  ? 30 G   B "C4'" 1 
ATOM   895  O  "O4'" . G   B 2 29 ? 16.363  -13.828 12.132  1.00 74.61  ? 30 G   B "O4'" 1 
ATOM   896  C  "C3'" . G   B 2 29 ? 18.475  -14.246 13.069  1.00 72.61  ? 30 G   B "C3'" 1 
ATOM   897  O  "O3'" . G   B 2 29 ? 19.228  -15.173 13.832  1.00 70.12  ? 30 G   B "O3'" 1 
ATOM   898  C  "C2'" . G   B 2 29 ? 18.529  -14.579 11.591  1.00 72.46  ? 30 G   B "C2'" 1 
ATOM   899  O  "O2'" . G   B 2 29 ? 18.292  -15.965 11.452  1.00 69.34  ? 30 G   B "O2'" 1 
ATOM   900  C  "C1'" . G   B 2 29 ? 17.303  -13.831 11.074  1.00 73.61  ? 30 G   B "C1'" 1 
ATOM   901  N  N9    . G   B 2 29 ? 17.649  -12.450 10.745  1.00 74.36  ? 30 G   B N9    1 
ATOM   902  C  C8    . G   B 2 29 ? 17.434  -11.326 11.505  1.00 74.97  ? 30 G   B C8    1 
ATOM   903  N  N7    . G   B 2 29 ? 17.905  -10.244 10.953  1.00 73.72  ? 30 G   B N7    1 
ATOM   904  C  C5    . G   B 2 29 ? 18.436  -10.674 9.746   1.00 73.62  ? 30 G   B C5    1 
ATOM   905  C  C6    . G   B 2 29 ? 19.091  -9.949  8.713   1.00 74.28  ? 30 G   B C6    1 
ATOM   906  O  O6    . G   B 2 29 ? 19.328  -8.741  8.656   1.00 72.84  ? 30 G   B O6    1 
ATOM   907  N  N1    . G   B 2 29 ? 19.501  -10.790 7.687   1.00 75.02  ? 30 G   B N1    1 
ATOM   908  C  C2    . G   B 2 29 ? 19.304  -12.148 7.651   1.00 75.91  ? 30 G   B C2    1 
ATOM   909  N  N2    . G   B 2 29 ? 19.810  -12.800 6.579   1.00 77.03  ? 30 G   B N2    1 
ATOM   910  N  N3    . G   B 2 29 ? 18.676  -12.823 8.591   1.00 74.77  ? 30 G   B N3    1 
ATOM   911  C  C4    . G   B 2 29 ? 18.281  -12.031 9.604   1.00 73.39  ? 30 G   B C4    1 
ATOM   912  P  P     . A   B 2 30 ? 20.740  -14.821 14.267  1.00 70.19  ? 31 A   B P     1 
ATOM   913  O  OP1   . A   B 2 30 ? 21.134  -16.070 14.970  1.00 71.83  ? 31 A   B OP1   1 
ATOM   914  O  OP2   . A   B 2 30 ? 20.813  -13.519 14.984  1.00 66.83  ? 31 A   B OP2   1 
ATOM   915  O  "O5'" . A   B 2 30 ? 21.563  -14.676 12.897  1.00 71.47  ? 31 A   B "O5'" 1 
ATOM   916  C  "C5'" . A   B 2 30 ? 21.711  -15.783 12.005  1.00 70.94  ? 31 A   B "C5'" 1 
ATOM   917  C  "C4'" . A   B 2 30 ? 22.459  -15.380 10.746  1.00 78.06  ? 31 A   B "C4'" 1 
ATOM   918  O  "O4'" . A   B 2 30 ? 21.647  -14.461 9.960   1.00 81.38  ? 31 A   B "O4'" 1 
ATOM   919  C  "C3'" . A   B 2 30 ? 23.762  -14.611 10.933  1.00 78.39  ? 31 A   B "C3'" 1 
ATOM   920  O  "O3'" . A   B 2 30 ? 24.886  -15.380 11.271  1.00 85.84  ? 31 A   B "O3'" 1 
ATOM   921  C  "C2'" . A   B 2 30 ? 23.932  -13.899 9.602   1.00 78.63  ? 31 A   B "C2'" 1 
ATOM   922  O  "O2'" . A   B 2 30 ? 24.419  -14.726 8.568   1.00 80.50  ? 31 A   B "O2'" 1 
ATOM   923  C  "C1'" . A   B 2 30 ? 22.489  -13.535 9.284   1.00 79.82  ? 31 A   B "C1'" 1 
ATOM   924  N  N9    . A   B 2 30 ? 22.211  -12.176 9.721   1.00 78.96  ? 31 A   B N9    1 
ATOM   925  C  C8    . A   B 2 30 ? 21.707  -11.704 10.906  1.00 79.43  ? 31 A   B C8    1 
ATOM   926  N  N7    . A   B 2 30 ? 21.650  -10.395 10.967  1.00 77.91  ? 31 A   B N7    1 
ATOM   927  C  C5    . A   B 2 30 ? 22.127  -9.987  9.727   1.00 76.75  ? 31 A   B C5    1 
ATOM   928  C  C6    . A   B 2 30 ? 22.323  -8.724  9.153   1.00 74.58  ? 31 A   B C6    1 
ATOM   929  N  N6    . A   B 2 30 ? 22.048  -7.581  9.787   1.00 73.13  ? 31 A   B N6    1 
ATOM   930  N  N1    . A   B 2 30 ? 22.824  -8.670  7.910   1.00 73.73  ? 31 A   B N1    1 
ATOM   931  C  C2    . A   B 2 30 ? 23.107  -9.813  7.288   1.00 73.25  ? 31 A   B C2    1 
ATOM   932  N  N3    . A   B 2 30 ? 22.971  -11.059 7.717   1.00 74.43  ? 31 A   B N3    1 
ATOM   933  C  C4    . A   B 2 30 ? 22.468  -11.074 8.954   1.00 76.98  ? 31 A   B C4    1 
ATOM   934  O  "O5'" . U   C 3 1  ? 22.512  -2.647  2.062   1.00 78.94  ? 31 U   C "O5'" 1 
ATOM   935  C  "C5'" . U   C 3 1  ? 23.613  -2.613  1.204   1.00 77.54  ? 31 U   C "C5'" 1 
ATOM   936  C  "C4'" . U   C 3 1  ? 24.130  -4.025  1.077   1.00 75.56  ? 31 U   C "C4'" 1 
ATOM   937  O  "O4'" . U   C 3 1  ? 24.989  -4.310  2.206   1.00 74.54  ? 31 U   C "O4'" 1 
ATOM   938  C  "C3'" . U   C 3 1  ? 23.065  -5.115  1.106   1.00 72.34  ? 31 U   C "C3'" 1 
ATOM   939  O  "O3'" . U   C 3 1  ? 22.583  -5.380  -0.204  1.00 71.03  ? 31 U   C "O3'" 1 
ATOM   940  C  "C2'" . U   C 3 1  ? 23.858  -6.307  1.603   1.00 72.73  ? 31 U   C "C2'" 1 
ATOM   941  O  "O2'" . U   C 3 1  ? 24.655  -6.791  0.532   1.00 76.11  ? 31 U   C "O2'" 1 
ATOM   942  C  "C1'" . U   C 3 1  ? 24.775  -5.639  2.632   1.00 75.21  ? 31 U   C "C1'" 1 
ATOM   943  N  N1    . U   C 3 1  ? 24.157  -5.560  3.965   1.00 75.69  ? 31 U   C N1    1 
ATOM   944  C  C2    . U   C 3 1  ? 23.963  -6.745  4.695   1.00 73.94  ? 31 U   C C2    1 
ATOM   945  O  O2    . U   C 3 1  ? 24.366  -7.852  4.308   1.00 71.57  ? 31 U   C O2    1 
ATOM   946  N  N3    . U   C 3 1  ? 23.284  -6.584  5.875   1.00 73.27  ? 31 U   C N3    1 
ATOM   947  C  C4    . U   C 3 1  ? 22.845  -5.402  6.421   1.00 75.15  ? 31 U   C C4    1 
ATOM   948  O  O4    . U   C 3 1  ? 22.132  -5.430  7.433   1.00 74.24  ? 31 U   C O4    1 
ATOM   949  C  C5    . U   C 3 1  ? 23.165  -4.236  5.649   1.00 73.64  ? 31 U   C C5    1 
ATOM   950  C  C6    . U   C 3 1  ? 23.779  -4.355  4.475   1.00 72.69  ? 31 U   C C6    1 
ATOM   951  P  P     . C   C 3 2  ? 21.040  -5.790  -0.415  1.00 74.32  ? 32 C   C P     1 
ATOM   952  O  OP1   . C   C 3 2  ? 20.740  -5.604  -1.860  1.00 82.49  ? 32 C   C OP1   1 
ATOM   953  O  OP2   . C   C 3 2  ? 20.236  -5.097  0.626   1.00 71.19  ? 32 C   C OP2   1 
ATOM   954  O  "O5'" . C   C 3 2  ? 21.027  -7.358  -0.169  1.00 71.39  ? 32 C   C "O5'" 1 
ATOM   955  C  "C5'" . C   C 3 2  ? 21.887  -8.210  -0.902  1.00 67.01  ? 32 C   C "C5'" 1 
ATOM   956  C  "C4'" . C   C 3 2  ? 22.001  -9.529  -0.193  1.00 70.07  ? 32 C   C "C4'" 1 
ATOM   957  O  "O4'" . C   C 3 2  ? 22.661  -9.327  1.089   1.00 68.44  ? 32 C   C "O4'" 1 
ATOM   958  C  "C3'" . C   C 3 2  ? 20.667  -10.161 0.172   1.00 64.99  ? 32 C   C "C3'" 1 
ATOM   959  O  "O3'" . C   C 3 2  ? 20.165  -10.955 -0.883  1.00 63.53  ? 32 C   C "O3'" 1 
ATOM   960  C  "C2'" . C   C 3 2  ? 21.051  -11.057 1.331   1.00 66.83  ? 32 C   C "C2'" 1 
ATOM   961  O  "O2'" . C   C 3 2  ? 21.699  -12.214 0.819   1.00 71.31  ? 32 C   C "O2'" 1 
ATOM   962  C  "C1'" . C   C 3 2  ? 22.073  -10.187 2.051   1.00 69.15  ? 32 C   C "C1'" 1 
ATOM   963  N  N1    . C   C 3 2  ? 21.438  -9.356  3.081   1.00 70.53  ? 32 C   C N1    1 
ATOM   964  C  C2    . C   C 3 2  ? 20.907  -9.973  4.228   1.00 69.45  ? 32 C   C C2    1 
ATOM   965  O  O2    . C   C 3 2  ? 20.928  -11.204 4.305   1.00 70.67  ? 32 C   C O2    1 
ATOM   966  N  N3    . C   C 3 2  ? 20.371  -9.221  5.203   1.00 68.31  ? 32 C   C N3    1 
ATOM   967  C  C4    . C   C 3 2  ? 20.383  -7.899  5.094   1.00 68.33  ? 32 C   C C4    1 
ATOM   968  N  N4    . C   C 3 2  ? 19.930  -7.200  6.124   1.00 67.06  ? 32 C   C N4    1 
ATOM   969  C  C5    . C   C 3 2  ? 20.887  -7.236  3.930   1.00 71.20  ? 32 C   C C5    1 
ATOM   970  C  C6    . C   C 3 2  ? 21.393  -8.001  2.952   1.00 70.18  ? 32 C   C C6    1 
ATOM   971  P  P     . G   C 3 3  ? 18.580  -11.151 -1.033  1.00 69.56  ? 33 G   C P     1 
ATOM   972  O  OP1   . G   C 3 3  ? 18.343  -11.689 -2.401  1.00 70.82  ? 33 G   C OP1   1 
ATOM   973  O  OP2   . G   C 3 3  ? 17.995  -9.845  -0.607  1.00 63.97  ? 33 G   C OP2   1 
ATOM   974  O  "O5'" . G   C 3 3  ? 18.173  -12.230 0.072   1.00 69.32  ? 33 G   C "O5'" 1 
ATOM   975  C  "C5'" . G   C 3 3  ? 18.590  -13.605 0.011   1.00 66.88  ? 33 G   C "C5'" 1 
ATOM   976  C  "C4'" . G   C 3 3  ? 18.119  -14.313 1.266   1.00 70.58  ? 33 G   C "C4'" 1 
ATOM   977  O  "O4'" . G   C 3 3  ? 18.647  -13.601 2.419   1.00 69.63  ? 33 G   C "O4'" 1 
ATOM   978  C  "C3'" . G   C 3 3  ? 16.616  -14.236 1.476   1.00 70.66  ? 33 G   C "C3'" 1 
ATOM   979  O  "O3'" . G   C 3 3  ? 15.957  -15.327 0.869   1.00 74.46  ? 33 G   C "O3'" 1 
ATOM   980  C  "C2'" . G   C 3 3  ? 16.458  -14.357 2.982   1.00 69.02  ? 33 G   C "C2'" 1 
ATOM   981  O  "O2'" . G   C 3 3  ? 16.462  -15.685 3.433   1.00 65.78  ? 33 G   C "O2'" 1 
ATOM   982  C  "C1'" . G   C 3 3  ? 17.697  -13.622 3.471   1.00 70.29  ? 33 G   C "C1'" 1 
ATOM   983  N  N9    . G   C 3 3  ? 17.458  -12.246 3.877   1.00 71.63  ? 33 G   C N9    1 
ATOM   984  C  C8    . G   C 3 3  ? 17.863  -11.111 3.219   1.00 69.37  ? 33 G   C C8    1 
ATOM   985  N  N7    . G   C 3 3  ? 17.606  -10.015 3.883   1.00 71.03  ? 33 G   C N7    1 
ATOM   986  C  C5    . G   C 3 3  ? 16.964  -10.454 5.037   1.00 71.36  ? 33 G   C C5    1 
ATOM   987  C  C6    . G   C 3 3  ? 16.468  -9.718  6.155   1.00 73.00  ? 33 G   C C6    1 
ATOM   988  O  O6    . G   C 3 3  ? 16.492  -8.506  6.340   1.00 74.94  ? 33 G   C O6    1 
ATOM   989  N  N1    . G   C 3 3  ? 15.911  -10.564 7.113   1.00 71.54  ? 33 G   C N1    1 
ATOM   990  C  C2    . G   C 3 3  ? 15.839  -11.928 7.011   1.00 71.97  ? 33 G   C C2    1 
ATOM   991  N  N2    . G   C 3 3  ? 15.293  -12.552 8.052   1.00 74.77  ? 33 G   C N2    1 
ATOM   992  N  N3    . G   C 3 3  ? 16.277  -12.624 5.968   1.00 69.60  ? 33 G   C N3    1 
ATOM   993  C  C4    . G   C 3 3  ? 16.836  -11.827 5.033   1.00 71.49  ? 33 G   C C4    1 
ATOM   994  P  P     . U   C 3 4  ? 14.395  -15.203 0.546   1.00 76.53  ? 34 U   C P     1 
ATOM   995  O  OP1   . U   C 3 4  ? 13.976  -16.415 -0.204  1.00 75.55  ? 34 U   C OP1   1 
ATOM   996  O  OP2   . U   C 3 4  ? 14.235  -13.856 -0.062  1.00 78.99  ? 34 U   C OP2   1 
ATOM   997  O  "O5'" . U   C 3 4  ? 13.663  -15.217 1.959   1.00 76.25  ? 34 U   C "O5'" 1 
ATOM   998  C  "C5'" . U   C 3 4  ? 13.386  -16.451 2.607   1.00 74.68  ? 34 U   C "C5'" 1 
ATOM   999  C  "C4'" . U   C 3 4  ? 12.755  -16.231 3.953   1.00 74.37  ? 34 U   C "C4'" 1 
ATOM   1000 O  "O4'" . U   C 3 4  ? 13.591  -15.327 4.716   1.00 76.21  ? 34 U   C "O4'" 1 
ATOM   1001 C  "C3'" . U   C 3 4  ? 11.420  -15.530 3.942   1.00 74.79  ? 34 U   C "C3'" 1 
ATOM   1002 O  "O3'" . U   C 3 4  ? 10.367  -16.439 3.767   1.00 77.13  ? 34 U   C "O3'" 1 
ATOM   1003 C  "C2'" . U   C 3 4  ? 11.347  -14.953 5.332   1.00 73.60  ? 34 U   C "C2'" 1 
ATOM   1004 O  "O2'" . U   C 3 4  ? 11.062  -15.958 6.262   1.00 78.29  ? 34 U   C "O2'" 1 
ATOM   1005 C  "C1'" . U   C 3 4  ? 12.782  -14.517 5.539   1.00 74.93  ? 34 U   C "C1'" 1 
ATOM   1006 N  N1    . U   C 3 4  ? 12.943  -13.122 5.144   1.00 76.99  ? 34 U   C N1    1 
ATOM   1007 C  C2    . U   C 3 4  ? 12.543  -12.183 6.061   1.00 77.49  ? 34 U   C C2    1 
ATOM   1008 O  O2    . U   C 3 4  ? 12.009  -12.472 7.113   1.00 82.05  ? 34 U   C O2    1 
ATOM   1009 N  N3    . U   C 3 4  ? 12.765  -10.886 5.700   1.00 75.45  ? 34 U   C N3    1 
ATOM   1010 C  C4    . U   C 3 4  ? 13.302  -10.445 4.534   1.00 73.68  ? 34 U   C C4    1 
ATOM   1011 O  O4    . U   C 3 4  ? 13.442  -9.241  4.356   1.00 75.25  ? 34 U   C O4    1 
ATOM   1012 C  C5    . U   C 3 4  ? 13.654  -11.481 3.604   1.00 75.14  ? 34 U   C C5    1 
ATOM   1013 C  C6    . U   C 3 4  ? 13.468  -12.758 3.940   1.00 75.99  ? 34 U   C C6    1 
ATOM   1014 P  P     . G   C 3 5  ? 8.988   -15.912 3.137   1.00 78.54  ? 35 G   C P     1 
ATOM   1015 O  OP1   . G   C 3 5  ? 8.126   -17.086 2.828   1.00 78.20  ? 35 G   C OP1   1 
ATOM   1016 O  OP2   . G   C 3 5  ? 9.355   -14.971 2.053   1.00 78.63  ? 35 G   C OP2   1 
ATOM   1017 O  "O5'" . G   C 3 5  ? 8.313   -15.072 4.306   1.00 78.89  ? 35 G   C "O5'" 1 
ATOM   1018 C  "C5'" . G   C 3 5  ? 8.039   -15.669 5.558   1.00 74.99  ? 35 G   C "C5'" 1 
ATOM   1019 C  "C4'" . G   C 3 5  ? 7.678   -14.628 6.584   1.00 74.79  ? 35 G   C "C4'" 1 
ATOM   1020 O  "O4'" . G   C 3 5  ? 8.756   -13.661 6.689   1.00 74.95  ? 35 G   C "O4'" 1 
ATOM   1021 C  "C3'" . G   C 3 5  ? 6.478   -13.782 6.225   1.00 75.32  ? 35 G   C "C3'" 1 
ATOM   1022 O  "O3'" . G   C 3 5  ? 5.282   -14.466 6.579   1.00 79.19  ? 35 G   C "O3'" 1 
ATOM   1023 C  "C2'" . G   C 3 5  ? 6.708   -12.526 7.067   1.00 76.14  ? 35 G   C "C2'" 1 
ATOM   1024 O  "O2'" . G   C 3 5  ? 6.384   -12.689 8.438   1.00 73.40  ? 35 G   C "O2'" 1 
ATOM   1025 C  "C1'" . G   C 3 5  ? 8.223   -12.383 6.986   1.00 74.84  ? 35 G   C "C1'" 1 
ATOM   1026 N  N9    . G   C 3 5  ? 8.772   -11.363 6.057   1.00 73.86  ? 35 G   C N9    1 
ATOM   1027 C  C8    . G   C 3 5  ? 9.307   -11.594 4.809   1.00 72.06  ? 35 G   C C8    1 
ATOM   1028 N  N7    . G   C 3 5  ? 9.808   -10.538 4.248   1.00 72.20  ? 35 G   C N7    1 
ATOM   1029 C  C5    . G   C 3 5  ? 9.599   -9.538  5.166   1.00 69.22  ? 35 G   C C5    1 
ATOM   1030 C  C6    . G   C 3 5  ? 9.940   -8.168  5.139   1.00 67.30  ? 35 G   C C6    1 
ATOM   1031 O  O6    . G   C 3 5  ? 10.556  -7.533  4.282   1.00 66.17  ? 35 G   C O6    1 
ATOM   1032 N  N1    . G   C 3 5  ? 9.484   -7.479  6.269   1.00 66.29  ? 35 G   C N1    1 
ATOM   1033 C  C2    . G   C 3 5  ? 8.780   -8.072  7.314   1.00 66.67  ? 35 G   C C2    1 
ATOM   1034 N  N2    . G   C 3 5  ? 8.455   -7.250  8.294   1.00 65.11  ? 35 G   C N2    1 
ATOM   1035 N  N3    . G   C 3 5  ? 8.464   -9.355  7.345   1.00 68.28  ? 35 G   C N3    1 
ATOM   1036 C  C4    . G   C 3 5  ? 8.907   -10.010 6.261   1.00 70.40  ? 35 G   C C4    1 
ATOM   1037 P  P     . G   C 3 6  ? 3.954   -14.251 5.699   1.00 79.96  ? 36 G   C P     1 
ATOM   1038 O  OP1   . G   C 3 6  ? 3.231   -15.540 5.684   1.00 78.17  ? 36 G   C OP1   1 
ATOM   1039 O  OP2   . G   C 3 6  ? 4.429   -13.685 4.414   1.00 84.17  ? 36 G   C OP2   1 
ATOM   1040 O  "O5'" . G   C 3 6  ? 3.108   -13.169 6.515   1.00 74.59  ? 36 G   C "O5'" 1 
ATOM   1041 C  "C5'" . G   C 3 6  ? 2.946   -13.305 7.917   1.00 70.97  ? 36 G   C "C5'" 1 
ATOM   1042 C  "C4'" . G   C 3 6  ? 2.697   -11.962 8.557   1.00 74.65  ? 36 G   C "C4'" 1 
ATOM   1043 O  "O4'" . G   C 3 6  ? 3.716   -11.022 8.161   1.00 73.69  ? 36 G   C "O4'" 1 
ATOM   1044 C  "C3'" . G   C 3 6  ? 1.370   -11.351 8.131   1.00 76.71  ? 36 G   C "C3'" 1 
ATOM   1045 O  "O3'" . G   C 3 6  ? 0.890   -10.676 9.288   1.00 77.60  ? 36 G   C "O3'" 1 
ATOM   1046 C  "C2'" . G   C 3 6  ? 1.711   -10.401 6.991   1.00 78.47  ? 36 G   C "C2'" 1 
ATOM   1047 O  "O2'" . G   C 3 6  ? 0.929   -9.224  6.978   1.00 82.24  ? 36 G   C "O2'" 1 
ATOM   1048 C  "C1'" . G   C 3 6  ? 3.138   -10.017 7.369   1.00 75.02  ? 36 G   C "C1'" 1 
ATOM   1049 N  N9    . G   C 3 6  ? 4.089   -9.599  6.354   1.00 71.16  ? 36 G   C N9    1 
ATOM   1050 C  C8    . G   C 3 6  ? 4.496   -10.285 5.242   1.00 71.41  ? 36 G   C C8    1 
ATOM   1051 N  N7    . G   C 3 6  ? 5.382   -9.635  4.540   1.00 71.85  ? 36 G   C N7    1 
ATOM   1052 C  C5    . G   C 3 6  ? 5.554   -8.435  5.234   1.00 70.02  ? 36 G   C C5    1 
ATOM   1053 C  C6    . G   C 3 6  ? 6.396   -7.315  4.958   1.00 70.42  ? 36 G   C C6    1 
ATOM   1054 O  O6    . G   C 3 6  ? 7.181   -7.147  4.005   1.00 72.22  ? 36 G   C O6    1 
ATOM   1055 N  N1    . G   C 3 6  ? 6.265   -6.327  5.938   1.00 70.20  ? 36 G   C N1    1 
ATOM   1056 C  C2    . G   C 3 6  ? 5.449   -6.404  7.035   1.00 71.40  ? 36 G   C C2    1 
ATOM   1057 N  N2    . G   C 3 6  ? 5.490   -5.348  7.880   1.00 71.19  ? 36 G   C N2    1 
ATOM   1058 N  N3    . G   C 3 6  ? 4.660   -7.440  7.291   1.00 69.55  ? 36 G   C N3    1 
ATOM   1059 C  C4    . G   C 3 6  ? 4.765   -8.408  6.356   1.00 69.81  ? 36 G   C C4    1 
ATOM   1060 P  P     . U   C 3 7  ? -0.657  -10.649 9.631   1.00 83.97  ? 37 U   C P     1 
ATOM   1061 O  OP1   . U   C 3 7  ? -0.773  -10.278 11.058  1.00 76.34  ? 37 U   C OP1   1 
ATOM   1062 O  OP2   . U   C 3 7  ? -1.245  -11.917 9.107   1.00 81.75  ? 37 U   C OP2   1 
ATOM   1063 O  "O5'" . U   C 3 7  ? -1.257  -9.415  8.853   1.00 83.07  ? 37 U   C "O5'" 1 
ATOM   1064 C  "C5'" . U   C 3 7  ? -2.482  -8.852  9.274   1.00 80.83  ? 37 U   C "C5'" 1 
ATOM   1065 C  "C4'" . U   C 3 7  ? -2.481  -7.367  9.059   1.00 80.04  ? 37 U   C "C4'" 1 
ATOM   1066 O  "O4'" . U   C 3 7  ? -1.429  -6.763  9.855   1.00 83.74  ? 37 U   C "O4'" 1 
ATOM   1067 C  "C3'" . U   C 3 7  ? -2.140  -7.065  7.606   1.00 78.71  ? 37 U   C "C3'" 1 
ATOM   1068 O  "O3'" . U   C 3 7  ? -3.003  -6.069  7.091   1.00 75.25  ? 37 U   C "O3'" 1 
ATOM   1069 C  "C2'" . U   C 3 7  ? -0.656  -6.714  7.591   1.00 79.70  ? 37 U   C "C2'" 1 
ATOM   1070 O  "O2'" . U   C 3 7  ? -0.312  -5.630  6.766   1.00 84.56  ? 37 U   C "O2'" 1 
ATOM   1071 C  "C1'" . U   C 3 7  ? -0.468  -6.198  9.007   1.00 79.11  ? 37 U   C "C1'" 1 
ATOM   1072 N  N1    . U   C 3 7  ? 0.868   -6.311  9.573   1.00 81.07  ? 37 U   C N1    1 
ATOM   1073 C  C2    . U   C 3 7  ? 1.532   -5.121  9.748   1.00 82.60  ? 37 U   C C2    1 
ATOM   1074 O  O2    . U   C 3 7  ? 1.003   -4.046  9.532   1.00 81.44  ? 37 U   C O2    1 
ATOM   1075 N  N3    . U   C 3 7  ? 2.829   -5.231  10.180  1.00 84.16  ? 37 U   C N3    1 
ATOM   1076 C  C4    . U   C 3 7  ? 3.513   -6.406  10.454  1.00 84.35  ? 37 U   C C4    1 
ATOM   1077 O  O4    . U   C 3 7  ? 4.729   -6.350  10.721  1.00 86.41  ? 37 U   C O4    1 
ATOM   1078 C  C5    . U   C 3 7  ? 2.725   -7.606  10.287  1.00 84.02  ? 37 U   C C5    1 
ATOM   1079 C  C6    . U   C 3 7  ? 1.453   -7.513  9.867   1.00 82.33  ? 37 U   C C6    1 
ATOM   1080 P  P     . C   C 3 8  ? -3.778  -6.297  5.710   1.00 77.39  ? 38 C   C P     1 
ATOM   1081 O  OP1   . C   C 3 8  ? -4.138  -4.908  5.383   1.00 74.00  ? 38 C   C OP1   1 
ATOM   1082 O  OP2   . C   C 3 8  ? -4.842  -7.329  5.840   1.00 73.60  ? 38 C   C OP2   1 
ATOM   1083 O  "O5'" . C   C 3 8  ? -2.702  -6.761  4.642   1.00 76.79  ? 38 C   C "O5'" 1 
ATOM   1084 C  "C5'" . C   C 3 8  ? -2.092  -5.824  3.781   1.00 67.13  ? 38 C   C "C5'" 1 
ATOM   1085 C  "C4'" . C   C 3 8  ? -1.202  -6.515  2.780   1.00 73.83  ? 38 C   C "C4'" 1 
ATOM   1086 O  "O4'" . C   C 3 8  ? -0.634  -5.479  1.963   1.00 72.09  ? 38 C   C "O4'" 1 
ATOM   1087 C  "C3'" . C   C 3 8  ? -0.033  -7.209  3.486   1.00 70.15  ? 38 C   C "C3'" 1 
ATOM   1088 O  "O3'" . C   C 3 8  ? 0.408   -8.410  2.817   1.00 75.11  ? 38 C   C "O3'" 1 
ATOM   1089 C  "C2'" . C   C 3 8  ? 1.106   -6.197  3.444   1.00 70.48  ? 38 C   C "C2'" 1 
ATOM   1090 O  "O2'" . C   C 3 8  ? 2.342   -6.838  3.196   1.00 70.35  ? 38 C   C "O2'" 1 
ATOM   1091 C  "C1'" . C   C 3 8  ? 0.744   -5.391  2.192   1.00 68.92  ? 38 C   C "C1'" 1 
ATOM   1092 N  N1    . C   C 3 8  ? 1.133   -3.994  2.139   1.00 63.70  ? 38 C   C N1    1 
ATOM   1093 C  C2    . C   C 3 8  ? 2.004   -3.604  1.114   1.00 64.54  ? 38 C   C C2    1 
ATOM   1094 O  O2    . C   C 3 8  ? 2.402   -4.469  0.304   1.00 65.53  ? 38 C   C O2    1 
ATOM   1095 N  N3    . C   C 3 8  ? 2.391   -2.314  1.030   1.00 62.88  ? 38 C   C N3    1 
ATOM   1096 C  C4    . C   C 3 8  ? 1.934   -1.421  1.923   1.00 65.68  ? 38 C   C C4    1 
ATOM   1097 N  N4    . C   C 3 8  ? 2.325   -0.137  1.812   1.00 63.69  ? 38 C   C N4    1 
ATOM   1098 C  C5    . C   C 3 8  ? 1.039   -1.799  2.979   1.00 63.70  ? 38 C   C C5    1 
ATOM   1099 C  C6    . C   C 3 8  ? 0.675   -3.085  3.048   1.00 63.17  ? 38 C   C C6    1 
ATOM   1100 P  P     . C   C 3 9  ? -0.418  -9.794  2.941   1.00 76.03  ? 39 C   C P     1 
ATOM   1101 O  OP1   . C   C 3 9  ? -0.499  -10.161 4.398   1.00 80.41  ? 39 C   C OP1   1 
ATOM   1102 O  OP2   . C   C 3 9  ? 0.275   -10.722 1.981   1.00 76.58  ? 39 C   C OP2   1 
ATOM   1103 O  "O5'" . C   C 3 9  ? -1.876  -9.404  2.391   1.00 82.17  ? 39 C   C "O5'" 1 
ATOM   1104 C  "C5'" . C   C 3 9  ? -2.521  -10.181 1.436   1.00 80.88  ? 39 C   C "C5'" 1 
ATOM   1105 C  "C4'" . C   C 3 9  ? -4.009  -10.302 1.710   1.00 83.30  ? 39 C   C "C4'" 1 
ATOM   1106 O  "O4'" . C   C 3 9  ? -4.285  -11.307 2.724   1.00 85.37  ? 39 C   C "O4'" 1 
ATOM   1107 C  "C3'" . C   C 3 9  ? -4.645  -8.986  2.087   1.00 85.36  ? 39 C   C "C3'" 1 
ATOM   1108 O  "O3'" . C   C 3 9  ? -5.881  -8.843  1.438   1.00 82.84  ? 39 C   C "O3'" 1 
ATOM   1109 C  "C2'" . C   C 3 9  ? -4.877  -9.137  3.611   1.00 83.96  ? 39 C   C "C2'" 1 
ATOM   1110 O  "O2'" . C   C 3 9  ? -6.148  -8.554  4.059   1.00 83.87  ? 39 C   C "O2'" 1 
ATOM   1111 C  "C1'" . C   C 3 9  ? -4.928  -10.691 3.767   1.00 87.20  ? 39 C   C "C1'" 1 
ATOM   1112 N  N1    . C   C 3 9  ? -4.633  -11.238 5.074   1.00 92.22  ? 39 C   C N1    1 
ATOM   1113 C  C2    . C   C 3 9  ? -5.700  -11.777 5.774   1.00 95.20  ? 39 C   C C2    1 
ATOM   1114 O  O2    . C   C 3 9  ? -6.816  -11.810 5.222   1.00 97.01  ? 39 C   C O2    1 
ATOM   1115 N  N3    . C   C 3 9  ? -5.509  -12.249 7.019   1.00 97.40  ? 39 C   C N3    1 
ATOM   1116 C  C4    . C   C 3 9  ? -4.291  -12.210 7.558   1.00 96.82  ? 39 C   C C4    1 
ATOM   1117 N  N4    . C   C 3 9  ? -4.156  -12.695 8.794   1.00 98.83  ? 39 C   C N4    1 
ATOM   1118 C  C5    . C   C 3 9  ? -3.172  -11.669 6.857   1.00 94.93  ? 39 C   C C5    1 
ATOM   1119 C  C6    . C   C 3 9  ? -3.393  -11.192 5.628   1.00 92.97  ? 39 C   C C6    1 
ATOM   1120 P  P     . A   C 3 10 ? -6.193  -8.208  0.024   1.00 85.84  ? 40 A   C P     1 
ATOM   1121 O  OP1   . A   C 3 10 ? -7.678  -8.088  0.057   1.00 80.88  ? 40 A   C OP1   1 
ATOM   1122 O  OP2   . A   C 3 10 ? -5.562  -9.040  -0.983  1.00 85.21  ? 40 A   C OP2   1 
ATOM   1123 O  "O5'" . A   C 3 10 ? -5.683  -6.731  0.054   1.00 83.60  ? 40 A   C "O5'" 1 
ATOM   1124 C  "C5'" . A   C 3 10 ? -6.084  -5.830  1.065   1.00 75.94  ? 40 A   C "C5'" 1 
ATOM   1125 C  "C4'" . A   C 3 10 ? -5.176  -4.627  1.045   1.00 75.73  ? 40 A   C "C4'" 1 
ATOM   1126 O  "O4'" . A   C 3 10 ? -3.819  -5.104  1.221   1.00 73.83  ? 40 A   C "O4'" 1 
ATOM   1127 C  "C3'" . A   C 3 10 ? -5.112  -3.890  -0.283  1.00 74.64  ? 40 A   C "C3'" 1 
ATOM   1128 O  "O3'" . A   C 3 10 ? -6.118  -2.903  -0.369  1.00 74.97  ? 40 A   C "O3'" 1 
ATOM   1129 C  "C2'" . A   C 3 10 ? -3.758  -3.216  -0.222  1.00 70.48  ? 40 A   C "C2'" 1 
ATOM   1130 O  "O2'" . A   C 3 10 ? -3.835  -2.030  0.528   1.00 74.51  ? 40 A   C "O2'" 1 
ATOM   1131 C  "C1'" . A   C 3 10 ? -2.934  -4.285  0.487   1.00 70.02  ? 40 A   C "C1'" 1 
ATOM   1132 N  N9    . A   C 3 10 ? -2.204  -5.113  -0.458  1.00 67.27  ? 40 A   C N9    1 
ATOM   1133 C  C8    . A   C 3 10 ? -2.448  -6.392  -0.882  1.00 66.23  ? 40 A   C C8    1 
ATOM   1134 N  N7    . A   C 3 10 ? -1.568  -6.836  -1.750  1.00 65.42  ? 40 A   C N7    1 
ATOM   1135 C  C5    . A   C 3 10 ? -0.693  -5.763  -1.911  1.00 63.22  ? 40 A   C C5    1 
ATOM   1136 C  C6    . A   C 3 10 ? 0.457   -5.588  -2.687  1.00 63.12  ? 40 A   C C6    1 
ATOM   1137 N  N6    . A   C 3 10 ? 0.953   -6.521  -3.524  1.00 64.84  ? 40 A   C N6    1 
ATOM   1138 N  N1    . A   C 3 10 ? 1.109   -4.411  -2.594  1.00 60.77  ? 40 A   C N1    1 
ATOM   1139 C  C2    . A   C 3 10 ? 0.618   -3.473  -1.778  1.00 59.47  ? 40 A   C C2    1 
ATOM   1140 N  N3    . A   C 3 10 ? -0.469  -3.512  -1.010  1.00 63.53  ? 40 A   C N3    1 
ATOM   1141 C  C4    . A   C 3 10 ? -1.074  -4.705  -1.119  1.00 64.83  ? 40 A   C C4    1 
ATOM   1142 P  P     . U   C 3 11 ? -6.938  -2.754  -1.722  1.00 76.62  ? 41 U   C P     1 
ATOM   1143 O  OP1   . U   C 3 11 ? -8.078  -1.868  -1.364  1.00 71.62  ? 41 U   C OP1   1 
ATOM   1144 O  OP2   . U   C 3 11 ? -7.178  -4.098  -2.364  1.00 70.47  ? 41 U   C OP2   1 
ATOM   1145 O  "O5'" . U   C 3 11 ? -5.925  -1.982  -2.667  1.00 67.38  ? 41 U   C "O5'" 1 
ATOM   1146 C  "C5'" . U   C 3 11 ? -5.480  -0.682  -2.327  1.00 67.63  ? 41 U   C "C5'" 1 
ATOM   1147 C  "C4'" . U   C 3 11 ? -4.347  -0.272  -3.227  1.00 67.85  ? 41 U   C "C4'" 1 
ATOM   1148 O  "O4'" . U   C 3 11 ? -3.423  -1.383  -3.323  1.00 66.91  ? 41 U   C "O4'" 1 
ATOM   1149 C  "C3'" . U   C 3 11 ? -4.854  -0.042  -4.643  1.00 66.35  ? 41 U   C "C3'" 1 
ATOM   1150 O  "O3'" . U   C 3 11 ? -4.339  1.206   -5.118  1.00 66.05  ? 41 U   C "O3'" 1 
ATOM   1151 C  "C2'" . U   C 3 11 ? -4.561  -1.328  -5.416  1.00 61.20  ? 41 U   C "C2'" 1 
ATOM   1152 O  "O2'" . U   C 3 11 ? -4.063  -1.116  -6.709  1.00 70.00  ? 41 U   C "O2'" 1 
ATOM   1153 C  "C1'" . U   C 3 11 ? -3.375  -1.867  -4.634  1.00 62.94  ? 41 U   C "C1'" 1 
ATOM   1154 N  N1    . U   C 3 11 ? -3.048  -3.293  -4.652  1.00 63.31  ? 41 U   C N1    1 
ATOM   1155 C  C2    . U   C 3 11 ? -1.922  -3.657  -5.392  1.00 63.15  ? 41 U   C C2    1 
ATOM   1156 O  O2    . U   C 3 11 ? -1.187  -2.848  -5.914  1.00 62.35  ? 41 U   C O2    1 
ATOM   1157 N  N3    . U   C 3 11 ? -1.679  -5.004  -5.473  1.00 64.00  ? 41 U   C N3    1 
ATOM   1158 C  C4    . U   C 3 11 ? -2.407  -6.008  -4.876  1.00 66.37  ? 41 U   C C4    1 
ATOM   1159 O  O4    . U   C 3 11 ? -2.103  -7.206  -5.108  1.00 71.60  ? 41 U   C O4    1 
ATOM   1160 C  C5    . U   C 3 11 ? -3.529  -5.553  -4.084  1.00 67.37  ? 41 U   C C5    1 
ATOM   1161 C  C6    . U   C 3 11 ? -3.801  -4.237  -4.003  1.00 65.45  ? 41 U   C C6    1 
ATOM   1162 P  P     . U   C 3 12 ? -4.805  1.799   -6.528  1.00 64.65  ? 42 U   C P     1 
ATOM   1163 O  OP1   . U   C 3 12 ? -5.517  3.051   -6.170  1.00 69.04  ? 42 U   C OP1   1 
ATOM   1164 O  OP2   . U   C 3 12 ? -5.480  0.772   -7.343  1.00 63.97  ? 42 U   C OP2   1 
ATOM   1165 O  "O5'" . U   C 3 12 ? -3.441  2.188   -7.232  1.00 62.24  ? 42 U   C "O5'" 1 
ATOM   1166 C  "C5'" . U   C 3 12 ? -3.402  2.738   -8.527  1.00 63.66  ? 42 U   C "C5'" 1 
ATOM   1167 C  "C4'" . U   C 3 12 ? -2.352  2.039   -9.330  1.00 72.73  ? 42 U   C "C4'" 1 
ATOM   1168 O  "O4'" . U   C 3 12 ? -1.093  2.072   -8.607  1.00 71.91  ? 42 U   C "O4'" 1 
ATOM   1169 C  "C3'" . U   C 3 12 ? -2.711  0.564   -9.470  1.00 70.87  ? 42 U   C "C3'" 1 
ATOM   1170 O  "O3'" . U   C 3 12 ? -2.213  0.083   -10.702 1.00 76.69  ? 42 U   C "O3'" 1 
ATOM   1171 C  "C2'" . U   C 3 12 ? -1.926  -0.155  -8.389  1.00 70.60  ? 42 U   C "C2'" 1 
ATOM   1172 O  "O2'" . U   C 3 12 ? -1.374  -1.353  -8.875  1.00 73.46  ? 42 U   C "O2'" 1 
ATOM   1173 C  "C1'" . U   C 3 12 ? -0.732  0.763   -8.242  1.00 71.37  ? 42 U   C "C1'" 1 
ATOM   1174 N  N1    . U   C 3 12 ? -0.025  0.745   -6.971  1.00 70.24  ? 42 U   C N1    1 
ATOM   1175 C  C2    . U   C 3 12 ? 1.200   0.128   -6.958  1.00 69.10  ? 42 U   C C2    1 
ATOM   1176 O  O2    . U   C 3 12 ? 1.721   -0.327  -7.944  1.00 67.57  ? 42 U   C O2    1 
ATOM   1177 N  N3    . U   C 3 12 ? 1.803   0.066   -5.746  1.00 70.20  ? 42 U   C N3    1 
ATOM   1178 C  C4    . U   C 3 12 ? 1.319   0.562   -4.575  1.00 73.58  ? 42 U   C C4    1 
ATOM   1179 O  O4    . U   C 3 12 ? 1.926   0.320   -3.537  1.00 78.27  ? 42 U   C O4    1 
ATOM   1180 C  C5    . U   C 3 12 ? 0.062   1.230   -4.680  1.00 74.69  ? 42 U   C C5    1 
ATOM   1181 C  C6    . U   C 3 12 ? -0.555  1.288   -5.853  1.00 72.57  ? 42 U   C C6    1 
ATOM   1182 P  P     . A   C 3 13 ? -3.180  -0.256  -11.913 1.00 77.83  ? 43 A   C P     1 
ATOM   1183 O  OP1   . A   C 3 13 ? -3.890  1.006   -12.242 1.00 76.68  ? 43 A   C OP1   1 
ATOM   1184 O  OP2   . A   C 3 13 ? -3.957  -1.476  -11.595 1.00 74.65  ? 43 A   C OP2   1 
ATOM   1185 O  "O5'" . A   C 3 13 ? -2.130  -0.617  -13.056 1.00 71.03  ? 43 A   C "O5'" 1 
ATOM   1186 C  "C5'" . A   C 3 13 ? -1.196  0.368   -13.495 1.00 69.48  ? 43 A   C "C5'" 1 
ATOM   1187 C  "C4'" . A   C 3 13 ? 0.138   -0.266  -13.730 1.00 75.12  ? 43 A   C "C4'" 1 
ATOM   1188 O  "O4'" . A   C 3 13 ? 0.621   -0.824  -12.492 1.00 79.85  ? 43 A   C "O4'" 1 
ATOM   1189 C  "C3'" . A   C 3 13 ? 0.125   -1.445  -14.678 1.00 75.92  ? 43 A   C "C3'" 1 
ATOM   1190 O  "O3'" . A   C 3 13 ? 0.249   -0.973  -15.996 1.00 79.70  ? 43 A   C "O3'" 1 
ATOM   1191 C  "C2'" . A   C 3 13 ? 1.369   -2.207  -14.257 1.00 76.42  ? 43 A   C "C2'" 1 
ATOM   1192 O  "O2'" . A   C 3 13 ? 2.537   -1.585  -14.749 1.00 70.42  ? 43 A   C "O2'" 1 
ATOM   1193 C  "C1'" . A   C 3 13 ? 1.317   -2.034  -12.742 1.00 75.50  ? 43 A   C "C1'" 1 
ATOM   1194 N  N9    . A   C 3 13 ? 0.577   -3.103  -12.075 1.00 76.04  ? 43 A   C N9    1 
ATOM   1195 C  C8    . A   C 3 13 ? -0.467  -2.966  -11.197 1.00 76.42  ? 43 A   C C8    1 
ATOM   1196 N  N7    . A   C 3 13 ? -0.926  -4.101  -10.733 1.00 76.59  ? 43 A   C N7    1 
ATOM   1197 C  C5    . A   C 3 13 ? -0.136  -5.055  -11.350 1.00 76.96  ? 43 A   C C5    1 
ATOM   1198 C  C6    . A   C 3 13 ? -0.118  -6.456  -11.274 1.00 77.60  ? 43 A   C C6    1 
ATOM   1199 N  N6    . A   C 3 13 ? -0.927  -7.181  -10.488 1.00 76.54  ? 43 A   C N6    1 
ATOM   1200 N  N1    . A   C 3 13 ? 0.784   -7.113  -12.033 1.00 77.40  ? 43 A   C N1    1 
ATOM   1201 C  C2    . A   C 3 13 ? 1.620   -6.394  -12.805 1.00 77.52  ? 43 A   C C2    1 
ATOM   1202 N  N3    . A   C 3 13 ? 1.712   -5.070  -12.953 1.00 77.67  ? 43 A   C N3    1 
ATOM   1203 C  C4    . A   C 3 13 ? 0.794   -4.453  -12.187 1.00 77.91  ? 43 A   C C4    1 
ATOM   1204 P  P     . C   C 3 14 ? -0.718  -1.534  -17.133 1.00 82.12  ? 44 C   C P     1 
ATOM   1205 O  OP1   . C   C 3 14 ? -0.010  -1.132  -18.368 1.00 81.99  ? 44 C   C OP1   1 
ATOM   1206 O  OP2   . C   C 3 14 ? -2.094  -1.036  -16.874 1.00 73.32  ? 44 C   C OP2   1 
ATOM   1207 O  "O5'" . C   C 3 14 ? -0.646  -3.124  -16.951 1.00 84.56  ? 44 C   C "O5'" 1 
ATOM   1208 C  "C5'" . C   C 3 14 ? 0.407   -3.894  -17.540 1.00 85.93  ? 44 C   C "C5'" 1 
ATOM   1209 C  "C4'" . C   C 3 14 ? 0.135   -5.371  -17.353 1.00 88.08  ? 44 C   C "C4'" 1 
ATOM   1210 O  "O4'" . C   C 3 14 ? 0.307   -5.727  -15.960 1.00 85.52  ? 44 C   C "O4'" 1 
ATOM   1211 C  "C3'" . C   C 3 14 ? -1.277  -5.814  -17.692 1.00 89.63  ? 44 C   C "C3'" 1 
ATOM   1212 O  "O3'" . C   C 3 14 ? -1.408  -6.067  -19.083 1.00 91.74  ? 44 C   C "O3'" 1 
ATOM   1213 C  "C2'" . C   C 3 14 ? -1.444  -7.074  -16.851 1.00 88.45  ? 44 C   C "C2'" 1 
ATOM   1214 O  "O2'" . C   C 3 14 ? -0.948  -8.259  -17.436 1.00 87.40  ? 44 C   C "O2'" 1 
ATOM   1215 C  "C1'" . C   C 3 14 ? -0.662  -6.695  -15.591 1.00 85.56  ? 44 C   C "C1'" 1 
ATOM   1216 N  N1    . C   C 3 14 ? -1.555  -6.059  -14.632 1.00 86.53  ? 44 C   C N1    1 
ATOM   1217 C  C2    . C   C 3 14 ? -2.356  -6.870  -13.826 1.00 88.19  ? 44 C   C C2    1 
ATOM   1218 O  O2    . C   C 3 14 ? -2.270  -8.106  -13.940 1.00 89.72  ? 44 C   C O2    1 
ATOM   1219 N  N3    . C   C 3 14 ? -3.201  -6.288  -12.942 1.00 87.65  ? 44 C   C N3    1 
ATOM   1220 C  C4    . C   C 3 14 ? -3.256  -4.955  -12.850 1.00 85.41  ? 44 C   C C4    1 
ATOM   1221 N  N4    . C   C 3 14 ? -4.083  -4.429  -11.963 1.00 87.65  ? 44 C   C N4    1 
ATOM   1222 C  C5    . C   C 3 14 ? -2.454  -4.106  -13.667 1.00 85.35  ? 44 C   C C5    1 
ATOM   1223 C  C6    . C   C 3 14 ? -1.620  -4.694  -14.530 1.00 85.36  ? 44 C   C C6    1 
ATOM   1224 P  P     . C   C 3 15 ? -2.821  -5.816  -19.805 1.00 93.61  ? 45 C   C P     1 
ATOM   1225 O  OP1   . C   C 3 15 ? -2.577  -5.973  -21.253 1.00 96.79  ? 45 C   C OP1   1 
ATOM   1226 O  OP2   . C   C 3 15 ? -3.408  -4.545  -19.298 1.00 93.04  ? 45 C   C OP2   1 
ATOM   1227 O  "O5'" . C   C 3 15 ? -3.742  -7.021  -19.330 1.00 90.38  ? 45 C   C "O5'" 1 
ATOM   1228 C  "C5'" . C   C 3 15 ? -3.412  -8.355  -19.668 1.00 85.89  ? 45 C   C "C5'" 1 
ATOM   1229 C  "C4'" . C   C 3 15 ? -4.353  -9.320  -18.991 1.00 90.01  ? 45 C   C "C4'" 1 
ATOM   1230 O  "O4'" . C   C 3 15 ? -4.172  -9.240  -17.553 1.00 87.87  ? 45 C   C "O4'" 1 
ATOM   1231 C  "C3'" . C   C 3 15 ? -5.829  -9.013  -19.179 1.00 92.80  ? 45 C   C "C3'" 1 
ATOM   1232 O  "O3'" . C   C 3 15 ? -6.338  -9.517  -20.390 1.00 97.21  ? 45 C   C "O3'" 1 
ATOM   1233 C  "C2'" . C   C 3 15 ? -6.478  -9.695  -17.982 1.00 90.79  ? 45 C   C "C2'" 1 
ATOM   1234 O  "O2'" . C   C 3 15 ? -6.762  -11.068 -18.118 1.00 88.98  ? 45 C   C "O2'" 1 
ATOM   1235 C  "C1'" . C   C 3 15 ? -5.422  -9.459  -16.909 1.00 88.47  ? 45 C   C "C1'" 1 
ATOM   1236 N  N1    . C   C 3 15 ? -5.762  -8.268  -16.153 1.00 88.55  ? 45 C   C N1    1 
ATOM   1237 C  C2    . C   C 3 15 ? -6.682  -8.384  -15.115 1.00 89.27  ? 45 C   C C2    1 
ATOM   1238 O  O2    . C   C 3 15 ? -7.211  -9.492  -14.905 1.00 88.83  ? 45 C   C O2    1 
ATOM   1239 N  N3    . C   C 3 15 ? -6.978  -7.292  -14.378 1.00 88.79  ? 45 C   C N3    1 
ATOM   1240 C  C4    . C   C 3 15 ? -6.401  -6.117  -14.664 1.00 87.91  ? 45 C   C C4    1 
ATOM   1241 N  N4    . C   C 3 15 ? -6.692  -5.074  -13.905 1.00 88.28  ? 45 C   C N4    1 
ATOM   1242 C  C5    . C   C 3 15 ? -5.486  -5.972  -15.744 1.00 88.38  ? 45 C   C C5    1 
ATOM   1243 C  C6    . C   C 3 15 ? -5.196  -7.062  -16.454 1.00 87.63  ? 45 C   C C6    1 
ATOM   1244 P  P     . U   C 3 16 ? -7.711  -8.930  -20.952 1.00 98.94  ? 46 U   C P     1 
ATOM   1245 O  OP1   . U   C 3 16 ? -8.038  -9.648  -22.204 1.00 101.23 ? 46 U   C OP1   1 
ATOM   1246 O  OP2   . U   C 3 16 ? -7.522  -7.453  -20.979 1.00 93.76  ? 46 U   C OP2   1 
ATOM   1247 O  "O5'" . U   C 3 16 ? -8.784  -9.379  -19.867 1.00 91.99  ? 46 U   C "O5'" 1 
ATOM   1248 C  "C5'" . U   C 3 16 ? -9.144  -10.742 -19.784 1.00 91.30  ? 46 U   C "C5'" 1 
ATOM   1249 C  "C4'" . U   C 3 16 ? -10.367 -10.908 -18.942 1.00 94.54  ? 46 U   C "C4'" 1 
ATOM   1250 O  "O4'" . U   C 3 16 ? -10.038 -10.583 -17.574 1.00 94.69  ? 46 U   C "O4'" 1 
ATOM   1251 C  "C3'" . U   C 3 16 ? -11.535 -10.011 -19.291 1.00 96.94  ? 46 U   C "C3'" 1 
ATOM   1252 O  "O3'" . U   C 3 16 ? -12.333 -10.547 -20.336 1.00 100.28 ? 46 U   C "O3'" 1 
ATOM   1253 C  "C2'" . U   C 3 16 ? -12.297 -9.985  -17.975 1.00 97.55  ? 46 U   C "C2'" 1 
ATOM   1254 O  "O2'" . U   C 3 16 ? -13.075 -11.146 -17.777 1.00 96.14  ? 46 U   C "O2'" 1 
ATOM   1255 C  "C1'" . U   C 3 16 ? -11.149 -9.945  -16.962 1.00 95.66  ? 46 U   C "C1'" 1 
ATOM   1256 N  N1    . U   C 3 16 ? -10.758 -8.565  -16.651 1.00 93.48  ? 46 U   C N1    1 
ATOM   1257 C  C2    . U   C 3 16 ? -11.412 -7.922  -15.614 1.00 91.66  ? 46 U   C C2    1 
ATOM   1258 O  O2    . U   C 3 16 ? -12.281 -8.449  -14.937 1.00 91.44  ? 46 U   C O2    1 
ATOM   1259 N  N3    . U   C 3 16 ? -11.016 -6.634  -15.400 1.00 90.82  ? 46 U   C N3    1 
ATOM   1260 C  C4    . U   C 3 16 ? -10.066 -5.931  -16.098 1.00 90.91  ? 46 U   C C4    1 
ATOM   1261 O  O4    . U   C 3 16 ? -9.929  -4.727  -15.888 1.00 92.16  ? 46 U   C O4    1 
ATOM   1262 C  C5    . U   C 3 16 ? -9.430  -6.669  -17.147 1.00 91.39  ? 46 U   C C5    1 
ATOM   1263 C  C6    . U   C 3 16 ? -9.785  -7.929  -17.376 1.00 91.71  ? 46 U   C C6    1 
ATOM   1264 P  P     . G   C 3 17 ? -13.306 -9.582  -21.178 1.00 103.96 ? 47 G   C P     1 
ATOM   1265 O  OP1   . G   C 3 17 ? -13.840 -10.377 -22.306 1.00 105.84 ? 47 G   C OP1   1 
ATOM   1266 O  OP2   . G   C 3 17 ? -12.592 -8.313  -21.462 1.00 102.25 ? 47 G   C OP2   1 
ATOM   1267 O  "O5'" . G   C 3 17 ? -14.513 -9.278  -20.181 1.00 94.90  ? 47 G   C "O5'" 1 
ATOM   1268 C  "C5'" . G   C 3 17 ? -15.368 -10.318 -19.755 1.00 89.78  ? 47 G   C "C5'" 1 
ATOM   1269 C  "C4'" . G   C 3 17 ? -16.357 -9.790  -18.758 1.00 91.95  ? 47 G   C "C4'" 1 
ATOM   1270 O  "O4'" . G   C 3 17 ? -15.644 -9.356  -17.572 1.00 92.93  ? 47 G   C "O4'" 1 
ATOM   1271 C  "C3'" . G   C 3 17 ? -17.130 -8.561  -19.198 1.00 91.56  ? 47 G   C "C3'" 1 
ATOM   1272 O  "O3'" . G   C 3 17 ? -18.257 -8.908  -19.970 1.00 91.12  ? 47 G   C "O3'" 1 
ATOM   1273 C  "C2'" . G   C 3 17 ? -17.536 -7.943  -17.864 1.00 92.94  ? 47 G   C "C2'" 1 
ATOM   1274 O  "O2'" . G   C 3 17 ? -18.672 -8.541  -17.255 1.00 89.29  ? 47 G   C "O2'" 1 
ATOM   1275 C  "C1'" . G   C 3 17 ? -16.281 -8.203  -17.024 1.00 92.60  ? 47 G   C "C1'" 1 
ATOM   1276 N  N9    . G   C 3 17 ? -15.347 -7.075  -17.058 1.00 91.11  ? 47 G   C N9    1 
ATOM   1277 C  C8    . G   C 3 17 ? -14.218 -6.941  -17.835 1.00 89.84  ? 47 G   C C8    1 
ATOM   1278 N  N7    . G   C 3 17 ? -13.605 -5.801  -17.654 1.00 90.53  ? 47 G   C N7    1 
ATOM   1279 C  C5    . G   C 3 17 ? -14.374 -5.137  -16.700 1.00 89.08  ? 47 G   C C5    1 
ATOM   1280 C  C6    . G   C 3 17 ? -14.211 -3.841  -16.098 1.00 88.65  ? 47 G   C C6    1 
ATOM   1281 O  O6    . G   C 3 17 ? -13.330 -2.999  -16.300 1.00 88.92  ? 47 G   C O6    1 
ATOM   1282 N  N1    . G   C 3 17 ? -15.216 -3.575  -15.178 1.00 87.97  ? 47 G   C N1    1 
ATOM   1283 C  C2    . G   C 3 17 ? -16.244 -4.427  -14.868 1.00 89.54  ? 47 G   C C2    1 
ATOM   1284 N  N2    . G   C 3 17 ? -17.111 -3.988  -13.939 1.00 88.97  ? 47 G   C N2    1 
ATOM   1285 N  N3    . G   C 3 17 ? -16.414 -5.623  -15.415 1.00 89.57  ? 47 G   C N3    1 
ATOM   1286 C  C4    . G   C 3 17 ? -15.448 -5.913  -16.314 1.00 89.27  ? 47 G   C C4    1 
ATOM   1287 P  P     . C   C 3 18 ? -19.004 -7.787  -20.847 1.00 94.17  ? 48 C   C P     1 
ATOM   1288 O  OP1   . C   C 3 18 ? -20.208 -8.469  -21.382 1.00 97.71  ? 48 C   C OP1   1 
ATOM   1289 O  OP2   . C   C 3 18 ? -18.034 -7.134  -21.776 1.00 90.11  ? 48 C   C OP2   1 
ATOM   1290 O  "O5'" . C   C 3 18 ? -19.517 -6.739  -19.774 1.00 88.86  ? 48 C   C "O5'" 1 
ATOM   1291 C  "C5'" . C   C 3 18 ? -20.586 -7.084  -18.909 1.00 85.05  ? 48 C   C "C5'" 1 
ATOM   1292 C  "C4'" . C   C 3 18 ? -21.092 -5.851  -18.219 1.00 88.88  ? 48 C   C "C4'" 1 
ATOM   1293 O  "O4'" . C   C 3 18 ? -20.105 -5.427  -17.247 1.00 93.41  ? 48 C   C "O4'" 1 
ATOM   1294 C  "C3'" . C   C 3 18 ? -21.266 -4.639  -19.118 1.00 89.12  ? 48 C   C "C3'" 1 
ATOM   1295 O  "O3'" . C   C 3 18 ? -22.514 -4.630  -19.760 1.00 84.81  ? 48 C   C "O3'" 1 
ATOM   1296 C  "C2'" . C   C 3 18 ? -21.166 -3.495  -18.128 1.00 90.81  ? 48 C   C "C2'" 1 
ATOM   1297 O  "O2'" . C   C 3 18 ? -22.361 -3.349  -17.390 1.00 90.02  ? 48 C   C "O2'" 1 
ATOM   1298 C  "C1'" . C   C 3 18 ? -20.063 -4.008  -17.202 1.00 93.80  ? 48 C   C "C1'" 1 
ATOM   1299 N  N1    . C   C 3 18 ? -18.738 -3.566  -17.680 1.00 94.55  ? 48 C   C N1    1 
ATOM   1300 C  C2    . C   C 3 18 ? -18.290 -2.291  -17.316 1.00 94.44  ? 48 C   C C2    1 
ATOM   1301 O  O2    . C   C 3 18 ? -19.026 -1.575  -16.614 1.00 94.04  ? 48 C   C O2    1 
ATOM   1302 N  N3    . C   C 3 18 ? -17.079 -1.866  -17.742 1.00 93.61  ? 48 C   C N3    1 
ATOM   1303 C  C4    . C   C 3 18 ? -16.335 -2.655  -18.517 1.00 93.52  ? 48 C   C C4    1 
ATOM   1304 N  N4    . C   C 3 18 ? -15.153 -2.195  -18.907 1.00 93.32  ? 48 C   C N4    1 
ATOM   1305 C  C5    . C   C 3 18 ? -16.773 -3.956  -18.920 1.00 93.37  ? 48 C   C C5    1 
ATOM   1306 C  C6    . C   C 3 18 ? -17.965 -4.370  -18.476 1.00 93.55  ? 48 C   C C6    1 
ATOM   1307 P  P     . C   C 3 19 ? -22.688 -3.801  -21.116 1.00 87.33  ? 49 C   C P     1 
ATOM   1308 O  OP1   . C   C 3 19 ? -24.073 -4.054  -21.570 1.00 92.26  ? 49 C   C OP1   1 
ATOM   1309 O  OP2   . C   C 3 19 ? -21.525 -4.107  -22.018 1.00 82.78  ? 49 C   C OP2   1 
ATOM   1310 O  "O5'" . C   C 3 19 ? -22.620 -2.279  -20.661 1.00 88.21  ? 49 C   C "O5'" 1 
ATOM   1311 C  "C5'" . C   C 3 19 ? -23.610 -1.753  -19.786 1.00 84.19  ? 49 C   C "C5'" 1 
ATOM   1312 C  "C4'" . C   C 3 19 ? -23.247 -0.354  -19.346 1.00 84.52  ? 49 C   C "C4'" 1 
ATOM   1313 O  "O4'" . C   C 3 19 ? -22.000 -0.405  -18.596 1.00 84.73  ? 49 C   C "O4'" 1 
ATOM   1314 C  "C3'" . C   C 3 19 ? -22.955 0.641   -20.459 1.00 83.73  ? 49 C   C "C3'" 1 
ATOM   1315 O  "O3'" . C   C 3 19 ? -24.006 1.281   -21.180 1.00 86.40  ? 49 C   C "O3'" 1 
ATOM   1316 C  "C2'" . C   C 3 19 ? -22.113 1.670   -19.728 1.00 82.92  ? 49 C   C "C2'" 1 
ATOM   1317 O  "O2'" . C   C 3 19 ? -22.931 2.446   -18.876 1.00 80.14  ? 49 C   C "O2'" 1 
ATOM   1318 C  "C1'" . C   C 3 19 ? -21.249 0.769   -18.846 1.00 84.51  ? 49 C   C "C1'" 1 
ATOM   1319 N  N1    . C   C 3 19 ? -19.964 0.396   -19.474 1.00 85.01  ? 49 C   C N1    1 
ATOM   1320 C  C2    . C   C 3 19 ? -18.865 1.237   -19.284 1.00 85.61  ? 49 C   C C2    1 
ATOM   1321 O  O2    . C   C 3 19 ? -19.008 2.266   -18.600 1.00 88.12  ? 49 C   C O2    1 
ATOM   1322 N  N3    . C   C 3 19 ? -17.682 0.917   -19.847 1.00 86.09  ? 49 C   C N3    1 
ATOM   1323 C  C4    . C   C 3 19 ? -17.575 -0.178  -20.589 1.00 84.80  ? 49 C   C C4    1 
ATOM   1324 N  N4    . C   C 3 19 ? -16.381 -0.458  -21.102 1.00 83.23  ? 49 C   C N4    1 
ATOM   1325 C  C5    . C   C 3 19 ? -18.680 -1.038  -20.825 1.00 85.33  ? 49 C   C C5    1 
ATOM   1326 C  C6    . C   C 3 19 ? -19.842 -0.724  -20.245 1.00 86.03  ? 49 C   C C6    1 
HETATM 1327 S  S     . SO4 D 4 .  ? 3.898   14.205  -5.290  1.00 197.98 ? 14 SO4 A S     1 
HETATM 1328 O  O1    . SO4 D 4 .  ? 3.185   15.227  -4.481  1.00 196.86 ? 14 SO4 A O1    1 
HETATM 1329 O  O2    . SO4 D 4 .  ? 5.002   13.574  -4.537  1.00 197.65 ? 14 SO4 A O2    1 
HETATM 1330 O  O3    . SO4 D 4 .  ? 4.343   14.821  -6.567  1.00 197.73 ? 14 SO4 A O3    1 
HETATM 1331 O  O4    . SO4 D 4 .  ? 2.886   13.183  -5.599  1.00 197.41 ? 14 SO4 A O4    1 
HETATM 1332 CO CO    . NCO E 5 .  ? 6.518   10.319  -6.379  1.00 213.89 ? 32 NCO B CO    1 
HETATM 1333 N  N1    . NCO E 5 .  ? 8.491   9.852   -6.477  1.00 212.59 ? 32 NCO B N1    1 
HETATM 1334 N  N2    . NCO E 5 .  ? 6.213   8.423   -6.980  1.00 211.97 ? 32 NCO B N2    1 
HETATM 1335 N  N3    . NCO E 5 .  ? 6.352   9.885   -4.442  1.00 212.19 ? 32 NCO B N3    1 
HETATM 1336 N  N4    . NCO E 5 .  ? 6.491   10.760  -8.291  1.00 212.24 ? 32 NCO B N4    1 
HETATM 1337 N  N5    . NCO E 5 .  ? 4.606   10.691  -6.389  1.00 212.64 ? 32 NCO B N5    1 
HETATM 1338 N  N6    . NCO E 5 .  ? 6.932   12.235  -5.847  1.00 212.63 ? 32 NCO B N6    1 
HETATM 1339 CO CO    . NCO F 5 .  ? -9.166  -7.175  -3.477  1.00 105.97 ? 1  NCO C CO    1 
HETATM 1340 N  N1    . NCO F 5 .  ? -9.541  -6.262  -1.681  1.00 99.32  ? 1  NCO C N1    1 
HETATM 1341 N  N2    . NCO F 5 .  ? -9.091  -8.903  -2.471  1.00 101.55 ? 1  NCO C N2    1 
HETATM 1342 N  N3    . NCO F 5 .  ? -11.082 -7.270  -3.969  1.00 102.12 ? 1  NCO C N3    1 
HETATM 1343 N  N4    . NCO F 5 .  ? -7.230  -7.125  -3.190  1.00 102.26 ? 1  NCO C N4    1 
HETATM 1344 N  N5    . NCO F 5 .  ? -8.721  -8.078  -5.153  1.00 101.29 ? 1  NCO C N5    1 
HETATM 1345 N  N6    . NCO F 5 .  ? -9.193  -5.386  -4.405  1.00 101.88 ? 1  NCO C N6    1 
HETATM 1346 CO CO    . NCO G 5 .  ? 5.234   -8.607  0.538   1.00 174.86 ? 3  NCO C CO    1 
HETATM 1347 N  N1    . NCO G 5 .  ? 5.540   -7.111  1.846   1.00 174.80 ? 3  NCO C N1    1 
HETATM 1348 N  N2    . NCO G 5 .  ? 6.445   -9.836  1.547   1.00 174.37 ? 3  NCO C N2    1 
HETATM 1349 N  N3    . NCO G 5 .  ? 6.764   -7.897  -0.535  1.00 174.49 ? 3  NCO C N3    1 
HETATM 1350 N  N4    . NCO G 5 .  ? 3.746   -9.349  1.581   1.00 173.62 ? 3  NCO C N4    1 
HETATM 1351 N  N5    . NCO G 5 .  ? 4.983   -10.107 -0.706  1.00 174.79 ? 3  NCO C N5    1 
HETATM 1352 N  N6    . NCO G 5 .  ? 3.968   -7.416  -0.478  1.00 174.18 ? 3  NCO C N6    1 
HETATM 1353 O  O     . HOH H 6 .  ? 1.259   2.041   3.696   1.00 61.22  ? 15 HOH A O     1 
HETATM 1354 O  O     . HOH I 6 .  ? -15.007 7.311   -8.313  1.00 72.07  ? 33 HOH B O     1 
HETATM 1355 O  O     . HOH J 6 .  ? 0.995   -10.367 -11.611 1.00 86.20  ? 50 HOH C O     1 
HETATM 1356 O  O     . HOH J 6 .  ? 1.064   -12.961 -10.179 1.00 79.28  ? 51 HOH C O     1 
HETATM 1357 O  O     . HOH J 6 .  ? -4.926  -15.813 8.997   1.00 87.74  ? 52 HOH C O     1 
HETATM 1358 O  O     . HOH J 6 .  ? -7.164  -13.881 9.439   1.00 74.13  ? 53 HOH C O     1 
HETATM 1359 O  O     . HOH J 6 .  ? -0.978  -3.220  6.340   1.00 70.68  ? 54 HOH C O     1 
# 
loop_
_pdbx_poly_seq_scheme.asym_id 
_pdbx_poly_seq_scheme.entity_id 
_pdbx_poly_seq_scheme.seq_id 
_pdbx_poly_seq_scheme.mon_id 
_pdbx_poly_seq_scheme.ndb_seq_num 
_pdbx_poly_seq_scheme.pdb_seq_num 
_pdbx_poly_seq_scheme.auth_seq_num 
_pdbx_poly_seq_scheme.pdb_mon_id 
_pdbx_poly_seq_scheme.auth_mon_id 
_pdbx_poly_seq_scheme.pdb_strand_id 
_pdbx_poly_seq_scheme.pdb_ins_code 
_pdbx_poly_seq_scheme.hetero 
A 1 1  U   1  1  1  U   U   A . n 
A 1 2  C   2  2  2  C   C   A . n 
A 1 3  C   3  3  3  C   C   A . n 
A 1 4  C   4  4  4  C   C   A . n 
A 1 5  A2M 5  5  5  A2M A2M A . n 
A 1 6  G   6  6  6  G   G   A . n 
A 1 7  U   7  7  7  U   U   A . n 
A 1 8  C   8  8  8  C   C   A . n 
A 1 9  C   9  9  9  C   C   A . n 
A 1 10 A   10 10 10 A   A   A . n 
A 1 11 C   11 11 11 C   C   A . n 
A 1 12 C   12 12 12 C   C   A . n 
A 1 13 G   13 13 13 G   G   A . n 
B 2 1  C   1  2  2  C   C   B . n 
B 2 2  G   2  3  3  G   G   B . n 
B 2 3  G   3  4  4  G   G   B . n 
B 2 4  U   4  5  5  U   U   B . n 
B 2 5  G   5  6  6  G   G   B . n 
B 2 6  A   6  7  7  A   A   B . n 
B 2 7  G   7  8  8  G   G   B . n 
B 2 8  A   8  9  9  A   A   B . n 
B 2 9  A   9  10 10 A   A   B . n 
B 2 10 G   10 11 11 G   G   B . n 
B 2 11 G   11 12 12 G   G   B . n 
B 2 12 G   12 13 13 G   G   B . n 
B 2 13 S9L 13 14 14 S9L S9L B . n 
B 2 14 G   14 15 15 G   G   B . n 
B 2 15 G   15 16 16 G   G   B . n 
B 2 16 C   16 17 17 C   C   B . n 
B 2 17 A   17 18 18 A   A   B . n 
B 2 18 G   18 19 19 G   G   B . n 
B 2 19 A   19 20 20 A   A   B . n 
B 2 20 G   20 21 21 G   G   B . n 
B 2 21 A   21 22 22 A   A   B . n 
B 2 22 A   22 23 23 A   A   B . n 
B 2 23 A   23 24 24 A   A   B . n 
B 2 24 C   24 25 25 C   C   B . n 
B 2 25 A   25 26 26 A   A   B . n 
B 2 26 C   26 27 27 C   C   B . n 
B 2 27 A   27 28 28 A   A   B . n 
B 2 28 C   28 29 29 C   C   B . n 
B 2 29 G   29 30 30 G   G   B . n 
B 2 30 A   30 31 31 A   A   B . n 
C 3 1  U   1  31 31 U   U   C . n 
C 3 2  C   2  32 32 C   C   C . n 
C 3 3  G   3  33 33 G   G   C . n 
C 3 4  U   4  34 34 U   U   C . n 
C 3 5  G   5  35 35 G   G   C . n 
C 3 6  G   6  36 36 G   G   C . n 
C 3 7  U   7  37 37 U   U   C . n 
C 3 8  C   8  38 38 C   C   C . n 
C 3 9  C   9  39 39 C   C   C . n 
C 3 10 A   10 40 40 A   A   C . n 
C 3 11 U   11 41 41 U   U   C . n 
C 3 12 U   12 42 42 U   U   C . n 
C 3 13 A   13 43 43 A   A   C . n 
C 3 14 C   14 44 44 C   C   C . n 
C 3 15 C   15 45 45 C   C   C . n 
C 3 16 U   16 46 46 U   U   C . n 
C 3 17 G   17 47 47 G   G   C . n 
C 3 18 C   18 48 48 C   C   C . n 
C 3 19 C   19 49 49 C   C   C . n 
# 
loop_
_pdbx_nonpoly_scheme.asym_id 
_pdbx_nonpoly_scheme.entity_id 
_pdbx_nonpoly_scheme.mon_id 
_pdbx_nonpoly_scheme.ndb_seq_num 
_pdbx_nonpoly_scheme.pdb_seq_num 
_pdbx_nonpoly_scheme.auth_seq_num 
_pdbx_nonpoly_scheme.pdb_mon_id 
_pdbx_nonpoly_scheme.auth_mon_id 
_pdbx_nonpoly_scheme.pdb_strand_id 
_pdbx_nonpoly_scheme.pdb_ins_code 
D 4 SO4 1 14 1 SO4 SO4 A . 
E 5 NCO 1 32 2 NCO NCO B . 
F 5 NCO 1 1  1 NCO NCO C . 
G 5 NCO 1 3  3 NCO NCO C . 
H 6 HOH 1 15 6 HOH HOH A . 
I 6 HOH 1 33 1 HOH HOH B . 
J 6 HOH 1 50 2 HOH HOH C . 
J 6 HOH 2 51 3 HOH HOH C . 
J 6 HOH 3 52 4 HOH HOH C . 
J 6 HOH 4 53 5 HOH HOH C . 
J 6 HOH 5 54 7 HOH HOH C . 
# 
_pdbx_struct_mod_residue.id               1 
_pdbx_struct_mod_residue.label_asym_id    A 
_pdbx_struct_mod_residue.label_comp_id    A2M 
_pdbx_struct_mod_residue.label_seq_id     5 
_pdbx_struct_mod_residue.auth_asym_id     A 
_pdbx_struct_mod_residue.auth_comp_id     A2M 
_pdbx_struct_mod_residue.auth_seq_id      5 
_pdbx_struct_mod_residue.PDB_ins_code     ? 
_pdbx_struct_mod_residue.parent_comp_id   A 
_pdbx_struct_mod_residue.details          "2'-O-METHYL-ADENOSINE-5'-MONOPHOSPHATE" 
# 
_pdbx_struct_assembly.id                   1 
_pdbx_struct_assembly.details              author_and_software_defined_assembly 
_pdbx_struct_assembly.method_details       PISA 
_pdbx_struct_assembly.oligomeric_details   trimeric 
_pdbx_struct_assembly.oligomeric_count     3 
# 
_pdbx_struct_assembly_gen.assembly_id       1 
_pdbx_struct_assembly_gen.oper_expression   1 
_pdbx_struct_assembly_gen.asym_id_list      A,B,C,D,E,F,G,H,I,J 
# 
loop_
_pdbx_struct_assembly_prop.biol_id 
_pdbx_struct_assembly_prop.type 
_pdbx_struct_assembly_prop.value 
_pdbx_struct_assembly_prop.details 
1 'ABSA (A^2)' 6540 ? 
1 MORE         -28  ? 
1 'SSA (A^2)'  9120 ? 
# 
_pdbx_struct_oper_list.id                   1 
_pdbx_struct_oper_list.type                 'identity operation' 
_pdbx_struct_oper_list.name                 1_555 
_pdbx_struct_oper_list.symmetry_operation   x,y,z 
_pdbx_struct_oper_list.matrix[1][1]         1.0000000000 
_pdbx_struct_oper_list.matrix[1][2]         0.0000000000 
_pdbx_struct_oper_list.matrix[1][3]         0.0000000000 
_pdbx_struct_oper_list.vector[1]            0.0000000000 
_pdbx_struct_oper_list.matrix[2][1]         0.0000000000 
_pdbx_struct_oper_list.matrix[2][2]         1.0000000000 
_pdbx_struct_oper_list.matrix[2][3]         0.0000000000 
_pdbx_struct_oper_list.vector[2]            0.0000000000 
_pdbx_struct_oper_list.matrix[3][1]         0.0000000000 
_pdbx_struct_oper_list.matrix[3][2]         0.0000000000 
_pdbx_struct_oper_list.matrix[3][3]         1.0000000000 
_pdbx_struct_oper_list.vector[3]            0.0000000000 
# 
loop_
_pdbx_audit_revision_history.ordinal 
_pdbx_audit_revision_history.data_content_type 
_pdbx_audit_revision_history.major_revision 
_pdbx_audit_revision_history.minor_revision 
_pdbx_audit_revision_history.revision_date 
1 'Structure model' 1 0 2008-08-12 
2 'Structure model' 1 1 2011-07-13 
3 'Structure model' 1 2 2023-08-30 
# 
_pdbx_audit_revision_details.ordinal             1 
_pdbx_audit_revision_details.revision_ordinal    1 
_pdbx_audit_revision_details.data_content_type   'Structure model' 
_pdbx_audit_revision_details.provider            repository 
_pdbx_audit_revision_details.type                'Initial release' 
_pdbx_audit_revision_details.description         ? 
_pdbx_audit_revision_details.details             ? 
# 
loop_
_pdbx_audit_revision_group.ordinal 
_pdbx_audit_revision_group.revision_ordinal 
_pdbx_audit_revision_group.data_content_type 
_pdbx_audit_revision_group.group 
1 2 'Structure model' 'Non-polymer description'   
2 2 'Structure model' 'Version format compliance' 
3 3 'Structure model' 'Data collection'           
4 3 'Structure model' 'Database references'       
5 3 'Structure model' 'Derived calculations'      
6 3 'Structure model' 'Refinement description'    
# 
loop_
_pdbx_audit_revision_category.ordinal 
_pdbx_audit_revision_category.revision_ordinal 
_pdbx_audit_revision_category.data_content_type 
_pdbx_audit_revision_category.category 
1 3 'Structure model' chem_comp_atom                
2 3 'Structure model' chem_comp_bond                
3 3 'Structure model' database_2                    
4 3 'Structure model' pdbx_initial_refinement_model 
5 3 'Structure model' struct_conn                   
6 3 'Structure model' struct_ref_seq                
# 
loop_
_pdbx_audit_revision_item.ordinal 
_pdbx_audit_revision_item.revision_ordinal 
_pdbx_audit_revision_item.data_content_type 
_pdbx_audit_revision_item.item 
1 3 'Structure model' '_database_2.pdbx_DOI'                
2 3 'Structure model' '_database_2.pdbx_database_accession' 
3 3 'Structure model' '_struct_conn.pdbx_leaving_atom_flag' 
4 3 'Structure model' '_struct_ref_seq.db_align_beg'        
5 3 'Structure model' '_struct_ref_seq.db_align_end'        
# 
loop_
_software.name 
_software.classification 
_software.version 
_software.citation_id 
_software.pdbx_ordinal 
Blu-Ice      'data collection' . ? 1 
CNS          refinement        . ? 2 
CrystalClear 'data reduction'  . ? 3 
CrystalClear 'data scaling'    . ? 4 
CNS          phasing           . ? 5 
# 
loop_
_pdbx_validate_rmsd_angle.id 
_pdbx_validate_rmsd_angle.PDB_model_num 
_pdbx_validate_rmsd_angle.auth_atom_id_1 
_pdbx_validate_rmsd_angle.auth_asym_id_1 
_pdbx_validate_rmsd_angle.auth_comp_id_1 
_pdbx_validate_rmsd_angle.auth_seq_id_1 
_pdbx_validate_rmsd_angle.PDB_ins_code_1 
_pdbx_validate_rmsd_angle.label_alt_id_1 
_pdbx_validate_rmsd_angle.auth_atom_id_2 
_pdbx_validate_rmsd_angle.auth_asym_id_2 
_pdbx_validate_rmsd_angle.auth_comp_id_2 
_pdbx_validate_rmsd_angle.auth_seq_id_2 
_pdbx_validate_rmsd_angle.PDB_ins_code_2 
_pdbx_validate_rmsd_angle.label_alt_id_2 
_pdbx_validate_rmsd_angle.auth_atom_id_3 
_pdbx_validate_rmsd_angle.auth_asym_id_3 
_pdbx_validate_rmsd_angle.auth_comp_id_3 
_pdbx_validate_rmsd_angle.auth_seq_id_3 
_pdbx_validate_rmsd_angle.PDB_ins_code_3 
_pdbx_validate_rmsd_angle.label_alt_id_3 
_pdbx_validate_rmsd_angle.angle_value 
_pdbx_validate_rmsd_angle.angle_target_value 
_pdbx_validate_rmsd_angle.angle_deviation 
_pdbx_validate_rmsd_angle.angle_standard_deviation 
_pdbx_validate_rmsd_angle.linker_flag 
1 1 "O4'" C C 39 ? ? "C1'" C C 39 ? ? N1 C C 39 ? ? 114.96 108.50 6.46 0.70 N 
2 1 "C3'" C C 39 ? ? "O3'" C C 39 ? ? P  C A 40 ? ? 128.91 119.70 9.21 1.20 Y 
# 
loop_
_pdbx_validate_planes.id 
_pdbx_validate_planes.PDB_model_num 
_pdbx_validate_planes.auth_comp_id 
_pdbx_validate_planes.auth_asym_id 
_pdbx_validate_planes.auth_seq_id 
_pdbx_validate_planes.PDB_ins_code 
_pdbx_validate_planes.label_alt_id 
_pdbx_validate_planes.rmsd 
_pdbx_validate_planes.type 
1 1 G A 6  ? ? 0.064 'SIDE CHAIN' 
2 1 G C 35 ? ? 0.051 'SIDE CHAIN' 
# 
loop_
_chem_comp_atom.comp_id 
_chem_comp_atom.atom_id 
_chem_comp_atom.type_symbol 
_chem_comp_atom.pdbx_aromatic_flag 
_chem_comp_atom.pdbx_stereo_config 
_chem_comp_atom.pdbx_ordinal 
A   OP3    O  N N 1   
A   P      P  N N 2   
A   OP1    O  N N 3   
A   OP2    O  N N 4   
A   "O5'"  O  N N 5   
A   "C5'"  C  N N 6   
A   "C4'"  C  N R 7   
A   "O4'"  O  N N 8   
A   "C3'"  C  N S 9   
A   "O3'"  O  N N 10  
A   "C2'"  C  N R 11  
A   "O2'"  O  N N 12  
A   "C1'"  C  N R 13  
A   N9     N  Y N 14  
A   C8     C  Y N 15  
A   N7     N  Y N 16  
A   C5     C  Y N 17  
A   C6     C  Y N 18  
A   N6     N  N N 19  
A   N1     N  Y N 20  
A   C2     C  Y N 21  
A   N3     N  Y N 22  
A   C4     C  Y N 23  
A   HOP3   H  N N 24  
A   HOP2   H  N N 25  
A   "H5'"  H  N N 26  
A   "H5''" H  N N 27  
A   "H4'"  H  N N 28  
A   "H3'"  H  N N 29  
A   "HO3'" H  N N 30  
A   "H2'"  H  N N 31  
A   "HO2'" H  N N 32  
A   "H1'"  H  N N 33  
A   H8     H  N N 34  
A   H61    H  N N 35  
A   H62    H  N N 36  
A   H2     H  N N 37  
A2M P      P  N N 38  
A2M OP1    O  N N 39  
A2M OP3    O  N N 40  
A2M "O5'"  O  N N 41  
A2M "C5'"  C  N N 42  
A2M "C4'"  C  N R 43  
A2M "O4'"  O  N N 44  
A2M "C3'"  C  N R 45  
A2M "O3'"  O  N N 46  
A2M "C2'"  C  N R 47  
A2M "O2'"  O  N N 48  
A2M "C1'"  C  N R 49  
A2M "CM'"  C  N N 50  
A2M N9     N  Y N 51  
A2M C8     C  Y N 52  
A2M N7     N  Y N 53  
A2M C5     C  Y N 54  
A2M C6     C  Y N 55  
A2M N6     N  N N 56  
A2M N1     N  Y N 57  
A2M C2     C  Y N 58  
A2M N3     N  Y N 59  
A2M C4     C  Y N 60  
A2M HOP3   H  N N 61  
A2M "H5'"  H  N N 62  
A2M "H5''" H  N N 63  
A2M "H4'"  H  N N 64  
A2M "H3'"  H  N N 65  
A2M "HO3'" H  N N 66  
A2M "H2'"  H  N N 67  
A2M "H1'"  H  N N 68  
A2M "HM'1" H  N N 69  
A2M "HM'2" H  N N 70  
A2M "HM'3" H  N N 71  
A2M H8     H  N N 72  
A2M H61    H  N N 73  
A2M H62    H  N N 74  
A2M H2     H  N N 75  
A2M OP2    O  N N 76  
A2M HOP2   H  N N 77  
C   OP3    O  N N 78  
C   P      P  N N 79  
C   OP1    O  N N 80  
C   OP2    O  N N 81  
C   "O5'"  O  N N 82  
C   "C5'"  C  N N 83  
C   "C4'"  C  N R 84  
C   "O4'"  O  N N 85  
C   "C3'"  C  N S 86  
C   "O3'"  O  N N 87  
C   "C2'"  C  N R 88  
C   "O2'"  O  N N 89  
C   "C1'"  C  N R 90  
C   N1     N  N N 91  
C   C2     C  N N 92  
C   O2     O  N N 93  
C   N3     N  N N 94  
C   C4     C  N N 95  
C   N4     N  N N 96  
C   C5     C  N N 97  
C   C6     C  N N 98  
C   HOP3   H  N N 99  
C   HOP2   H  N N 100 
C   "H5'"  H  N N 101 
C   "H5''" H  N N 102 
C   "H4'"  H  N N 103 
C   "H3'"  H  N N 104 
C   "HO3'" H  N N 105 
C   "H2'"  H  N N 106 
C   "HO2'" H  N N 107 
C   "H1'"  H  N N 108 
C   H41    H  N N 109 
C   H42    H  N N 110 
C   H5     H  N N 111 
C   H6     H  N N 112 
G   OP3    O  N N 113 
G   P      P  N N 114 
G   OP1    O  N N 115 
G   OP2    O  N N 116 
G   "O5'"  O  N N 117 
G   "C5'"  C  N N 118 
G   "C4'"  C  N R 119 
G   "O4'"  O  N N 120 
G   "C3'"  C  N S 121 
G   "O3'"  O  N N 122 
G   "C2'"  C  N R 123 
G   "O2'"  O  N N 124 
G   "C1'"  C  N R 125 
G   N9     N  Y N 126 
G   C8     C  Y N 127 
G   N7     N  Y N 128 
G   C5     C  Y N 129 
G   C6     C  N N 130 
G   O6     O  N N 131 
G   N1     N  N N 132 
G   C2     C  N N 133 
G   N2     N  N N 134 
G   N3     N  N N 135 
G   C4     C  Y N 136 
G   HOP3   H  N N 137 
G   HOP2   H  N N 138 
G   "H5'"  H  N N 139 
G   "H5''" H  N N 140 
G   "H4'"  H  N N 141 
G   "H3'"  H  N N 142 
G   "HO3'" H  N N 143 
G   "H2'"  H  N N 144 
G   "HO2'" H  N N 145 
G   "H1'"  H  N N 146 
G   H8     H  N N 147 
G   H1     H  N N 148 
G   H21    H  N N 149 
G   H22    H  N N 150 
HOH O      O  N N 151 
HOH H1     H  N N 152 
HOH H2     H  N N 153 
NCO CO     CO N N 154 
NCO N1     N  N N 155 
NCO N2     N  N N 156 
NCO N3     N  N N 157 
NCO N4     N  N N 158 
NCO N5     N  N N 159 
NCO N6     N  N N 160 
NCO HN11   H  N N 161 
NCO HN12   H  N N 162 
NCO HN13   H  N N 163 
NCO HN21   H  N N 164 
NCO HN22   H  N N 165 
NCO HN23   H  N N 166 
NCO HN31   H  N N 167 
NCO HN32   H  N N 168 
NCO HN33   H  N N 169 
NCO HN41   H  N N 170 
NCO HN42   H  N N 171 
NCO HN43   H  N N 172 
NCO HN51   H  N N 173 
NCO HN52   H  N N 174 
NCO HN53   H  N N 175 
NCO HN61   H  N N 176 
NCO HN62   H  N N 177 
NCO HN63   H  N N 178 
S9L O3P    O  N N 179 
S9L P      P  N N 180 
S9L O1P    O  N N 181 
S9L O2P    O  N N 182 
S9L "O5'"  O  N N 183 
S9L C12    C  N N 184 
S9L C22    C  N N 185 
S9L OH3    O  N N 186 
S9L C13    C  N N 187 
S9L C23    C  N N 188 
S9L OH4    O  N N 189 
S9L C14    C  N N 190 
S9L C24    C  N N 191 
S9L "O3'"  O  N N 192 
S9L HO3P   H  N N 193 
S9L HO1P   H  N N 194 
S9L H121   H  N N 195 
S9L H122   H  N N 196 
S9L H221   H  N N 197 
S9L H222   H  N N 198 
S9L H131   H  N N 199 
S9L H132   H  N N 200 
S9L H231   H  N N 201 
S9L H232   H  N N 202 
S9L H141   H  N N 203 
S9L H142   H  N N 204 
S9L H241   H  N N 205 
S9L H242   H  N N 206 
S9L "HO3'" H  N N 207 
SO4 S      S  N N 208 
SO4 O1     O  N N 209 
SO4 O2     O  N N 210 
SO4 O3     O  N N 211 
SO4 O4     O  N N 212 
U   OP3    O  N N 213 
U   P      P  N N 214 
U   OP1    O  N N 215 
U   OP2    O  N N 216 
U   "O5'"  O  N N 217 
U   "C5'"  C  N N 218 
U   "C4'"  C  N R 219 
U   "O4'"  O  N N 220 
U   "C3'"  C  N S 221 
U   "O3'"  O  N N 222 
U   "C2'"  C  N R 223 
U   "O2'"  O  N N 224 
U   "C1'"  C  N R 225 
U   N1     N  N N 226 
U   C2     C  N N 227 
U   O2     O  N N 228 
U   N3     N  N N 229 
U   C4     C  N N 230 
U   O4     O  N N 231 
U   C5     C  N N 232 
U   C6     C  N N 233 
U   HOP3   H  N N 234 
U   HOP2   H  N N 235 
U   "H5'"  H  N N 236 
U   "H5''" H  N N 237 
U   "H4'"  H  N N 238 
U   "H3'"  H  N N 239 
U   "HO3'" H  N N 240 
U   "H2'"  H  N N 241 
U   "HO2'" H  N N 242 
U   "H1'"  H  N N 243 
U   H3     H  N N 244 
U   H5     H  N N 245 
U   H6     H  N N 246 
# 
loop_
_chem_comp_bond.comp_id 
_chem_comp_bond.atom_id_1 
_chem_comp_bond.atom_id_2 
_chem_comp_bond.value_order 
_chem_comp_bond.pdbx_aromatic_flag 
_chem_comp_bond.pdbx_stereo_config 
_chem_comp_bond.pdbx_ordinal 
A   OP3   P      sing N N 1   
A   OP3   HOP3   sing N N 2   
A   P     OP1    doub N N 3   
A   P     OP2    sing N N 4   
A   P     "O5'"  sing N N 5   
A   OP2   HOP2   sing N N 6   
A   "O5'" "C5'"  sing N N 7   
A   "C5'" "C4'"  sing N N 8   
A   "C5'" "H5'"  sing N N 9   
A   "C5'" "H5''" sing N N 10  
A   "C4'" "O4'"  sing N N 11  
A   "C4'" "C3'"  sing N N 12  
A   "C4'" "H4'"  sing N N 13  
A   "O4'" "C1'"  sing N N 14  
A   "C3'" "O3'"  sing N N 15  
A   "C3'" "C2'"  sing N N 16  
A   "C3'" "H3'"  sing N N 17  
A   "O3'" "HO3'" sing N N 18  
A   "C2'" "O2'"  sing N N 19  
A   "C2'" "C1'"  sing N N 20  
A   "C2'" "H2'"  sing N N 21  
A   "O2'" "HO2'" sing N N 22  
A   "C1'" N9     sing N N 23  
A   "C1'" "H1'"  sing N N 24  
A   N9    C8     sing Y N 25  
A   N9    C4     sing Y N 26  
A   C8    N7     doub Y N 27  
A   C8    H8     sing N N 28  
A   N7    C5     sing Y N 29  
A   C5    C6     sing Y N 30  
A   C5    C4     doub Y N 31  
A   C6    N6     sing N N 32  
A   C6    N1     doub Y N 33  
A   N6    H61    sing N N 34  
A   N6    H62    sing N N 35  
A   N1    C2     sing Y N 36  
A   C2    N3     doub Y N 37  
A   C2    H2     sing N N 38  
A   N3    C4     sing Y N 39  
A2M P     OP1    doub N N 40  
A2M P     OP3    sing N N 41  
A2M P     "O5'"  sing N N 42  
A2M OP3   HOP3   sing N N 43  
A2M "O5'" "C5'"  sing N N 44  
A2M "C5'" "C4'"  sing N N 45  
A2M "C5'" "H5'"  sing N N 46  
A2M "C5'" "H5''" sing N N 47  
A2M "C4'" "O4'"  sing N N 48  
A2M "C4'" "C3'"  sing N N 49  
A2M "C4'" "H4'"  sing N N 50  
A2M "O4'" "C1'"  sing N N 51  
A2M "C3'" "O3'"  sing N N 52  
A2M "C3'" "C2'"  sing N N 53  
A2M "C3'" "H3'"  sing N N 54  
A2M "O3'" "HO3'" sing N N 55  
A2M "C2'" "O2'"  sing N N 56  
A2M "C2'" "C1'"  sing N N 57  
A2M "C2'" "H2'"  sing N N 58  
A2M "O2'" "CM'"  sing N N 59  
A2M "C1'" N9     sing N N 60  
A2M "C1'" "H1'"  sing N N 61  
A2M "CM'" "HM'1" sing N N 62  
A2M "CM'" "HM'2" sing N N 63  
A2M "CM'" "HM'3" sing N N 64  
A2M N9    C8     sing Y N 65  
A2M N9    C4     sing Y N 66  
A2M C8    N7     doub Y N 67  
A2M C8    H8     sing N N 68  
A2M N7    C5     sing Y N 69  
A2M C5    C6     sing Y N 70  
A2M C5    C4     doub Y N 71  
A2M C6    N6     sing N N 72  
A2M C6    N1     doub Y N 73  
A2M N6    H61    sing N N 74  
A2M N6    H62    sing N N 75  
A2M N1    C2     sing Y N 76  
A2M C2    N3     doub Y N 77  
A2M C2    H2     sing N N 78  
A2M N3    C4     sing Y N 79  
A2M P     OP2    sing N N 80  
A2M OP2   HOP2   sing N N 81  
C   OP3   P      sing N N 82  
C   OP3   HOP3   sing N N 83  
C   P     OP1    doub N N 84  
C   P     OP2    sing N N 85  
C   P     "O5'"  sing N N 86  
C   OP2   HOP2   sing N N 87  
C   "O5'" "C5'"  sing N N 88  
C   "C5'" "C4'"  sing N N 89  
C   "C5'" "H5'"  sing N N 90  
C   "C5'" "H5''" sing N N 91  
C   "C4'" "O4'"  sing N N 92  
C   "C4'" "C3'"  sing N N 93  
C   "C4'" "H4'"  sing N N 94  
C   "O4'" "C1'"  sing N N 95  
C   "C3'" "O3'"  sing N N 96  
C   "C3'" "C2'"  sing N N 97  
C   "C3'" "H3'"  sing N N 98  
C   "O3'" "HO3'" sing N N 99  
C   "C2'" "O2'"  sing N N 100 
C   "C2'" "C1'"  sing N N 101 
C   "C2'" "H2'"  sing N N 102 
C   "O2'" "HO2'" sing N N 103 
C   "C1'" N1     sing N N 104 
C   "C1'" "H1'"  sing N N 105 
C   N1    C2     sing N N 106 
C   N1    C6     sing N N 107 
C   C2    O2     doub N N 108 
C   C2    N3     sing N N 109 
C   N3    C4     doub N N 110 
C   C4    N4     sing N N 111 
C   C4    C5     sing N N 112 
C   N4    H41    sing N N 113 
C   N4    H42    sing N N 114 
C   C5    C6     doub N N 115 
C   C5    H5     sing N N 116 
C   C6    H6     sing N N 117 
G   OP3   P      sing N N 118 
G   OP3   HOP3   sing N N 119 
G   P     OP1    doub N N 120 
G   P     OP2    sing N N 121 
G   P     "O5'"  sing N N 122 
G   OP2   HOP2   sing N N 123 
G   "O5'" "C5'"  sing N N 124 
G   "C5'" "C4'"  sing N N 125 
G   "C5'" "H5'"  sing N N 126 
G   "C5'" "H5''" sing N N 127 
G   "C4'" "O4'"  sing N N 128 
G   "C4'" "C3'"  sing N N 129 
G   "C4'" "H4'"  sing N N 130 
G   "O4'" "C1'"  sing N N 131 
G   "C3'" "O3'"  sing N N 132 
G   "C3'" "C2'"  sing N N 133 
G   "C3'" "H3'"  sing N N 134 
G   "O3'" "HO3'" sing N N 135 
G   "C2'" "O2'"  sing N N 136 
G   "C2'" "C1'"  sing N N 137 
G   "C2'" "H2'"  sing N N 138 
G   "O2'" "HO2'" sing N N 139 
G   "C1'" N9     sing N N 140 
G   "C1'" "H1'"  sing N N 141 
G   N9    C8     sing Y N 142 
G   N9    C4     sing Y N 143 
G   C8    N7     doub Y N 144 
G   C8    H8     sing N N 145 
G   N7    C5     sing Y N 146 
G   C5    C6     sing N N 147 
G   C5    C4     doub Y N 148 
G   C6    O6     doub N N 149 
G   C6    N1     sing N N 150 
G   N1    C2     sing N N 151 
G   N1    H1     sing N N 152 
G   C2    N2     sing N N 153 
G   C2    N3     doub N N 154 
G   N2    H21    sing N N 155 
G   N2    H22    sing N N 156 
G   N3    C4     sing N N 157 
HOH O     H1     sing N N 158 
HOH O     H2     sing N N 159 
NCO CO    N1     sing N N 160 
NCO CO    N2     sing N N 161 
NCO CO    N3     sing N N 162 
NCO CO    N4     sing N N 163 
NCO CO    N5     sing N N 164 
NCO CO    N6     sing N N 165 
NCO N1    HN11   sing N N 166 
NCO N1    HN12   sing N N 167 
NCO N1    HN13   sing N N 168 
NCO N2    HN21   sing N N 169 
NCO N2    HN22   sing N N 170 
NCO N2    HN23   sing N N 171 
NCO N3    HN31   sing N N 172 
NCO N3    HN32   sing N N 173 
NCO N3    HN33   sing N N 174 
NCO N4    HN41   sing N N 175 
NCO N4    HN42   sing N N 176 
NCO N4    HN43   sing N N 177 
NCO N5    HN51   sing N N 178 
NCO N5    HN52   sing N N 179 
NCO N5    HN53   sing N N 180 
NCO N6    HN61   sing N N 181 
NCO N6    HN62   sing N N 182 
NCO N6    HN63   sing N N 183 
S9L O3P   P      sing N N 184 
S9L O3P   HO3P   sing N N 185 
S9L P     O2P    doub N N 186 
S9L P     O1P    sing N N 187 
S9L P     "O5'"  sing N N 188 
S9L O1P   HO1P   sing N N 189 
S9L "O5'" C12    sing N N 190 
S9L C12   C22    sing N N 191 
S9L C12   H121   sing N N 192 
S9L C12   H122   sing N N 193 
S9L C22   OH3    sing N N 194 
S9L C22   H221   sing N N 195 
S9L C22   H222   sing N N 196 
S9L OH3   C23    sing N N 197 
S9L C13   C23    sing N N 198 
S9L C13   OH4    sing N N 199 
S9L C13   H131   sing N N 200 
S9L C13   H132   sing N N 201 
S9L C23   H231   sing N N 202 
S9L C23   H232   sing N N 203 
S9L OH4   C24    sing N N 204 
S9L C14   C24    sing N N 205 
S9L C14   "O3'"  sing N N 206 
S9L C14   H141   sing N N 207 
S9L C14   H142   sing N N 208 
S9L C24   H241   sing N N 209 
S9L C24   H242   sing N N 210 
S9L "O3'" "HO3'" sing N N 211 
SO4 S     O1     doub N N 212 
SO4 S     O2     doub N N 213 
SO4 S     O3     sing N N 214 
SO4 S     O4     sing N N 215 
U   OP3   P      sing N N 216 
U   OP3   HOP3   sing N N 217 
U   P     OP1    doub N N 218 
U   P     OP2    sing N N 219 
U   P     "O5'"  sing N N 220 
U   OP2   HOP2   sing N N 221 
U   "O5'" "C5'"  sing N N 222 
U   "C5'" "C4'"  sing N N 223 
U   "C5'" "H5'"  sing N N 224 
U   "C5'" "H5''" sing N N 225 
U   "C4'" "O4'"  sing N N 226 
U   "C4'" "C3'"  sing N N 227 
U   "C4'" "H4'"  sing N N 228 
U   "O4'" "C1'"  sing N N 229 
U   "C3'" "O3'"  sing N N 230 
U   "C3'" "C2'"  sing N N 231 
U   "C3'" "H3'"  sing N N 232 
U   "O3'" "HO3'" sing N N 233 
U   "C2'" "O2'"  sing N N 234 
U   "C2'" "C1'"  sing N N 235 
U   "C2'" "H2'"  sing N N 236 
U   "O2'" "HO2'" sing N N 237 
U   "C1'" N1     sing N N 238 
U   "C1'" "H1'"  sing N N 239 
U   N1    C2     sing N N 240 
U   N1    C6     sing N N 241 
U   C2    O2     doub N N 242 
U   C2    N3     sing N N 243 
U   N3    C4     sing N N 244 
U   N3    H3     sing N N 245 
U   C4    O4     doub N N 246 
U   C4    C5     sing N N 247 
U   C5    C6     doub N N 248 
U   C5    H5     sing N N 249 
U   C6    H6     sing N N 250 
# 
loop_
_ndb_struct_conf_na.entry_id 
_ndb_struct_conf_na.feature 
3BBM 'double helix'         
3BBM 'a-form double helix'  
3BBM 'mismatched base pair' 
3BBM 'internal loop'        
# 
loop_
_ndb_struct_na_base_pair.model_number 
_ndb_struct_na_base_pair.i_label_asym_id 
_ndb_struct_na_base_pair.i_label_comp_id 
_ndb_struct_na_base_pair.i_label_seq_id 
_ndb_struct_na_base_pair.i_symmetry 
_ndb_struct_na_base_pair.j_label_asym_id 
_ndb_struct_na_base_pair.j_label_comp_id 
_ndb_struct_na_base_pair.j_label_seq_id 
_ndb_struct_na_base_pair.j_symmetry 
_ndb_struct_na_base_pair.shear 
_ndb_struct_na_base_pair.stretch 
_ndb_struct_na_base_pair.stagger 
_ndb_struct_na_base_pair.buckle 
_ndb_struct_na_base_pair.propeller 
_ndb_struct_na_base_pair.opening 
_ndb_struct_na_base_pair.pair_number 
_ndb_struct_na_base_pair.pair_name 
_ndb_struct_na_base_pair.i_auth_asym_id 
_ndb_struct_na_base_pair.i_auth_seq_id 
_ndb_struct_na_base_pair.i_PDB_ins_code 
_ndb_struct_na_base_pair.j_auth_asym_id 
_ndb_struct_na_base_pair.j_auth_seq_id 
_ndb_struct_na_base_pair.j_PDB_ins_code 
_ndb_struct_na_base_pair.hbond_type_28 
_ndb_struct_na_base_pair.hbond_type_12 
1 A C   2  1_555 B G 12 1_555 0.097  -0.143 -0.339 5.184   -17.152 4.826   1  A_C2:G13_B  A 2  ? B 13 ? 19 1  
1 A C   3  1_555 B G 11 1_555 0.149  -0.180 -0.200 -2.908  -7.121  0.383   2  A_C3:G12_B  A 3  ? B 12 ? 19 1  
1 A C   4  1_555 B G 10 1_555 0.476  -0.035 0.142  5.014   6.396   6.255   3  A_C4:G11_B  A 4  ? B 11 ? 19 1  
1 A A2M 5  1_555 B A 8  1_555 6.828  -3.230 -0.484 9.933   2.457   -33.176 4  A_A2M5:A9_B A 5  ? B 9  ? ?  ?  
1 A U   7  1_555 B G 7  1_555 -8.045 -3.066 0.025  12.693  -0.153  2.417   5  A_U7:G8_B   A 7  ? B 8  ? ?  ?  
1 A C   8  1_555 B A 6  1_555 -2.012 0.644  -0.755 19.906  -19.315 9.709   6  A_C8:A7_B   A 8  ? B 7  ? ?  ?  
1 A C   9  1_555 B G 5  1_555 0.386  -0.010 0.055  5.181   -11.338 4.972   7  A_C9:G6_B   A 9  ? B 6  ? 19 1  
1 A A   10 1_555 B U 4  1_555 0.745  -0.235 0.364  -0.066  -9.933  -4.824  8  A_A10:U5_B  A 10 ? B 5  ? 20 1  
1 A C   11 1_555 B G 3  1_555 0.598  0.037  0.450  0.807   -9.674  6.192   9  A_C11:G4_B  A 11 ? B 4  ? 19 1  
1 A C   12 1_555 B G 2  1_555 0.346  -0.260 0.342  2.710   -12.933 2.622   10 A_C12:G3_B  A 12 ? B 3  ? 19 1  
1 A G   13 1_555 B C 1  1_555 0.246  0.068  -0.042 -1.268  -9.978  8.603   11 A_G13:C2_B  A 13 ? B 2  ? 19 1  
1 B G   14 1_555 C C 19 1_555 -0.267 -0.171 0.568  -1.715  -11.401 0.520   12 B_G15:C49_C B 15 ? C 49 ? 19 1  
1 B G   15 1_555 C C 18 1_555 -0.873 -0.231 0.549  10.368  -7.520  -0.030  13 B_G16:C48_C B 16 ? C 48 ? 19 1  
1 B C   16 1_555 C G 17 1_555 -0.036 0.026  0.154  2.603   -12.223 2.894   14 B_C17:G47_C B 17 ? C 47 ? 19 1  
1 B A   17 1_555 C U 16 1_555 -0.379 -0.122 -0.189 -7.387  -7.543  9.445   15 B_A18:U46_C B 18 ? C 46 ? 20 1  
1 B G   18 1_555 C C 15 1_555 -0.306 -0.125 -0.543 -11.477 -5.855  5.175   16 B_G19:C45_C B 19 ? C 45 ? 19 1  
1 B A   19 1_555 C C 14 1_555 2.084  0.361  -0.401 -11.981 -8.745  16.004  17 B_A20:C44_C B 20 ? C 44 ? ?  1  
1 B G   20 1_555 C A 13 1_555 7.104  -4.833 -0.026 -5.628  0.923   -8.768  18 B_G21:A43_C B 21 ? C 43 ? ?  10 
1 B A   21 1_555 C U 11 1_555 -4.195 -1.730 -0.085 -5.798  -10.374 -98.851 19 B_A22:U41_C B 22 ? C 41 ? 24 4  
1 B A   22 1_555 C A 10 1_555 -4.376 1.058  -0.643 0.440   -22.952 -98.130 20 B_A23:A40_C B 23 ? C 40 ? ?  ?  
1 B A   23 1_555 C C 8  1_555 -1.294 -0.175 0.151  9.953   7.703   123.548 21 B_A24:C38_C B 24 ? C 38 ? ?  2  
1 B C   24 1_555 A G 6  1_555 0.507  -0.274 0.117  12.768  -8.155  -1.355  22 B_C25:G6_A  B 25 ? A 6  ? 19 1  
1 B A   25 1_555 C G 6  1_555 0.130  1.341  -0.375 -7.408  -15.782 -20.223 23 B_A26:G36_C B 26 ? C 36 ? 8  ?  
1 B C   26 1_555 C G 5  1_555 -0.020 -0.269 0.091  6.533   -20.553 0.448   24 B_C27:G35_C B 27 ? C 35 ? 19 1  
1 B A   27 1_555 C U 4  1_555 0.022  -0.162 0.308  7.883   -22.522 -0.402  25 B_A28:U34_C B 28 ? C 34 ? 20 1  
1 B C   28 1_555 C G 3  1_555 0.080  -0.112 0.058  5.240   -13.791 0.937   26 B_C29:G33_C B 29 ? C 33 ? 19 1  
1 B G   29 1_555 C C 2  1_555 -0.353 -0.043 0.404  -4.879  -10.374 -1.984  27 B_G30:C32_C B 30 ? C 32 ? 19 1  
1 B A   30 1_555 C U 1  1_555 0.630  0.006  0.370  0.529   -7.275  1.988   28 B_A31:U31_C B 31 ? C 31 ? 20 1  
# 
loop_
_ndb_struct_na_base_pair_step.model_number 
_ndb_struct_na_base_pair_step.i_label_asym_id_1 
_ndb_struct_na_base_pair_step.i_label_comp_id_1 
_ndb_struct_na_base_pair_step.i_label_seq_id_1 
_ndb_struct_na_base_pair_step.i_symmetry_1 
_ndb_struct_na_base_pair_step.j_label_asym_id_1 
_ndb_struct_na_base_pair_step.j_label_comp_id_1 
_ndb_struct_na_base_pair_step.j_label_seq_id_1 
_ndb_struct_na_base_pair_step.j_symmetry_1 
_ndb_struct_na_base_pair_step.i_label_asym_id_2 
_ndb_struct_na_base_pair_step.i_label_comp_id_2 
_ndb_struct_na_base_pair_step.i_label_seq_id_2 
_ndb_struct_na_base_pair_step.i_symmetry_2 
_ndb_struct_na_base_pair_step.j_label_asym_id_2 
_ndb_struct_na_base_pair_step.j_label_comp_id_2 
_ndb_struct_na_base_pair_step.j_label_seq_id_2 
_ndb_struct_na_base_pair_step.j_symmetry_2 
_ndb_struct_na_base_pair_step.shift 
_ndb_struct_na_base_pair_step.slide 
_ndb_struct_na_base_pair_step.rise 
_ndb_struct_na_base_pair_step.tilt 
_ndb_struct_na_base_pair_step.roll 
_ndb_struct_na_base_pair_step.twist 
_ndb_struct_na_base_pair_step.x_displacement 
_ndb_struct_na_base_pair_step.y_displacement 
_ndb_struct_na_base_pair_step.helical_rise 
_ndb_struct_na_base_pair_step.inclination 
_ndb_struct_na_base_pair_step.tip 
_ndb_struct_na_base_pair_step.helical_twist 
_ndb_struct_na_base_pair_step.step_number 
_ndb_struct_na_base_pair_step.step_name 
_ndb_struct_na_base_pair_step.i_auth_asym_id_1 
_ndb_struct_na_base_pair_step.i_auth_seq_id_1 
_ndb_struct_na_base_pair_step.i_PDB_ins_code_1 
_ndb_struct_na_base_pair_step.j_auth_asym_id_1 
_ndb_struct_na_base_pair_step.j_auth_seq_id_1 
_ndb_struct_na_base_pair_step.j_PDB_ins_code_1 
_ndb_struct_na_base_pair_step.i_auth_asym_id_2 
_ndb_struct_na_base_pair_step.i_auth_seq_id_2 
_ndb_struct_na_base_pair_step.i_PDB_ins_code_2 
_ndb_struct_na_base_pair_step.j_auth_asym_id_2 
_ndb_struct_na_base_pair_step.j_auth_seq_id_2 
_ndb_struct_na_base_pair_step.j_PDB_ins_code_2 
1 A C   2  1_555 B G 12 1_555 A C   3  1_555 B G 11 1_555 -0.768 -1.666 3.541 -2.145  10.078 32.734  -4.439 0.961  2.956 17.353 
3.693   34.275  1  AA_C2C3:G12G13_BB   A 2  ? B 13 ? A 3  ? B 12 ? 
1 A C   3  1_555 B G 11 1_555 A C   4  1_555 B G 10 1_555 0.702  -1.601 3.217 -0.572  8.180  29.016  -4.611 -1.458 2.663 15.928 
1.113   30.128  2  AA_C3C4:G11G12_BB   A 3  ? B 12 ? A 4  ? B 11 ? 
1 A C   4  1_555 B G 10 1_555 A A2M 5  1_555 B A 8  1_555 -0.207 -1.029 5.337 -1.155  24.012 73.969  -1.933 0.112  4.873 19.467 
0.936   77.243  3  AA_C4A2M5:A9G11_BB  A 4  ? B 11 ? A 5  ? B 9  ? 
1 A A2M 5  1_555 B A 8  1_555 A U   7  1_555 B G 7  1_555 -0.222 -0.094 3.336 10.236  3.497  5.399   -4.822 13.868 1.277 20.545 
-60.139 12.086  4  AA_A2M5U7:G8A9_BB   A 5  ? B 9  ? A 7  ? B 8  ? 
1 A U   7  1_555 B G 7  1_555 A C   8  1_555 B A 6  1_555 0.263  -0.558 3.179 -3.656  10.495 55.326  -1.158 -0.476 3.014 11.177 
3.893   56.345  5  AA_U7C8:A7G8_BB     A 7  ? B 8  ? A 8  ? B 7  ? 
1 A C   8  1_555 B A 6  1_555 A C   9  1_555 B G 5  1_555 -0.319 -1.444 3.726 -8.204  9.614  38.814  -3.244 -0.540 3.291 14.022 
11.965  40.744  6  AA_C8C9:G6A7_BB     A 8  ? B 7  ? A 9  ? B 6  ? 
1 A C   9  1_555 B G 5  1_555 A A   10 1_555 B U 4  1_555 -0.760 -1.731 3.197 -3.295  9.319  36.978  -3.729 0.776  2.752 14.381 
5.084   38.232  7  AA_C9A10:U5G6_BB    A 9  ? B 6  ? A 10 ? B 5  ? 
1 A A   10 1_555 B U 4  1_555 A C   11 1_555 B G 3  1_555 -0.088 -1.674 3.261 -0.723  2.650  27.299  -4.165 0.012  3.089 5.597  
1.527   27.434  8  AA_A10C11:G4U5_BB   A 10 ? B 5  ? A 11 ? B 4  ? 
1 A C   11 1_555 B G 3  1_555 A C   12 1_555 B G 2  1_555 0.034  -2.366 2.910 1.256   5.780  31.207  -5.200 0.129  2.443 10.624 
-2.309  31.749  9  AA_C11C12:G3G4_BB   A 11 ? B 4  ? A 12 ? B 3  ? 
1 A C   12 1_555 B G 2  1_555 A G   13 1_555 B C 1  1_555 0.078  -1.598 3.220 5.287   8.868  32.353  -4.056 0.651  2.681 15.432 
-9.200  33.919  10 AA_C12G13:C2G3_BB   A 12 ? B 3  ? A 13 ? B 2  ? 
1 B G   14 1_555 C C 19 1_555 B G   15 1_555 C C 18 1_555 -0.664 -1.223 2.795 -4.358  5.749  31.133  -3.094 0.546  2.600 10.534 
7.986   31.938  11 BB_G15G16:C48C49_CC B 15 ? C 49 ? B 16 ? C 48 ? 
1 B G   15 1_555 C C 18 1_555 B C   16 1_555 C G 17 1_555 0.295  -1.392 3.471 1.282   8.413  37.536  -3.178 -0.285 3.107 12.872 
-1.961  38.454  12 BB_G16C17:G47C48_CC B 16 ? C 48 ? B 17 ? C 47 ? 
1 B C   16 1_555 C G 17 1_555 B A   17 1_555 C U 16 1_555 0.404  -1.768 3.348 -0.370  12.363 29.393  -5.298 -0.799 2.421 23.117 
0.691   31.837  13 BB_C17A18:U46G47_CC B 17 ? C 47 ? B 18 ? C 46 ? 
1 B A   17 1_555 C U 16 1_555 B G   18 1_555 C C 15 1_555 -0.114 -1.882 3.461 0.800   5.253  31.424  -4.396 0.355  3.110 9.612  
-1.463  31.859  14 BB_A18G19:C45U46_CC B 18 ? C 46 ? B 19 ? C 45 ? 
1 B G   18 1_555 C C 15 1_555 B A   19 1_555 C C 14 1_555 0.966  -1.290 3.364 1.207   6.912  37.375  -2.860 -1.329 3.113 10.671 
-1.863  38.005  15 BB_G19A20:C44C45_CC B 19 ? C 45 ? B 20 ? C 44 ? 
1 B A   19 1_555 C C 14 1_555 B G   20 1_555 C A 13 1_555 -0.617 -1.078 3.170 5.838   5.634  61.227  -1.300 0.860  3.006 5.506  
-5.704  61.711  16 BB_A20G21:A43C44_CC B 20 ? C 44 ? B 21 ? C 43 ? 
1 B G   20 1_555 C A 13 1_555 B A   21 1_555 C U 11 1_555 -2.143 -0.521 3.493 2.825   -1.466 11.396  -0.569 14.166 2.920 -7.201 
-13.874 11.831  17 BB_G21A22:U41A43_CC B 21 ? C 43 ? B 22 ? C 41 ? 
1 B A   21 1_555 C U 11 1_555 B A   22 1_555 C A 10 1_555 -0.110 -2.342 3.568 -10.695 8.102  44.261  -3.707 -0.809 3.063 10.471 
13.823  46.152  18 BB_A22A23:A40U41_CC B 22 ? C 41 ? B 23 ? C 40 ? 
1 B A   22 1_555 C A 10 1_555 B A   23 1_555 C C 8  1_555 -0.123 -2.908 3.112 0.735   -8.455 -67.609 2.886  -0.085 2.776 7.568  
0.657   -68.077 19 BB_A23A24:C38A40_CC B 23 ? C 40 ? B 24 ? C 38 ? 
1 B A   23 1_555 C C 8  1_555 B C   24 1_555 A G 6  1_555 1.810  0.183  3.212 -2.230  3.972  110.983 0.065  -1.124 3.191 2.410  
1.352   111.045 20 BB_A24C25:G6C38_AC  B 24 ? C 38 ? B 25 ? A 6  ? 
1 B C   24 1_555 A G 6  1_555 B A   25 1_555 C G 6  1_555 0.237  -2.186 3.591 4.875   6.013  45.695  -3.321 0.138  3.301 7.677  
-6.225  46.312  21 BB_C25A26:G36G6_CA  B 25 ? A 6  ? B 26 ? C 36 ? 
1 B A   25 1_555 C G 6  1_555 B C   26 1_555 C G 5  1_555 1.322  -0.503 2.914 -3.292  2.806  31.344  -1.370 -2.951 2.711 5.163  
6.058   31.634  22 BB_A26C27:G35G36_CC B 26 ? C 36 ? B 27 ? C 35 ? 
1 B C   26 1_555 C G 5  1_555 B A   27 1_555 C U 4  1_555 -0.039 -1.378 3.164 -0.454  8.244  32.208  -3.676 -0.001 2.737 14.564 
0.801   33.222  23 BB_C27A28:U34G35_CC B 27 ? C 35 ? B 28 ? C 34 ? 
1 B A   27 1_555 C U 4  1_555 B C   28 1_555 C G 3  1_555 0.575  -1.000 3.307 2.577   1.960  34.581  -1.978 -0.566 3.280 3.289  
-4.323  34.727  24 BB_A28C29:G33U34_CC B 28 ? C 34 ? B 29 ? C 33 ? 
1 B C   28 1_555 C G 3  1_555 B G   29 1_555 C C 2  1_555 0.318  -1.788 3.297 0.325   9.158  33.802  -4.270 -0.483 2.737 15.403 
-0.546  34.987  25 BB_C29G30:C32G33_CC B 29 ? C 33 ? B 30 ? C 32 ? 
1 B G   29 1_555 C C 2  1_555 B A   30 1_555 C U 1  1_555 0.866  -1.744 2.983 4.993   4.291  33.976  -3.527 -0.764 2.843 7.259  
-8.446  34.590  26 BB_G30A31:U31C32_CC B 30 ? C 32 ? B 31 ? C 31 ? 
# 
loop_
_pdbx_entity_nonpoly.entity_id 
_pdbx_entity_nonpoly.name 
_pdbx_entity_nonpoly.comp_id 
4 'SULFATE ION'           SO4 
5 'COBALT HEXAMMINE(III)' NCO 
6 water                   HOH 
# 
_pdbx_initial_refinement_model.id               1 
_pdbx_initial_refinement_model.entity_id_list   ? 
_pdbx_initial_refinement_model.type             'experimental model' 
_pdbx_initial_refinement_model.source_name      PDB 
_pdbx_initial_refinement_model.accession_code   2OUE 
_pdbx_initial_refinement_model.details          ? 
# 
